data_2VQB
#
_entry.id   2VQB
#
_cell.length_a   218.665
_cell.length_b   218.665
_cell.length_c   130.676
_cell.angle_alpha   90.00
_cell.angle_beta   90.00
_cell.angle_gamma   120.00
#
_symmetry.space_group_name_H-M   'P 61'
#
loop_
_entity.id
_entity.type
_entity.pdbx_description
1 polymer 'FLAVIN-CONTAINING MONOOXYGENASE'
2 non-polymer 'FLAVIN-ADENINE DINUCLEOTIDE'
3 non-polymer 'NADP NICOTINAMIDE-ADENINE-DINUCLEOTIDE PHOSPHATE'
4 non-polymer 'CHLORIDE ION'
5 non-polymer '4-(2-HYDROXYETHYL)-1-PIPERAZINE ETHANESULFONIC ACID'
6 non-polymer 'OXYGEN MOLECULE'
#
_entity_poly.entity_id   1
_entity_poly.type   'polypeptide(L)'
_entity_poly.pdbx_seq_one_letter_code
;GAMGSMATRIAILGAGPSGMAQLRAFQSAQEKGAEIPELVCFEKQADWGGQWNYTWRTGLDENGEPVHSSMYRYLWSNGP
KECLEFADYTFDEHFGKPIASYPPREVLWDYIKGRVEKAGVRKYIRFNTAVRHVEFNEDSQTFTVTVQDHTTDTIYSAAF
DYVVCCTGHFSTPYVPEFEGFEKFGGRILHAHDFRDALEFKDKTVLLVGSSYSAEDIGSQCYKYGAKKLISCYRTAPMGY
KWPENWDERPNLVRVDTENAYFADGSSEKVDAIILCTGYIHHFPFLNDDLRLVTNNRLWPLNLYKGVVWEDNPKFFYIGM
QDQWYSFNMFDAQAWYARDVIMGRLPLPSKEEMKADSMAWREKELTLVTAEEMYTYQGDYIQNLIDMTDYPSFDIPATNK
TFLEWKHHKKENIMTFRDHSYRSLMTGTMAPKHHTPWIDALDDSLEAYLSDKSEIPVAKEA
;
_entity_poly.pdbx_strand_id   A,B,C,D
#
# COMPACT_ATOMS: atom_id res chain seq x y z
N THR A 8 25.29 8.20 6.02
CA THR A 8 25.44 8.52 4.54
C THR A 8 24.37 7.89 3.64
N ARG A 9 23.69 8.73 2.86
CA ARG A 9 22.34 8.45 2.34
C ARG A 9 22.15 8.70 0.83
N ILE A 10 21.44 7.78 0.15
CA ILE A 10 21.28 7.81 -1.32
C ILE A 10 19.81 7.89 -1.75
N ALA A 11 19.50 8.81 -2.67
CA ALA A 11 18.16 8.86 -3.26
C ALA A 11 18.16 8.25 -4.65
N ILE A 12 17.20 7.38 -4.89
CA ILE A 12 17.06 6.72 -6.17
C ILE A 12 15.71 7.11 -6.70
N LEU A 13 15.71 7.80 -7.84
CA LEU A 13 14.48 8.30 -8.41
C LEU A 13 13.94 7.33 -9.46
N GLY A 14 12.86 6.63 -9.13
CA GLY A 14 12.23 5.65 -10.03
C GLY A 14 12.47 4.20 -9.65
N ALA A 15 11.43 3.37 -9.77
CA ALA A 15 11.53 1.93 -9.53
C ALA A 15 11.21 1.10 -10.78
N GLY A 16 11.69 1.58 -11.92
CA GLY A 16 11.68 0.80 -13.15
C GLY A 16 12.81 -0.20 -13.12
N PRO A 17 13.09 -0.83 -14.26
CA PRO A 17 14.29 -1.67 -14.36
C PRO A 17 15.56 -1.03 -13.82
N SER A 18 15.79 0.26 -14.09
CA SER A 18 17.01 0.93 -13.62
C SER A 18 17.01 1.20 -12.12
N GLY A 19 15.89 1.69 -11.60
CA GLY A 19 15.72 1.77 -10.17
C GLY A 19 15.96 0.43 -9.49
N MET A 20 15.23 -0.58 -9.95
CA MET A 20 15.43 -1.94 -9.48
C MET A 20 16.90 -2.34 -9.53
N ALA A 21 17.54 -2.13 -10.68
CA ALA A 21 18.95 -2.45 -10.85
C ALA A 21 19.82 -1.77 -9.80
N GLN A 22 19.56 -0.51 -9.53
CA GLN A 22 20.40 0.24 -8.60
C GLN A 22 20.30 -0.29 -7.18
N LEU A 23 19.08 -0.60 -6.75
CA LEU A 23 18.84 -1.26 -5.46
C LEU A 23 19.58 -2.60 -5.44
N ARG A 24 19.33 -3.39 -6.48
CA ARG A 24 19.99 -4.67 -6.59
C ARG A 24 21.51 -4.53 -6.46
N ALA A 25 22.12 -3.58 -7.17
CA ALA A 25 23.56 -3.43 -7.09
C ALA A 25 24.01 -3.28 -5.62
N PHE A 26 23.42 -2.33 -4.90
CA PHE A 26 23.76 -2.12 -3.48
C PHE A 26 23.51 -3.36 -2.65
N GLN A 27 22.38 -4.00 -2.89
CA GLN A 27 22.03 -5.17 -2.13
C GLN A 27 23.05 -6.31 -2.35
N SER A 28 23.57 -6.43 -3.58
CA SER A 28 24.56 -7.43 -3.89
C SER A 28 25.88 -7.16 -3.21
N ALA A 29 26.22 -5.89 -3.01
CA ALA A 29 27.48 -5.54 -2.40
C ALA A 29 27.37 -5.84 -0.92
N GLN A 30 26.18 -5.63 -0.36
CA GLN A 30 25.90 -5.92 1.04
C GLN A 30 25.86 -7.43 1.28
N GLU A 31 25.31 -8.18 0.33
CA GLU A 31 25.29 -9.62 0.43
C GLU A 31 26.70 -10.17 0.48
N LYS A 32 27.65 -9.55 -0.23
CA LYS A 32 29.04 -9.99 -0.21
C LYS A 32 29.78 -9.42 0.98
N GLY A 33 29.08 -8.62 1.78
CA GLY A 33 29.55 -8.26 3.12
C GLY A 33 30.13 -6.88 3.25
N ALA A 34 29.90 -6.04 2.25
CA ALA A 34 30.29 -4.64 2.36
C ALA A 34 29.25 -3.87 3.19
N GLU A 35 29.69 -2.74 3.75
CA GLU A 35 28.78 -1.82 4.40
C GLU A 35 28.27 -0.84 3.35
N ILE A 36 26.95 -0.81 3.17
CA ILE A 36 26.37 0.06 2.15
C ILE A 36 25.76 1.29 2.76
N PRO A 37 25.53 2.35 1.95
CA PRO A 37 24.86 3.53 2.42
C PRO A 37 23.38 3.25 2.69
N GLU A 38 22.67 4.23 3.21
CA GLU A 38 21.23 4.05 3.40
C GLU A 38 20.60 4.40 2.07
N LEU A 39 19.46 3.79 1.80
CA LEU A 39 18.80 3.95 0.51
C LEU A 39 17.34 4.35 0.67
N VAL A 40 16.93 5.29 -0.17
CA VAL A 40 15.52 5.60 -0.34
C VAL A 40 15.27 5.77 -1.85
N CYS A 41 14.29 5.00 -2.34
CA CYS A 41 13.87 5.04 -3.71
C CYS A 41 12.43 5.55 -3.75
N PHE A 42 12.19 6.58 -4.56
CA PHE A 42 10.87 7.16 -4.73
C PHE A 42 10.24 6.71 -6.04
N GLU A 43 8.97 6.31 -6.00
CA GLU A 43 8.28 5.86 -7.19
C GLU A 43 6.86 6.42 -7.23
N LYS A 44 6.46 6.98 -8.36
CA LYS A 44 5.15 7.61 -8.45
C LYS A 44 4.02 6.63 -8.67
N GLN A 45 4.34 5.42 -9.14
CA GLN A 45 3.34 4.39 -9.34
C GLN A 45 3.09 3.60 -8.05
N ALA A 46 2.05 2.77 -8.06
CA ALA A 46 1.70 1.98 -6.89
C ALA A 46 2.53 0.70 -6.79
N ASP A 47 3.38 0.43 -7.79
CA ASP A 47 4.11 -0.85 -7.89
C ASP A 47 5.29 -0.71 -8.86
N TRP A 48 6.28 -1.59 -8.76
CA TRP A 48 7.51 -1.43 -9.52
C TRP A 48 7.48 -2.06 -10.92
N GLY A 49 8.47 -1.71 -11.74
CA GLY A 49 8.53 -2.27 -13.09
C GLY A 49 8.55 -1.24 -14.22
N GLY A 50 8.35 0.03 -13.89
CA GLY A 50 8.49 1.11 -14.85
C GLY A 50 7.54 0.94 -15.99
N GLN A 51 8.08 0.97 -17.22
CA GLN A 51 7.31 0.73 -18.45
C GLN A 51 6.51 -0.56 -18.37
N TRP A 52 7.12 -1.59 -17.78
CA TRP A 52 6.57 -2.93 -17.77
C TRP A 52 5.35 -3.11 -16.86
N ASN A 53 5.00 -2.08 -16.10
CA ASN A 53 3.83 -2.17 -15.28
C ASN A 53 2.67 -1.60 -16.08
N TYR A 54 1.81 -2.46 -16.59
CA TYR A 54 0.76 -2.02 -17.48
C TYR A 54 -0.29 -1.21 -16.75
N THR A 55 -0.82 -0.20 -17.43
CA THR A 55 -1.99 0.50 -16.94
C THR A 55 -2.97 0.85 -18.06
N TRP A 56 -4.25 0.82 -17.73
CA TRP A 56 -5.26 1.19 -18.71
C TRP A 56 -5.32 2.68 -18.80
N ARG A 57 -4.73 3.36 -17.82
CA ARG A 57 -4.77 4.83 -17.74
C ARG A 57 -3.96 5.54 -18.84
N THR A 58 -4.32 6.79 -19.05
CA THR A 58 -3.94 7.53 -20.23
C THR A 58 -3.79 9.01 -19.87
N GLY A 59 -2.73 9.65 -20.37
CA GLY A 59 -2.50 11.06 -20.07
C GLY A 59 -2.06 11.31 -18.64
N LEU A 60 -3.03 11.52 -17.76
CA LEU A 60 -2.77 11.79 -16.34
C LEU A 60 -3.36 10.70 -15.45
N ASP A 61 -2.60 10.28 -14.42
CA ASP A 61 -3.01 9.15 -13.55
C ASP A 61 -3.94 9.59 -12.43
N GLU A 62 -4.31 8.67 -11.54
CA GLU A 62 -5.28 8.96 -10.50
C GLU A 62 -4.90 10.08 -9.53
N ASN A 63 -3.63 10.43 -9.48
CA ASN A 63 -3.15 11.52 -8.62
C ASN A 63 -2.87 12.77 -9.41
N GLY A 64 -2.90 12.65 -10.73
CA GLY A 64 -2.70 13.77 -11.62
C GLY A 64 -1.29 13.87 -12.13
N GLU A 65 -0.47 12.85 -11.88
CA GLU A 65 0.86 12.83 -12.45
C GLU A 65 0.77 12.33 -13.88
N PRO A 66 1.66 12.82 -14.76
CA PRO A 66 1.72 12.20 -16.08
C PRO A 66 1.73 10.67 -15.98
N VAL A 67 1.00 9.99 -16.87
CA VAL A 67 1.00 8.53 -16.88
C VAL A 67 2.33 8.08 -17.45
N HIS A 68 2.99 7.19 -16.77
CA HIS A 68 4.36 6.87 -17.15
C HIS A 68 4.50 5.81 -18.23
N SER A 69 3.78 4.70 -18.09
CA SER A 69 3.94 3.56 -18.99
C SER A 69 3.43 3.85 -20.37
N SER A 70 4.24 3.48 -21.36
CA SER A 70 3.84 3.60 -22.77
C SER A 70 3.38 2.25 -23.32
N MET A 71 3.32 1.23 -22.47
CA MET A 71 3.03 -0.11 -22.92
C MET A 71 1.54 -0.37 -23.08
N TYR A 72 1.24 -1.26 -24.02
CA TYR A 72 -0.14 -1.54 -24.45
C TYR A 72 -0.46 -3.03 -24.36
N ARG A 73 -1.75 -3.36 -24.44
CA ARG A 73 -2.16 -4.76 -24.47
C ARG A 73 -1.40 -5.46 -25.58
N TYR A 74 -1.05 -6.73 -25.35
CA TYR A 74 -0.49 -7.60 -26.39
C TYR A 74 0.97 -7.32 -26.69
N LEU A 75 1.58 -6.40 -25.95
CA LEU A 75 3.00 -6.11 -26.17
C LEU A 75 3.82 -7.33 -25.78
N TRP A 76 4.81 -7.61 -26.61
CA TRP A 76 5.76 -8.69 -26.41
C TRP A 76 7.16 -8.10 -26.58
N SER A 77 8.12 -8.69 -25.90
CA SER A 77 9.51 -8.30 -26.05
C SER A 77 9.77 -8.11 -27.50
N ASN A 78 10.50 -7.07 -27.87
CA ASN A 78 10.71 -6.85 -29.29
C ASN A 78 12.13 -7.15 -29.73
N GLY A 79 12.91 -7.71 -28.81
CA GLY A 79 14.21 -8.27 -29.14
C GLY A 79 14.42 -9.60 -28.41
N PRO A 80 15.50 -10.28 -28.72
CA PRO A 80 15.77 -11.52 -28.04
C PRO A 80 15.92 -11.38 -26.51
N LYS A 81 14.96 -11.96 -25.79
CA LYS A 81 15.08 -12.25 -24.37
C LYS A 81 16.52 -12.39 -23.94
N GLU A 82 17.31 -13.14 -24.70
CA GLU A 82 18.65 -13.48 -24.22
C GLU A 82 19.62 -12.29 -24.32
N CYS A 83 19.22 -11.26 -25.07
CA CYS A 83 19.99 -10.03 -25.13
C CYS A 83 19.72 -9.14 -23.93
N LEU A 84 18.65 -9.44 -23.16
CA LEU A 84 18.37 -8.66 -21.97
C LEU A 84 18.40 -9.44 -20.68
N GLU A 85 19.05 -10.59 -20.68
CA GLU A 85 19.06 -11.45 -19.50
C GLU A 85 19.99 -10.84 -18.47
N PHE A 86 19.60 -10.88 -17.19
CA PHE A 86 20.51 -10.52 -16.09
C PHE A 86 21.65 -11.54 -15.96
N ALA A 87 22.87 -11.06 -15.89
CA ALA A 87 23.99 -11.94 -15.60
C ALA A 87 23.97 -12.55 -14.19
N ASP A 88 23.16 -12.02 -13.28
CA ASP A 88 23.17 -12.50 -11.89
C ASP A 88 21.87 -13.17 -11.49
N TYR A 89 20.97 -13.36 -12.46
CA TYR A 89 19.66 -13.92 -12.18
C TYR A 89 19.07 -14.36 -13.52
N THR A 90 19.33 -15.63 -13.87
CA THR A 90 19.05 -16.18 -15.19
C THR A 90 17.56 -16.45 -15.43
N PHE A 91 17.19 -16.67 -16.68
CA PHE A 91 15.81 -17.04 -16.98
C PHE A 91 15.45 -18.38 -16.39
N ASP A 92 16.44 -19.27 -16.36
CA ASP A 92 16.30 -20.61 -15.78
C ASP A 92 16.00 -20.52 -14.28
N GLU A 93 16.77 -19.70 -13.56
CA GLU A 93 16.56 -19.53 -12.13
C GLU A 93 15.14 -19.07 -11.85
N HIS A 94 14.62 -18.17 -12.67
CA HIS A 94 13.36 -17.56 -12.32
C HIS A 94 12.20 -18.43 -12.70
N PHE A 95 12.26 -18.99 -13.90
CA PHE A 95 11.10 -19.71 -14.46
C PHE A 95 11.09 -21.21 -14.22
N GLY A 96 12.23 -21.75 -13.81
CA GLY A 96 12.40 -23.19 -13.59
C GLY A 96 12.57 -24.03 -14.86
N LYS A 97 12.07 -23.52 -15.99
CA LYS A 97 12.08 -24.24 -17.26
C LYS A 97 12.61 -23.34 -18.39
N PRO A 98 12.97 -23.92 -19.54
CA PRO A 98 13.16 -23.04 -20.70
C PRO A 98 11.83 -22.45 -21.19
N ILE A 99 11.89 -21.27 -21.81
CA ILE A 99 10.74 -20.66 -22.48
C ILE A 99 11.22 -19.99 -23.75
N ALA A 100 10.28 -19.62 -24.63
CA ALA A 100 10.62 -18.99 -25.89
C ALA A 100 11.35 -17.64 -25.73
N SER A 101 11.66 -17.00 -26.87
CA SER A 101 12.63 -15.87 -26.89
C SER A 101 12.04 -14.46 -26.88
N TYR A 102 10.71 -14.35 -26.94
CA TYR A 102 10.06 -13.05 -27.06
C TYR A 102 8.87 -13.06 -26.16
N PRO A 103 9.10 -13.16 -24.83
CA PRO A 103 8.01 -13.23 -23.87
C PRO A 103 7.13 -12.00 -23.94
N PRO A 104 5.84 -12.15 -23.66
CA PRO A 104 4.97 -10.98 -23.55
C PRO A 104 5.28 -10.11 -22.31
N ARG A 105 4.73 -8.90 -22.31
CA ARG A 105 4.92 -7.94 -21.23
C ARG A 105 4.86 -8.57 -19.85
N GLU A 106 3.71 -9.15 -19.53
CA GLU A 106 3.49 -9.74 -18.19
C GLU A 106 4.59 -10.72 -17.79
N VAL A 107 5.14 -11.43 -18.76
CA VAL A 107 6.15 -12.41 -18.47
C VAL A 107 7.47 -11.75 -18.07
N LEU A 108 7.95 -10.79 -18.85
CA LEU A 108 9.19 -10.08 -18.48
C LEU A 108 9.01 -9.21 -17.24
N TRP A 109 7.81 -8.65 -17.06
CA TRP A 109 7.47 -7.99 -15.82
C TRP A 109 7.73 -8.94 -14.65
N ASP A 110 7.19 -10.16 -14.73
CA ASP A 110 7.31 -11.10 -13.62
C ASP A 110 8.78 -11.38 -13.37
N TYR A 111 9.53 -11.49 -14.45
CA TYR A 111 10.94 -11.75 -14.42
C TYR A 111 11.69 -10.68 -13.65
N ILE A 112 11.58 -9.43 -14.06
CA ILE A 112 12.35 -8.38 -13.40
C ILE A 112 11.92 -8.16 -11.94
N LYS A 113 10.63 -8.30 -11.65
CA LYS A 113 10.17 -8.28 -10.28
C LYS A 113 10.82 -9.40 -9.48
N GLY A 114 10.90 -10.58 -10.09
CA GLY A 114 11.50 -11.76 -9.44
C GLY A 114 12.84 -11.46 -8.81
N ARG A 115 13.76 -10.84 -9.57
CA ARG A 115 15.11 -10.59 -9.04
C ARG A 115 15.07 -9.71 -7.80
N VAL A 116 14.23 -8.68 -7.82
CA VAL A 116 14.19 -7.75 -6.71
C VAL A 116 13.34 -8.26 -5.56
N GLU A 117 12.45 -9.22 -5.83
CA GLU A 117 11.74 -9.93 -4.79
C GLU A 117 12.72 -10.80 -4.02
N LYS A 118 13.44 -11.66 -4.73
CA LYS A 118 14.49 -12.43 -4.13
C LYS A 118 15.43 -11.53 -3.32
N ALA A 119 15.80 -10.37 -3.84
CA ALA A 119 16.79 -9.52 -3.16
C ALA A 119 16.24 -8.78 -1.92
N GLY A 120 14.91 -8.79 -1.80
CA GLY A 120 14.18 -8.12 -0.71
C GLY A 120 14.43 -6.63 -0.61
N VAL A 121 14.55 -5.95 -1.75
CA VAL A 121 14.83 -4.53 -1.73
C VAL A 121 13.58 -3.67 -1.75
N ARG A 122 12.41 -4.30 -1.87
CA ARG A 122 11.17 -3.53 -1.92
C ARG A 122 11.12 -2.55 -0.75
N LYS A 123 11.65 -2.96 0.41
CA LYS A 123 11.55 -2.19 1.64
C LYS A 123 12.19 -0.81 1.54
N TYR A 124 13.02 -0.59 0.52
CA TYR A 124 13.64 0.72 0.37
C TYR A 124 12.77 1.70 -0.41
N ILE A 125 11.65 1.22 -0.94
CA ILE A 125 10.87 2.03 -1.88
C ILE A 125 9.67 2.67 -1.23
N ARG A 126 9.49 3.95 -1.51
CA ARG A 126 8.31 4.66 -1.09
C ARG A 126 7.50 4.83 -2.34
N PHE A 127 6.46 4.00 -2.49
CA PHE A 127 5.59 4.04 -3.65
C PHE A 127 4.62 5.19 -3.62
N ASN A 128 3.84 5.34 -4.68
CA ASN A 128 2.86 6.41 -4.80
C ASN A 128 3.37 7.77 -4.35
N THR A 129 4.64 8.04 -4.66
CA THR A 129 5.33 9.25 -4.25
C THR A 129 6.01 9.90 -5.46
N ALA A 130 5.61 11.11 -5.82
CA ALA A 130 6.21 11.77 -6.98
C ALA A 130 7.32 12.71 -6.58
N VAL A 131 8.46 12.62 -7.26
CA VAL A 131 9.55 13.55 -7.06
C VAL A 131 9.17 14.90 -7.68
N ARG A 132 9.30 15.97 -6.89
CA ARG A 132 8.95 17.32 -7.35
C ARG A 132 10.16 18.13 -7.70
N HIS A 133 11.19 18.03 -6.86
CA HIS A 133 12.34 18.89 -6.99
C HIS A 133 13.55 18.23 -6.36
N VAL A 134 14.70 18.46 -6.97
CA VAL A 134 15.98 18.08 -6.41
C VAL A 134 16.85 19.32 -6.46
N GLU A 135 17.33 19.75 -5.30
CA GLU A 135 18.23 20.89 -5.27
C GLU A 135 19.52 20.52 -4.60
N PHE A 136 20.61 21.08 -5.11
CA PHE A 136 21.89 20.85 -4.49
C PHE A 136 22.29 22.06 -3.65
N ASN A 137 22.61 21.81 -2.39
CA ASN A 137 23.06 22.85 -1.47
C ASN A 137 24.57 22.89 -1.42
N GLU A 138 25.14 23.92 -2.04
CA GLU A 138 26.59 24.15 -2.07
C GLU A 138 27.24 24.13 -0.69
N ASP A 139 26.63 24.86 0.24
CA ASP A 139 27.11 25.00 1.61
C ASP A 139 27.26 23.66 2.37
N SER A 140 26.27 22.79 2.31
CA SER A 140 26.33 21.51 3.05
C SER A 140 26.78 20.35 2.17
N GLN A 141 26.85 20.60 0.86
CA GLN A 141 27.32 19.61 -0.11
C GLN A 141 26.34 18.41 -0.14
N THR A 142 25.04 18.71 -0.02
CA THR A 142 23.98 17.69 -0.02
C THR A 142 22.80 18.07 -0.96
N PHE A 143 21.89 17.12 -1.20
CA PHE A 143 20.73 17.34 -2.06
C PHE A 143 19.48 17.36 -1.22
N THR A 144 18.58 18.30 -1.49
CA THR A 144 17.27 18.28 -0.86
C THR A 144 16.34 17.74 -1.91
N VAL A 145 15.68 16.63 -1.59
CA VAL A 145 14.72 16.03 -2.50
C VAL A 145 13.35 16.26 -1.95
N THR A 146 12.52 16.95 -2.72
CA THR A 146 11.14 17.27 -2.35
C THR A 146 10.18 16.34 -3.12
N VAL A 147 9.29 15.69 -2.39
CA VAL A 147 8.42 14.72 -3.00
C VAL A 147 7.00 14.94 -2.54
N GLN A 148 6.04 14.38 -3.26
CA GLN A 148 4.65 14.48 -2.87
C GLN A 148 4.14 13.10 -2.68
N ASP A 149 3.77 12.78 -1.45
CA ASP A 149 3.22 11.48 -1.10
C ASP A 149 1.72 11.51 -1.35
N HIS A 150 1.27 10.76 -2.35
CA HIS A 150 -0.15 10.79 -2.72
C HIS A 150 -1.02 9.89 -1.88
N THR A 151 -0.41 9.10 -1.02
CA THR A 151 -1.18 8.31 -0.09
C THR A 151 -1.62 9.18 1.10
N THR A 152 -0.73 10.03 1.61
CA THR A 152 -1.06 10.91 2.71
C THR A 152 -1.40 12.31 2.20
N ASP A 153 -1.28 12.51 0.89
CA ASP A 153 -1.42 13.83 0.29
C ASP A 153 -0.54 14.88 0.95
N THR A 154 0.73 14.55 1.16
CA THR A 154 1.65 15.43 1.86
C THR A 154 2.87 15.71 1.00
N ILE A 155 3.44 16.91 1.12
CA ILE A 155 4.68 17.24 0.43
C ILE A 155 5.77 17.48 1.45
N TYR A 156 6.81 16.67 1.38
CA TYR A 156 7.92 16.79 2.30
C TYR A 156 9.23 16.69 1.56
N SER A 157 10.32 16.99 2.27
CA SER A 157 11.61 16.88 1.64
C SER A 157 12.63 16.20 2.55
N ALA A 158 13.60 15.52 1.94
CA ALA A 158 14.69 14.90 2.70
C ALA A 158 16.05 15.25 2.15
N ALA A 159 17.07 15.11 2.97
CA ALA A 159 18.44 15.39 2.57
C ALA A 159 19.15 14.12 2.13
N PHE A 160 19.94 14.23 1.07
CA PHE A 160 20.70 13.10 0.55
C PHE A 160 22.08 13.52 0.13
N ASP A 161 23.03 12.59 0.22
CA ASP A 161 24.42 12.81 -0.17
C ASP A 161 24.66 12.55 -1.66
N TYR A 162 23.96 11.56 -2.22
CA TYR A 162 24.04 11.29 -3.65
C TYR A 162 22.64 11.05 -4.18
N VAL A 163 22.45 11.30 -5.47
CA VAL A 163 21.17 11.01 -6.11
C VAL A 163 21.41 10.28 -7.42
N VAL A 164 20.66 9.20 -7.63
CA VAL A 164 20.68 8.48 -8.89
C VAL A 164 19.30 8.62 -9.54
N CYS A 165 19.27 9.22 -10.73
CA CYS A 165 18.02 9.42 -11.47
C CYS A 165 17.75 8.29 -12.45
N CYS A 166 16.62 7.60 -12.27
CA CYS A 166 16.24 6.46 -13.10
C CYS A 166 14.82 6.62 -13.59
N THR A 167 14.48 7.81 -14.08
CA THR A 167 13.09 8.11 -14.37
C THR A 167 12.74 7.90 -15.83
N GLY A 168 13.72 7.44 -16.60
CA GLY A 168 13.48 7.03 -17.99
C GLY A 168 13.37 8.18 -18.97
N HIS A 169 13.29 7.84 -20.25
CA HIS A 169 13.15 8.82 -21.29
C HIS A 169 12.28 8.35 -22.44
N PHE A 170 11.33 7.46 -22.17
CA PHE A 170 10.34 7.04 -23.16
C PHE A 170 8.94 7.20 -22.60
N SER A 171 8.68 8.32 -21.94
CA SER A 171 7.36 8.56 -21.33
C SER A 171 6.76 9.88 -21.69
N THR A 172 7.60 10.89 -21.87
CA THR A 172 7.11 12.18 -22.28
C THR A 172 7.15 12.24 -23.79
N PRO A 173 5.99 12.17 -24.44
CA PRO A 173 5.91 12.05 -25.88
C PRO A 173 6.43 13.28 -26.60
N TYR A 174 7.14 13.06 -27.71
CA TYR A 174 7.36 14.11 -28.69
C TYR A 174 6.21 14.03 -29.67
N VAL A 175 5.43 15.09 -29.75
CA VAL A 175 4.20 15.06 -30.51
C VAL A 175 4.17 16.25 -31.47
N PRO A 176 4.71 16.08 -32.70
CA PRO A 176 4.73 17.22 -33.62
C PRO A 176 3.36 17.52 -34.12
N GLU A 177 3.13 18.77 -34.54
CA GLU A 177 1.82 19.16 -35.06
C GLU A 177 1.81 19.07 -36.58
N PHE A 178 0.66 18.69 -37.13
CA PHE A 178 0.47 18.68 -38.57
C PHE A 178 -0.74 19.50 -38.93
N GLU A 179 -0.60 20.33 -39.96
CA GLU A 179 -1.67 21.21 -40.41
C GLU A 179 -3.02 20.46 -40.55
N GLY A 180 -4.04 20.96 -39.87
CA GLY A 180 -5.38 20.40 -40.00
C GLY A 180 -5.87 19.53 -38.86
N PHE A 181 -4.96 19.19 -37.94
CA PHE A 181 -5.30 18.37 -36.77
C PHE A 181 -6.50 18.94 -35.98
N GLU A 182 -6.66 20.25 -36.03
CA GLU A 182 -7.73 20.95 -35.33
C GLU A 182 -9.09 20.73 -36.02
N LYS A 183 -9.06 20.18 -37.24
CA LYS A 183 -10.26 19.98 -38.10
C LYS A 183 -10.64 18.51 -38.23
N PHE A 184 -9.64 17.64 -38.15
CA PHE A 184 -9.86 16.19 -38.24
C PHE A 184 -10.92 15.68 -37.27
N GLY A 185 -11.65 14.64 -37.67
CA GLY A 185 -12.81 14.19 -36.90
C GLY A 185 -12.64 12.86 -36.19
N GLY A 186 -11.54 12.19 -36.46
CA GLY A 186 -11.21 10.95 -35.77
C GLY A 186 -10.23 11.18 -34.63
N ARG A 187 -9.94 10.13 -33.87
CA ARG A 187 -8.99 10.25 -32.74
C ARG A 187 -7.58 10.53 -33.20
N ILE A 188 -6.92 11.45 -32.51
CA ILE A 188 -5.49 11.64 -32.68
C ILE A 188 -4.83 11.31 -31.35
N LEU A 189 -3.75 10.53 -31.41
CA LEU A 189 -3.06 10.12 -30.21
C LEU A 189 -1.60 9.89 -30.50
N HIS A 190 -0.81 9.88 -29.43
CA HIS A 190 0.57 9.49 -29.54
C HIS A 190 0.68 8.01 -29.19
N ALA A 191 1.72 7.36 -29.71
CA ALA A 191 2.01 5.96 -29.42
C ALA A 191 1.88 5.67 -27.94
N HIS A 192 2.24 6.67 -27.13
CA HIS A 192 2.25 6.59 -25.68
C HIS A 192 0.87 6.29 -25.13
N ASP A 193 -0.16 6.79 -25.80
CA ASP A 193 -1.53 6.61 -25.33
C ASP A 193 -2.23 5.40 -25.94
N PHE A 194 -1.50 4.63 -26.75
CA PHE A 194 -2.05 3.44 -27.39
C PHE A 194 -2.26 2.31 -26.38
N ARG A 195 -3.48 1.79 -26.28
CA ARG A 195 -3.77 0.74 -25.30
C ARG A 195 -4.28 -0.63 -25.83
N ASP A 196 -5.56 -0.72 -26.19
CA ASP A 196 -6.09 -1.99 -26.72
C ASP A 196 -6.27 -1.92 -28.25
N ALA A 197 -5.53 -2.75 -28.99
CA ALA A 197 -5.58 -2.70 -30.45
C ALA A 197 -7.00 -2.90 -31.02
N LEU A 198 -7.85 -3.62 -30.29
CA LEU A 198 -9.25 -3.82 -30.68
C LEU A 198 -10.05 -2.55 -30.97
N GLU A 199 -9.73 -1.41 -30.34
CA GLU A 199 -10.48 -0.16 -30.60
C GLU A 199 -10.33 0.28 -32.07
N PHE A 200 -9.32 -0.28 -32.76
CA PHE A 200 -9.11 0.02 -34.17
C PHE A 200 -9.45 -1.14 -35.11
N LYS A 201 -10.26 -2.08 -34.62
CA LYS A 201 -10.73 -3.19 -35.46
C LYS A 201 -11.63 -2.61 -36.54
N ASP A 202 -11.38 -3.03 -37.77
CA ASP A 202 -12.16 -2.62 -38.95
C ASP A 202 -12.01 -1.13 -39.23
N LYS A 203 -10.85 -0.58 -38.91
CA LYS A 203 -10.60 0.84 -39.12
C LYS A 203 -9.34 1.07 -39.90
N THR A 204 -9.25 2.24 -40.52
CA THR A 204 -8.04 2.64 -41.23
C THR A 204 -7.22 3.49 -40.29
N VAL A 205 -5.95 3.12 -40.14
CA VAL A 205 -5.08 3.73 -39.13
C VAL A 205 -3.84 4.30 -39.77
N LEU A 206 -3.70 5.62 -39.66
CA LEU A 206 -2.46 6.29 -40.06
C LEU A 206 -1.47 6.21 -38.90
N LEU A 207 -0.22 5.84 -39.21
CA LEU A 207 0.82 5.78 -38.21
C LEU A 207 1.96 6.66 -38.65
N VAL A 208 2.15 7.80 -37.99
CA VAL A 208 3.27 8.68 -38.33
C VAL A 208 4.60 8.25 -37.68
N GLY A 209 5.64 8.06 -38.48
CA GLY A 209 6.95 7.61 -37.97
C GLY A 209 7.48 6.28 -38.51
N SER A 210 8.78 6.05 -38.32
CA SER A 210 9.43 4.91 -38.96
C SER A 210 10.35 4.09 -38.04
N SER A 211 9.99 3.99 -36.76
CA SER A 211 10.83 3.22 -35.82
C SER A 211 10.03 2.13 -35.10
N TYR A 212 10.56 1.63 -33.97
CA TYR A 212 9.97 0.49 -33.29
C TYR A 212 8.48 0.66 -33.02
N SER A 213 8.07 1.84 -32.56
CA SER A 213 6.67 2.04 -32.22
C SER A 213 5.78 1.89 -33.43
N ALA A 214 6.23 2.46 -34.56
CA ALA A 214 5.52 2.32 -35.85
C ALA A 214 5.36 0.85 -36.23
N GLU A 215 6.50 0.17 -36.40
CA GLU A 215 6.55 -1.27 -36.62
C GLU A 215 5.55 -2.01 -35.76
N ASP A 216 5.68 -1.90 -34.44
CA ASP A 216 4.89 -2.73 -33.56
C ASP A 216 3.43 -2.35 -33.37
N ILE A 217 3.12 -1.06 -33.37
CA ILE A 217 1.71 -0.70 -33.19
C ILE A 217 0.94 -1.05 -34.45
N GLY A 218 1.61 -0.90 -35.59
CA GLY A 218 1.04 -1.34 -36.86
C GLY A 218 0.74 -2.82 -36.75
N SER A 219 1.80 -3.59 -36.53
CA SER A 219 1.68 -5.04 -36.35
C SER A 219 0.53 -5.37 -35.42
N GLN A 220 0.46 -4.69 -34.29
CA GLN A 220 -0.57 -5.04 -33.33
C GLN A 220 -1.99 -4.76 -33.88
N CYS A 221 -2.17 -3.62 -34.52
CA CYS A 221 -3.45 -3.27 -35.13
C CYS A 221 -3.84 -4.30 -36.20
N TYR A 222 -2.86 -4.65 -37.04
CA TYR A 222 -3.03 -5.65 -38.06
C TYR A 222 -3.50 -6.92 -37.38
N LYS A 223 -2.64 -7.48 -36.54
CA LYS A 223 -2.94 -8.70 -35.83
C LYS A 223 -4.36 -8.79 -35.23
N TYR A 224 -4.94 -7.68 -34.77
CA TYR A 224 -6.26 -7.76 -34.11
C TYR A 224 -7.42 -7.23 -34.98
N GLY A 225 -7.17 -7.12 -36.28
CA GLY A 225 -8.24 -6.92 -37.27
C GLY A 225 -8.53 -5.50 -37.73
N ALA A 226 -7.51 -4.70 -38.00
CA ALA A 226 -7.74 -3.38 -38.54
C ALA A 226 -8.02 -3.50 -40.05
N LYS A 227 -8.87 -2.66 -40.59
CA LYS A 227 -9.12 -2.72 -42.05
C LYS A 227 -7.85 -2.41 -42.89
N LYS A 228 -7.10 -1.39 -42.48
CA LYS A 228 -6.00 -0.87 -43.32
C LYS A 228 -5.01 -0.06 -42.50
N LEU A 229 -3.74 -0.09 -42.93
CA LEU A 229 -2.67 0.56 -42.21
C LEU A 229 -1.81 1.36 -43.13
N ILE A 230 -1.52 2.59 -42.72
CA ILE A 230 -0.64 3.45 -43.48
C ILE A 230 0.44 4.02 -42.58
N SER A 231 1.69 3.66 -42.87
CA SER A 231 2.85 4.29 -42.25
C SER A 231 3.31 5.40 -43.17
N CYS A 232 3.86 6.44 -42.58
CA CYS A 232 4.56 7.47 -43.35
C CYS A 232 5.84 7.88 -42.63
N TYR A 233 6.88 8.24 -43.39
CA TYR A 233 8.21 8.39 -42.83
C TYR A 233 8.76 9.77 -43.08
N ARG A 234 9.47 10.32 -42.09
CA ARG A 234 10.14 11.60 -42.23
C ARG A 234 11.31 11.47 -43.24
N THR A 235 12.32 10.66 -42.91
CA THR A 235 13.54 10.60 -43.75
C THR A 235 13.62 9.39 -44.70
N ALA A 236 13.61 8.18 -44.14
CA ALA A 236 13.71 6.97 -44.95
C ALA A 236 12.56 5.99 -44.62
N PRO A 237 12.16 5.12 -45.58
CA PRO A 237 11.07 4.18 -45.29
C PRO A 237 11.57 3.02 -44.44
N MET A 238 10.67 2.46 -43.62
CA MET A 238 11.04 1.37 -42.71
C MET A 238 11.74 0.24 -43.47
N GLY A 239 11.13 -0.20 -44.58
CA GLY A 239 11.80 -1.13 -45.51
C GLY A 239 11.29 -2.56 -45.57
N TYR A 240 10.44 -2.96 -44.63
CA TYR A 240 9.97 -4.35 -44.55
C TYR A 240 8.83 -4.65 -45.54
N LYS A 241 8.58 -5.93 -45.79
CA LYS A 241 7.45 -6.31 -46.62
C LYS A 241 6.19 -6.40 -45.77
N TRP A 242 5.36 -5.37 -45.85
CA TRP A 242 4.14 -5.33 -45.04
C TRP A 242 3.06 -6.16 -45.72
N PRO A 243 2.18 -6.81 -44.94
CA PRO A 243 1.00 -7.48 -45.47
C PRO A 243 0.18 -6.66 -46.48
N GLU A 244 -0.74 -7.37 -47.13
CA GLU A 244 -1.58 -6.83 -48.20
C GLU A 244 -2.26 -5.48 -47.87
N ASN A 245 -2.74 -5.31 -46.64
CA ASN A 245 -3.47 -4.07 -46.27
C ASN A 245 -2.67 -3.02 -45.48
N TRP A 246 -1.43 -2.77 -45.91
CA TRP A 246 -0.54 -1.84 -45.22
C TRP A 246 0.43 -1.23 -46.22
N ASP A 247 0.37 0.10 -46.39
CA ASP A 247 1.32 0.84 -47.27
C ASP A 247 2.32 1.71 -46.52
N GLU A 248 3.51 1.88 -47.09
CA GLU A 248 4.40 2.95 -46.65
C GLU A 248 4.35 4.08 -47.67
N ARG A 249 4.10 5.30 -47.17
CA ARG A 249 4.05 6.52 -47.98
C ARG A 249 5.02 7.54 -47.39
N PRO A 250 5.60 8.43 -48.22
CA PRO A 250 6.42 9.49 -47.57
C PRO A 250 5.57 10.42 -46.70
N ASN A 251 6.23 11.35 -45.99
CA ASN A 251 5.62 12.00 -44.83
C ASN A 251 4.28 12.66 -45.07
N LEU A 252 3.43 12.58 -44.05
CA LEU A 252 2.17 13.33 -43.96
C LEU A 252 2.42 14.84 -44.11
N VAL A 253 1.52 15.56 -44.76
CA VAL A 253 1.72 17.01 -44.91
C VAL A 253 0.54 17.80 -44.39
N ARG A 254 -0.66 17.29 -44.57
CA ARG A 254 -1.78 17.98 -43.97
C ARG A 254 -2.94 17.04 -43.81
N VAL A 255 -4.01 17.55 -43.20
CA VAL A 255 -5.13 16.72 -42.84
C VAL A 255 -6.48 17.45 -42.98
N ASP A 256 -7.50 16.66 -43.21
CA ASP A 256 -8.79 17.12 -43.68
C ASP A 256 -9.78 16.79 -42.58
N THR A 257 -11.06 17.00 -42.85
CA THR A 257 -12.09 16.51 -41.97
C THR A 257 -12.02 14.99 -41.84
N GLU A 258 -11.49 14.31 -42.86
CA GLU A 258 -11.48 12.84 -42.85
C GLU A 258 -10.35 12.21 -43.70
N ASN A 259 -9.50 13.05 -44.28
CA ASN A 259 -8.46 12.53 -45.16
C ASN A 259 -7.07 12.99 -44.79
N ALA A 260 -6.07 12.20 -45.18
CA ALA A 260 -4.66 12.58 -45.03
C ALA A 260 -4.00 12.81 -46.38
N TYR A 261 -3.02 13.72 -46.39
CA TYR A 261 -2.37 14.16 -47.62
C TYR A 261 -0.88 14.09 -47.43
N PHE A 262 -0.19 13.39 -48.35
CA PHE A 262 1.26 13.09 -48.23
C PHE A 262 2.12 13.76 -49.32
N ALA A 263 3.45 13.73 -49.15
CA ALA A 263 4.39 14.36 -50.11
C ALA A 263 4.37 13.62 -51.45
N ASP A 264 3.81 12.41 -51.42
CA ASP A 264 3.33 11.70 -52.60
C ASP A 264 2.58 12.61 -53.54
N GLY A 265 1.63 13.35 -52.97
CA GLY A 265 0.54 13.95 -53.72
C GLY A 265 -0.71 13.10 -53.49
N SER A 266 -0.54 11.93 -52.86
CA SER A 266 -1.65 10.97 -52.63
C SER A 266 -2.63 11.37 -51.51
N SER A 267 -3.67 10.54 -51.36
CA SER A 267 -4.81 10.83 -50.48
C SER A 267 -5.48 9.56 -49.97
N GLU A 268 -5.97 9.60 -48.73
CA GLU A 268 -6.68 8.44 -48.18
C GLU A 268 -7.66 8.89 -47.12
N LYS A 269 -8.80 8.22 -47.05
CA LYS A 269 -9.71 8.36 -45.93
C LYS A 269 -9.06 7.65 -44.75
N VAL A 270 -9.08 8.28 -43.58
CA VAL A 270 -8.40 7.77 -42.37
C VAL A 270 -9.31 7.91 -41.16
N ASP A 271 -9.33 6.88 -40.30
CA ASP A 271 -10.21 6.86 -39.10
C ASP A 271 -9.57 7.40 -37.81
N ALA A 272 -8.24 7.29 -37.75
CA ALA A 272 -7.47 7.56 -36.53
C ALA A 272 -6.00 7.75 -36.88
N ILE A 273 -5.36 8.70 -36.19
CA ILE A 273 -3.93 8.92 -36.43
C ILE A 273 -3.16 8.62 -35.16
N ILE A 274 -2.11 7.82 -35.28
CA ILE A 274 -1.27 7.51 -34.13
C ILE A 274 0.12 8.03 -34.38
N LEU A 275 0.53 8.97 -33.56
CA LEU A 275 1.84 9.57 -33.68
C LEU A 275 2.93 8.70 -33.04
N CYS A 276 3.76 8.10 -33.88
CA CYS A 276 4.83 7.24 -33.37
C CYS A 276 6.17 7.97 -33.52
N THR A 277 6.20 9.18 -32.97
CA THR A 277 7.26 10.14 -33.24
C THR A 277 8.31 10.22 -32.12
N GLY A 278 8.24 9.30 -31.17
CA GLY A 278 9.25 9.21 -30.12
C GLY A 278 8.96 10.04 -28.87
N TYR A 279 10.01 10.23 -28.09
CA TYR A 279 9.91 10.86 -26.79
C TYR A 279 10.98 11.94 -26.55
N ILE A 280 10.76 12.76 -25.53
CA ILE A 280 11.75 13.75 -25.13
C ILE A 280 12.26 13.41 -23.74
N HIS A 281 13.52 13.73 -23.48
CA HIS A 281 14.10 13.63 -22.15
C HIS A 281 13.53 14.77 -21.34
N HIS A 282 12.71 14.46 -20.34
CA HIS A 282 12.02 15.53 -19.63
C HIS A 282 12.16 15.33 -18.14
N PHE A 283 12.81 16.26 -17.47
CA PHE A 283 12.99 16.13 -16.03
C PHE A 283 12.43 17.37 -15.32
N PRO A 284 11.11 17.41 -15.08
CA PRO A 284 10.56 18.64 -14.52
C PRO A 284 10.95 18.88 -13.05
N PHE A 285 11.67 17.95 -12.42
CA PHE A 285 12.03 18.08 -11.02
C PHE A 285 13.47 18.54 -10.86
N LEU A 286 14.12 18.91 -11.95
CA LEU A 286 15.53 19.32 -11.93
C LEU A 286 15.72 20.73 -12.45
N ASN A 287 16.61 21.50 -11.84
CA ASN A 287 17.00 22.80 -12.41
C ASN A 287 18.12 22.64 -13.38
N ASP A 288 18.49 23.69 -14.10
CA ASP A 288 19.53 23.58 -15.14
C ASP A 288 20.91 23.08 -14.68
N ASP A 289 21.22 23.21 -13.39
CA ASP A 289 22.48 22.76 -12.84
C ASP A 289 22.63 21.22 -12.85
N LEU A 290 21.50 20.52 -12.90
CA LEU A 290 21.43 19.06 -12.81
C LEU A 290 20.72 18.38 -14.00
N ARG A 291 19.99 19.18 -14.77
CA ARG A 291 19.11 18.68 -15.81
C ARG A 291 19.80 18.29 -17.11
N LEU A 292 19.73 17.01 -17.44
CA LEU A 292 20.29 16.48 -18.68
C LEU A 292 19.44 16.92 -19.85
N VAL A 293 20.10 17.46 -20.87
CA VAL A 293 19.42 17.91 -22.07
C VAL A 293 20.04 17.21 -23.26
N THR A 294 19.27 16.35 -23.92
CA THR A 294 19.76 15.61 -25.07
C THR A 294 18.62 15.07 -25.93
N ASN A 295 18.92 14.84 -27.20
CA ASN A 295 18.05 14.06 -28.06
C ASN A 295 18.36 12.58 -27.77
N ASN A 296 17.47 11.69 -28.19
CA ASN A 296 17.66 10.26 -28.02
C ASN A 296 18.81 9.67 -28.85
N ARG A 297 19.81 9.12 -28.19
CA ARG A 297 21.01 8.72 -28.88
C ARG A 297 21.88 7.76 -28.05
N LEU A 298 22.85 7.13 -28.71
CA LEU A 298 23.73 6.16 -28.04
C LEU A 298 24.71 6.82 -27.08
N TRP A 299 25.06 8.08 -27.34
CA TRP A 299 25.97 8.76 -26.43
C TRP A 299 25.60 10.21 -26.07
N PRO A 300 24.67 10.40 -25.12
CA PRO A 300 24.43 11.74 -24.63
C PRO A 300 25.67 12.32 -23.98
N LEU A 301 25.82 13.63 -24.10
CA LEU A 301 27.00 14.32 -23.59
C LEU A 301 26.81 14.73 -22.13
N ASN A 302 27.92 14.87 -21.41
CA ASN A 302 27.88 15.26 -19.99
C ASN A 302 27.80 14.15 -18.97
N LEU A 303 27.78 12.92 -19.47
CA LEU A 303 27.75 11.80 -18.58
C LEU A 303 29.09 11.10 -18.69
N TYR A 304 29.87 11.11 -17.61
CA TYR A 304 31.13 10.36 -17.58
C TYR A 304 30.80 8.88 -17.45
N LYS A 305 31.38 8.08 -18.36
CA LYS A 305 31.01 6.67 -18.53
C LYS A 305 29.52 6.53 -18.80
N GLY A 306 28.92 7.61 -19.26
CA GLY A 306 27.51 7.62 -19.60
C GLY A 306 26.60 7.61 -18.38
N VAL A 307 27.13 7.80 -17.17
CA VAL A 307 26.25 7.81 -15.99
C VAL A 307 26.50 8.94 -14.97
N VAL A 308 27.75 9.37 -14.79
CA VAL A 308 28.06 10.41 -13.81
C VAL A 308 27.84 11.80 -14.40
N TRP A 309 27.04 12.64 -13.72
CA TRP A 309 26.76 13.99 -14.20
C TRP A 309 27.99 14.88 -14.07
N GLU A 310 28.55 15.30 -15.20
CA GLU A 310 29.85 15.96 -15.20
C GLU A 310 29.95 17.27 -14.38
N ASP A 311 28.88 18.06 -14.36
CA ASP A 311 28.88 19.33 -13.63
C ASP A 311 28.66 19.16 -12.13
N ASN A 312 28.20 17.98 -11.69
CA ASN A 312 28.00 17.64 -10.28
C ASN A 312 28.04 16.11 -10.07
N PRO A 313 29.25 15.55 -9.95
CA PRO A 313 29.42 14.11 -9.90
C PRO A 313 28.84 13.39 -8.68
N LYS A 314 27.98 14.05 -7.90
CA LYS A 314 27.31 13.30 -6.83
C LYS A 314 25.92 12.91 -7.31
N PHE A 315 25.61 13.31 -8.54
CA PHE A 315 24.34 13.04 -9.21
C PHE A 315 24.61 12.11 -10.40
N PHE A 316 23.77 11.09 -10.55
CA PHE A 316 23.96 10.05 -11.56
C PHE A 316 22.71 9.81 -12.39
N TYR A 317 22.88 9.29 -13.60
CA TYR A 317 21.78 8.98 -14.48
C TYR A 317 21.90 7.56 -14.94
N ILE A 318 20.80 6.79 -14.86
CA ILE A 318 20.82 5.41 -15.35
C ILE A 318 19.86 5.18 -16.54
N GLY A 319 20.36 4.53 -17.59
CA GLY A 319 19.55 4.17 -18.75
C GLY A 319 19.08 5.32 -19.63
N MET A 320 19.86 6.39 -19.68
CA MET A 320 19.43 7.56 -20.42
C MET A 320 19.80 7.49 -21.88
N GLN A 321 20.57 6.47 -22.24
CA GLN A 321 21.00 6.21 -23.62
C GLN A 321 19.85 5.61 -24.41
N ASP A 322 19.91 5.72 -25.74
CA ASP A 322 19.02 4.96 -26.59
C ASP A 322 19.35 3.47 -26.38
N GLN A 323 18.37 2.59 -26.60
CA GLN A 323 18.56 1.19 -26.24
C GLN A 323 18.59 0.13 -27.37
N TRP A 324 19.68 -0.63 -27.42
CA TRP A 324 19.68 -1.92 -28.10
C TRP A 324 19.70 -2.97 -27.00
N TYR A 325 20.80 -3.02 -26.27
CA TYR A 325 20.81 -3.60 -24.94
C TYR A 325 19.86 -2.81 -24.03
N SER A 326 19.44 -3.43 -22.93
CA SER A 326 18.66 -2.73 -21.95
C SER A 326 18.95 -3.16 -20.50
N PHE A 327 18.22 -4.17 -20.00
CA PHE A 327 18.32 -4.56 -18.60
C PHE A 327 19.77 -4.71 -18.17
N ASN A 328 20.43 -5.59 -18.87
CA ASN A 328 21.86 -5.76 -18.97
C ASN A 328 22.74 -4.55 -18.77
N MET A 329 22.39 -3.50 -19.53
CA MET A 329 23.15 -2.27 -19.58
C MET A 329 22.95 -1.50 -18.29
N PHE A 330 21.69 -1.33 -17.92
CA PHE A 330 21.32 -0.67 -16.68
C PHE A 330 22.08 -1.27 -15.51
N ASP A 331 22.22 -2.59 -15.51
CA ASP A 331 23.00 -3.26 -14.48
C ASP A 331 24.44 -2.76 -14.53
N ALA A 332 25.04 -2.81 -15.71
CA ALA A 332 26.44 -2.43 -15.83
C ALA A 332 26.63 -1.00 -15.31
N GLN A 333 25.65 -0.16 -15.62
CA GLN A 333 25.59 1.23 -15.15
C GLN A 333 25.41 1.35 -13.64
N ALA A 334 24.43 0.63 -13.08
CA ALA A 334 24.13 0.70 -11.65
C ALA A 334 25.30 0.18 -10.83
N TRP A 335 25.92 -0.91 -11.29
CA TRP A 335 27.10 -1.41 -10.60
C TRP A 335 28.22 -0.37 -10.63
N TYR A 336 28.36 0.33 -11.75
CA TYR A 336 29.40 1.33 -11.84
C TYR A 336 29.08 2.47 -10.87
N ALA A 337 27.87 3.03 -11.01
CA ALA A 337 27.41 4.10 -10.13
C ALA A 337 27.63 3.73 -8.68
N ARG A 338 27.22 2.53 -8.30
CA ARG A 338 27.35 2.21 -6.89
C ARG A 338 28.82 2.24 -6.48
N ASP A 339 29.69 1.73 -7.36
CA ASP A 339 31.10 1.59 -6.99
C ASP A 339 31.73 2.94 -6.82
N VAL A 340 31.30 3.94 -7.62
CA VAL A 340 31.83 5.30 -7.41
C VAL A 340 31.26 5.93 -6.17
N ILE A 341 29.96 5.73 -5.93
CA ILE A 341 29.33 6.15 -4.66
C ILE A 341 30.03 5.54 -3.46
N MET A 342 30.33 4.24 -3.52
CA MET A 342 31.02 3.56 -2.42
C MET A 342 32.52 3.84 -2.26
N GLY A 343 33.09 4.70 -3.12
CA GLY A 343 34.52 5.01 -3.04
C GLY A 343 35.45 3.96 -3.66
N ARG A 344 34.89 2.96 -4.32
CA ARG A 344 35.69 1.89 -4.94
C ARG A 344 36.34 2.33 -6.25
N LEU A 345 35.74 3.29 -6.93
CA LEU A 345 36.26 3.79 -8.21
C LEU A 345 36.33 5.30 -8.20
N PRO A 346 37.46 5.87 -7.73
CA PRO A 346 37.56 7.34 -7.70
C PRO A 346 37.49 7.95 -9.09
N LEU A 347 36.83 9.09 -9.17
CA LEU A 347 36.65 9.83 -10.41
C LEU A 347 37.92 10.58 -10.78
N PRO A 348 38.20 10.70 -12.08
CA PRO A 348 39.29 11.58 -12.43
C PRO A 348 38.87 13.04 -12.29
N SER A 349 39.75 13.96 -12.64
CA SER A 349 39.44 15.38 -12.62
C SER A 349 38.36 15.67 -13.65
N LYS A 350 37.76 16.86 -13.59
CA LYS A 350 36.72 17.22 -14.52
C LYS A 350 37.18 17.26 -15.98
N GLU A 351 38.43 17.67 -16.21
CA GLU A 351 38.98 17.77 -17.58
C GLU A 351 39.12 16.40 -18.23
N GLU A 352 39.55 15.43 -17.42
CA GLU A 352 39.75 14.08 -17.89
C GLU A 352 38.41 13.45 -18.23
N MET A 353 37.40 13.68 -17.38
CA MET A 353 36.03 13.22 -17.64
C MET A 353 35.53 13.75 -18.97
N LYS A 354 35.74 15.03 -19.20
CA LYS A 354 35.25 15.75 -20.37
C LYS A 354 35.93 15.22 -21.64
N ALA A 355 37.25 15.02 -21.55
CA ALA A 355 38.06 14.41 -22.62
C ALA A 355 37.63 12.98 -22.98
N ASP A 356 37.42 12.16 -21.96
CA ASP A 356 36.90 10.81 -22.17
C ASP A 356 35.55 10.83 -22.91
N SER A 357 34.66 11.71 -22.51
CA SER A 357 33.31 11.72 -23.04
C SER A 357 33.34 12.17 -24.47
N MET A 358 34.28 13.06 -24.76
CA MET A 358 34.46 13.52 -26.13
C MET A 358 34.91 12.36 -27.01
N ALA A 359 35.86 11.55 -26.52
CA ALA A 359 36.33 10.38 -27.27
C ALA A 359 35.17 9.44 -27.62
N TRP A 360 34.29 9.19 -26.66
CA TRP A 360 33.11 8.38 -26.93
C TRP A 360 32.17 9.03 -27.94
N ARG A 361 32.09 10.35 -27.92
CA ARG A 361 31.16 11.04 -28.79
C ARG A 361 31.66 10.99 -30.24
N GLU A 362 32.96 11.20 -30.41
CA GLU A 362 33.61 11.12 -31.73
C GLU A 362 33.28 9.78 -32.39
N LYS A 363 33.59 8.71 -31.67
CA LYS A 363 33.28 7.36 -32.10
C LYS A 363 31.78 7.18 -32.39
N GLU A 364 30.90 7.68 -31.53
CA GLU A 364 29.45 7.58 -31.79
C GLU A 364 29.05 8.16 -33.14
N LEU A 365 29.73 9.23 -33.56
CA LEU A 365 29.37 9.89 -34.82
C LEU A 365 29.81 9.11 -36.06
N THR A 366 30.78 8.22 -35.87
CA THR A 366 31.28 7.26 -36.86
C THR A 366 30.25 6.22 -37.32
N LEU A 367 29.26 5.95 -36.49
CA LEU A 367 28.36 4.80 -36.68
C LEU A 367 27.41 4.98 -37.85
N VAL A 368 27.30 3.96 -38.70
CA VAL A 368 26.37 4.02 -39.81
C VAL A 368 25.31 2.93 -39.77
N THR A 369 25.73 1.69 -39.53
CA THR A 369 24.83 0.54 -39.60
C THR A 369 24.33 0.13 -38.24
N ALA A 370 23.10 -0.37 -38.22
CA ALA A 370 22.57 -1.03 -37.06
C ALA A 370 23.67 -1.85 -36.39
N GLU A 371 24.35 -2.71 -37.15
CA GLU A 371 25.37 -3.57 -36.54
C GLU A 371 26.43 -2.78 -35.81
N GLU A 372 26.87 -1.67 -36.39
CA GLU A 372 27.94 -0.89 -35.77
C GLU A 372 27.43 -0.29 -34.46
N MET A 373 26.14 0.04 -34.45
CA MET A 373 25.51 0.74 -33.35
C MET A 373 25.42 -0.10 -32.08
N TYR A 374 24.75 -1.25 -32.16
CA TYR A 374 24.72 -2.14 -30.98
C TYR A 374 26.08 -2.70 -30.61
N THR A 375 27.01 -2.76 -31.54
CA THR A 375 28.37 -3.18 -31.19
C THR A 375 29.02 -2.10 -30.35
N TYR A 376 28.65 -0.85 -30.65
CA TYR A 376 29.15 0.29 -29.89
C TYR A 376 28.61 0.23 -28.45
N GLN A 377 27.30 0.10 -28.32
CA GLN A 377 26.72 -0.12 -26.99
C GLN A 377 27.39 -1.29 -26.29
N GLY A 378 27.64 -2.36 -27.05
CA GLY A 378 28.35 -3.52 -26.54
C GLY A 378 29.71 -3.15 -25.98
N ASP A 379 30.48 -2.32 -26.69
CA ASP A 379 31.80 -1.95 -26.23
C ASP A 379 31.72 -1.11 -24.96
N TYR A 380 30.69 -0.28 -24.92
CA TYR A 380 30.42 0.58 -23.80
C TYR A 380 30.15 -0.26 -22.58
N ILE A 381 29.22 -1.20 -22.71
CA ILE A 381 28.91 -2.11 -21.63
C ILE A 381 30.14 -2.92 -21.21
N GLN A 382 30.90 -3.40 -22.21
CA GLN A 382 32.15 -4.10 -21.95
C GLN A 382 33.06 -3.28 -21.04
N ASN A 383 33.28 -2.01 -21.40
CA ASN A 383 34.07 -1.14 -20.57
C ASN A 383 33.51 -1.02 -19.15
N LEU A 384 32.18 -1.02 -19.01
CA LEU A 384 31.56 -0.88 -17.69
C LEU A 384 31.74 -2.09 -16.81
N ILE A 385 31.49 -3.27 -17.36
CA ILE A 385 31.50 -4.49 -16.55
C ILE A 385 32.89 -4.96 -16.13
N ASP A 386 33.91 -4.50 -16.86
CA ASP A 386 35.29 -4.82 -16.53
C ASP A 386 35.78 -4.08 -15.31
N MET A 387 35.02 -3.12 -14.83
CA MET A 387 35.43 -2.27 -13.71
C MET A 387 34.83 -2.68 -12.37
N THR A 388 34.09 -3.79 -12.41
CA THR A 388 33.05 -4.05 -11.46
C THR A 388 32.80 -5.55 -11.27
N ASP A 389 32.76 -5.91 -10.01
CA ASP A 389 31.94 -6.97 -9.43
C ASP A 389 31.03 -7.69 -10.41
N TYR A 390 30.33 -6.96 -11.27
CA TYR A 390 29.34 -7.54 -12.18
C TYR A 390 29.95 -8.64 -13.06
N PRO A 391 29.24 -9.78 -13.14
CA PRO A 391 29.77 -10.96 -13.84
C PRO A 391 29.96 -10.63 -15.30
N SER A 392 31.17 -10.81 -15.81
CA SER A 392 31.35 -10.60 -17.24
C SER A 392 30.65 -11.69 -18.02
N PHE A 393 30.08 -11.35 -19.16
CA PHE A 393 29.44 -12.33 -20.01
C PHE A 393 29.85 -12.04 -21.44
N ASP A 394 29.43 -12.91 -22.36
CA ASP A 394 29.95 -12.85 -23.72
C ASP A 394 29.24 -11.77 -24.51
N ILE A 395 29.90 -10.62 -24.63
CA ILE A 395 29.30 -9.51 -25.37
C ILE A 395 29.31 -9.76 -26.89
N PRO A 396 30.49 -10.13 -27.46
CA PRO A 396 30.50 -10.49 -28.88
C PRO A 396 29.41 -11.48 -29.21
N ALA A 397 29.19 -12.46 -28.34
CA ALA A 397 28.15 -13.43 -28.61
C ALA A 397 26.76 -12.79 -28.54
N THR A 398 26.60 -11.76 -27.70
CA THR A 398 25.32 -11.06 -27.61
C THR A 398 25.12 -10.20 -28.87
N ASN A 399 26.19 -9.55 -29.30
CA ASN A 399 26.17 -8.83 -30.58
C ASN A 399 25.64 -9.69 -31.74
N LYS A 400 26.22 -10.88 -31.88
CA LYS A 400 25.78 -11.88 -32.86
C LYS A 400 24.30 -12.21 -32.77
N THR A 401 23.77 -12.31 -31.55
CA THR A 401 22.35 -12.56 -31.36
C THR A 401 21.50 -11.40 -31.88
N PHE A 402 21.99 -10.17 -31.71
CA PHE A 402 21.30 -9.03 -32.28
C PHE A 402 21.30 -9.13 -33.79
N LEU A 403 22.46 -9.54 -34.34
CA LEU A 403 22.61 -9.74 -35.79
C LEU A 403 21.60 -10.73 -36.37
N GLU A 404 21.42 -11.86 -35.70
CA GLU A 404 20.42 -12.81 -36.15
C GLU A 404 19.07 -12.14 -36.14
N TRP A 405 18.74 -11.54 -35.00
CA TRP A 405 17.49 -10.82 -34.79
C TRP A 405 17.22 -9.83 -35.91
N LYS A 406 18.21 -9.04 -36.27
CA LYS A 406 18.06 -8.13 -37.41
C LYS A 406 17.63 -8.90 -38.66
N HIS A 407 18.35 -9.97 -39.00
CA HIS A 407 18.03 -10.79 -40.17
C HIS A 407 16.60 -11.32 -40.14
N HIS A 408 16.20 -11.91 -39.02
CA HIS A 408 14.83 -12.43 -38.89
C HIS A 408 13.77 -11.37 -39.17
N LYS A 409 14.05 -10.13 -38.81
CA LYS A 409 13.11 -9.05 -39.07
C LYS A 409 13.06 -8.74 -40.55
N LYS A 410 14.24 -8.70 -41.19
CA LYS A 410 14.36 -8.47 -42.65
C LYS A 410 13.68 -9.57 -43.48
N GLU A 411 13.85 -10.82 -43.06
CA GLU A 411 13.22 -11.94 -43.73
C GLU A 411 11.70 -11.74 -43.67
N ASN A 412 11.12 -11.84 -42.48
CA ASN A 412 9.70 -11.55 -42.34
C ASN A 412 9.38 -10.83 -41.03
N ILE A 413 9.00 -9.55 -41.18
CA ILE A 413 8.71 -8.63 -40.07
C ILE A 413 7.51 -9.05 -39.21
N MET A 414 6.75 -10.02 -39.70
CA MET A 414 5.59 -10.50 -38.96
C MET A 414 5.87 -11.81 -38.22
N THR A 415 7.04 -12.41 -38.49
CA THR A 415 7.37 -13.70 -37.90
C THR A 415 8.75 -13.73 -37.24
N PHE A 416 9.33 -12.56 -37.00
CA PHE A 416 10.63 -12.50 -36.36
C PHE A 416 10.52 -12.97 -34.92
N ARG A 417 9.32 -12.86 -34.34
CA ARG A 417 9.08 -13.28 -32.96
C ARG A 417 8.97 -14.80 -32.79
N ASP A 418 8.98 -15.52 -33.90
CA ASP A 418 8.72 -16.96 -33.87
C ASP A 418 10.00 -17.80 -33.78
N HIS A 419 11.14 -17.13 -33.94
CA HIS A 419 12.44 -17.76 -33.76
C HIS A 419 12.89 -17.87 -32.29
N SER A 420 14.07 -18.45 -32.08
CA SER A 420 14.59 -18.73 -30.74
C SER A 420 16.10 -18.61 -30.74
N TYR A 421 16.69 -18.28 -29.59
CA TYR A 421 18.13 -18.03 -29.54
C TYR A 421 18.72 -18.67 -28.30
N ARG A 422 20.05 -18.68 -28.26
CA ARG A 422 20.81 -19.32 -27.21
C ARG A 422 21.05 -18.31 -26.06
N SER A 423 20.61 -18.65 -24.85
CA SER A 423 20.99 -17.88 -23.66
C SER A 423 22.52 -17.75 -23.56
N LEU A 424 23.00 -16.60 -23.11
CA LEU A 424 24.46 -16.35 -23.05
C LEU A 424 24.96 -16.44 -21.64
N MET A 425 24.03 -16.72 -20.74
CA MET A 425 24.32 -16.87 -19.33
C MET A 425 24.41 -18.36 -19.02
N THR A 426 23.44 -19.13 -19.53
CA THR A 426 23.34 -20.55 -19.20
C THR A 426 23.82 -21.48 -20.33
N GLY A 427 23.71 -21.03 -21.59
CA GLY A 427 24.07 -21.87 -22.72
C GLY A 427 22.88 -22.62 -23.28
N THR A 428 21.81 -22.77 -22.50
CA THR A 428 20.61 -23.48 -22.97
C THR A 428 19.87 -22.75 -24.12
N MET A 429 19.74 -23.43 -25.27
CA MET A 429 18.96 -22.92 -26.43
C MET A 429 17.47 -22.85 -26.07
N ALA A 430 16.76 -21.84 -26.55
CA ALA A 430 15.36 -21.66 -26.17
C ALA A 430 14.44 -22.48 -27.08
N PRO A 431 13.38 -23.07 -26.51
CA PRO A 431 12.36 -23.76 -27.31
C PRO A 431 11.60 -22.81 -28.22
N LYS A 432 11.02 -23.36 -29.28
CA LYS A 432 9.99 -22.65 -30.04
C LYS A 432 8.75 -22.49 -29.17
N HIS A 433 7.93 -21.50 -29.45
CA HIS A 433 6.78 -21.27 -28.61
C HIS A 433 5.59 -22.10 -29.07
N HIS A 434 4.82 -22.62 -28.12
CA HIS A 434 3.63 -23.41 -28.43
C HIS A 434 2.63 -22.83 -29.47
N THR A 435 2.57 -21.51 -29.64
CA THR A 435 1.69 -20.86 -30.65
C THR A 435 2.52 -19.89 -31.51
N PRO A 436 2.32 -19.90 -32.84
CA PRO A 436 3.07 -18.86 -33.57
C PRO A 436 2.49 -17.48 -33.25
N TRP A 437 3.27 -16.43 -33.54
CA TRP A 437 2.95 -15.08 -33.03
C TRP A 437 1.57 -14.60 -33.48
N ILE A 438 1.38 -14.55 -34.80
CA ILE A 438 0.11 -14.07 -35.36
C ILE A 438 -1.15 -14.67 -34.70
N ASP A 439 -1.00 -15.85 -34.10
CA ASP A 439 -2.17 -16.57 -33.60
C ASP A 439 -2.30 -16.52 -32.09
N ALA A 440 -1.23 -16.13 -31.39
CA ALA A 440 -1.29 -16.00 -29.93
C ALA A 440 -2.01 -14.72 -29.57
N LEU A 441 -3.34 -14.80 -29.50
CA LEU A 441 -4.19 -13.65 -29.24
C LEU A 441 -4.26 -13.30 -27.76
N ASP A 442 -4.14 -14.32 -26.90
CA ASP A 442 -4.12 -14.13 -25.46
C ASP A 442 -2.68 -13.72 -25.09
N ASP A 443 -2.54 -12.61 -24.34
CA ASP A 443 -1.21 -12.06 -23.99
C ASP A 443 -0.73 -12.40 -22.57
N SER A 444 -1.49 -13.23 -21.86
CA SER A 444 -1.24 -13.43 -20.44
C SER A 444 -0.12 -14.42 -20.12
N LEU A 445 0.62 -14.10 -19.06
CA LEU A 445 1.57 -14.98 -18.38
C LEU A 445 1.04 -16.42 -18.33
N GLU A 446 -0.07 -16.57 -17.60
CA GLU A 446 -0.97 -17.73 -17.61
C GLU A 446 -0.91 -18.51 -18.93
N ALA A 447 -1.42 -17.88 -20.00
CA ALA A 447 -1.48 -18.51 -21.33
C ALA A 447 -0.13 -18.76 -22.00
N TYR A 448 0.90 -18.03 -21.61
CA TYR A 448 2.19 -18.17 -22.30
C TYR A 448 3.04 -19.29 -21.68
N LEU A 449 2.86 -19.51 -20.38
CA LEU A 449 3.67 -20.46 -19.64
C LEU A 449 3.09 -21.89 -19.59
N SER A 450 1.79 -22.05 -19.88
CA SER A 450 1.15 -23.38 -19.76
C SER A 450 1.43 -24.28 -20.97
N THR B 8 0.28 21.77 16.27
CA THR B 8 -0.37 20.89 17.32
C THR B 8 -0.94 19.58 16.73
N ARG B 9 -0.49 18.44 17.31
CA ARG B 9 -0.50 17.13 16.65
C ARG B 9 -1.09 15.97 17.49
N ILE B 10 -1.90 15.12 16.86
CA ILE B 10 -2.64 14.04 17.53
C ILE B 10 -2.28 12.67 16.99
N ALA B 11 -1.97 11.72 17.87
CA ALA B 11 -1.76 10.32 17.47
C ALA B 11 -3.00 9.48 17.78
N ILE B 12 -3.47 8.75 16.78
CA ILE B 12 -4.61 7.86 16.94
C ILE B 12 -4.13 6.44 16.71
N LEU B 13 -4.29 5.59 17.72
CA LEU B 13 -3.75 4.24 17.68
C LEU B 13 -4.87 3.27 17.31
N GLY B 14 -4.77 2.74 16.09
CA GLY B 14 -5.80 1.84 15.55
C GLY B 14 -6.74 2.47 14.55
N ALA B 15 -7.05 1.71 13.49
CA ALA B 15 -8.02 2.12 12.47
C ALA B 15 -9.20 1.16 12.41
N GLY B 16 -9.63 0.66 13.57
CA GLY B 16 -10.90 -0.06 13.65
C GLY B 16 -12.03 0.96 13.63
N PRO B 17 -13.28 0.51 13.93
CA PRO B 17 -14.39 1.45 14.12
C PRO B 17 -14.07 2.68 14.96
N SER B 18 -13.37 2.51 16.07
CA SER B 18 -13.07 3.65 16.94
C SER B 18 -12.07 4.60 16.32
N GLY B 19 -10.97 4.06 15.78
CA GLY B 19 -10.02 4.85 15.02
C GLY B 19 -10.72 5.63 13.92
N MET B 20 -11.47 4.91 13.11
CA MET B 20 -12.28 5.54 12.08
C MET B 20 -13.17 6.64 12.66
N ALA B 21 -13.84 6.35 13.76
CA ALA B 21 -14.71 7.32 14.39
C ALA B 21 -13.96 8.59 14.76
N GLN B 22 -12.76 8.42 15.30
CA GLN B 22 -12.01 9.56 15.78
C GLN B 22 -11.59 10.46 14.62
N LEU B 23 -11.10 9.86 13.55
CA LEU B 23 -10.79 10.59 12.34
C LEU B 23 -12.04 11.29 11.83
N ARG B 24 -13.13 10.55 11.73
CA ARG B 24 -14.38 11.14 11.31
C ARG B 24 -14.76 12.36 12.16
N ALA B 25 -14.66 12.25 13.49
CA ALA B 25 -15.02 13.39 14.32
C ALA B 25 -14.25 14.63 13.92
N PHE B 26 -12.93 14.53 13.84
CA PHE B 26 -12.12 15.69 13.47
C PHE B 26 -12.49 16.21 12.11
N GLN B 27 -12.70 15.31 11.16
CA GLN B 27 -13.00 15.70 9.82
C GLN B 27 -14.33 16.45 9.78
N SER B 28 -15.30 16.04 10.61
CA SER B 28 -16.58 16.68 10.65
C SER B 28 -16.48 18.08 11.21
N ALA B 29 -15.54 18.29 12.13
CA ALA B 29 -15.40 19.60 12.73
C ALA B 29 -14.78 20.53 11.70
N GLN B 30 -13.90 19.97 10.89
CA GLN B 30 -13.22 20.71 9.85
C GLN B 30 -14.22 21.02 8.74
N GLU B 31 -15.06 20.05 8.41
CA GLU B 31 -16.11 20.27 7.43
C GLU B 31 -17.02 21.43 7.81
N LYS B 32 -17.29 21.58 9.10
CA LYS B 32 -18.08 22.69 9.58
C LYS B 32 -17.28 23.97 9.70
N GLY B 33 -15.98 23.90 9.38
CA GLY B 33 -15.16 25.10 9.24
C GLY B 33 -14.26 25.43 10.40
N ALA B 34 -14.09 24.51 11.35
CA ALA B 34 -13.13 24.72 12.44
C ALA B 34 -11.72 24.40 11.98
N GLU B 35 -10.72 24.92 12.70
CA GLU B 35 -9.34 24.57 12.43
C GLU B 35 -9.03 23.38 13.31
N ILE B 36 -8.61 22.27 12.70
CA ILE B 36 -8.32 21.07 13.48
C ILE B 36 -6.82 20.85 13.64
N PRO B 37 -6.43 20.02 14.62
CA PRO B 37 -5.03 19.70 14.79
C PRO B 37 -4.56 18.81 13.64
N GLU B 38 -3.27 18.51 13.61
CA GLU B 38 -2.74 17.57 12.63
C GLU B 38 -3.00 16.18 13.19
N LEU B 39 -3.21 15.22 12.29
CA LEU B 39 -3.60 13.88 12.69
C LEU B 39 -2.69 12.84 12.09
N VAL B 40 -2.27 11.88 12.91
CA VAL B 40 -1.62 10.66 12.43
C VAL B 40 -2.28 9.47 13.15
N CYS B 41 -2.79 8.54 12.34
CA CYS B 41 -3.35 7.29 12.82
C CYS B 41 -2.44 6.12 12.39
N PHE B 42 -2.07 5.28 13.36
CA PHE B 42 -1.22 4.11 13.11
C PHE B 42 -2.04 2.85 13.12
N GLU B 43 -1.85 1.98 12.13
CA GLU B 43 -2.60 0.71 12.07
C GLU B 43 -1.70 -0.44 11.66
N LYS B 44 -1.75 -1.55 12.38
CA LYS B 44 -0.84 -2.68 12.12
C LYS B 44 -1.26 -3.54 10.94
N GLN B 45 -2.55 -3.48 10.60
CA GLN B 45 -3.07 -4.21 9.46
C GLN B 45 -2.84 -3.46 8.15
N ALA B 46 -3.10 -4.12 7.04
CA ALA B 46 -2.89 -3.54 5.72
C ALA B 46 -4.11 -2.72 5.27
N ASP B 47 -5.19 -2.73 6.07
CA ASP B 47 -6.42 -2.05 5.70
C ASP B 47 -7.28 -1.78 6.95
N TRP B 48 -8.27 -0.90 6.84
CA TRP B 48 -9.03 -0.48 8.01
C TRP B 48 -10.28 -1.32 8.28
N GLY B 49 -10.82 -1.20 9.49
CA GLY B 49 -12.00 -1.97 9.85
C GLY B 49 -11.88 -2.79 11.12
N GLY B 50 -10.66 -2.91 11.64
CA GLY B 50 -10.49 -3.56 12.93
C GLY B 50 -10.90 -5.01 12.92
N GLN B 51 -11.74 -5.39 13.88
CA GLN B 51 -12.31 -6.73 13.92
C GLN B 51 -12.89 -7.11 12.56
N TRP B 52 -13.61 -6.15 11.95
CA TRP B 52 -14.40 -6.38 10.75
C TRP B 52 -13.57 -6.65 9.49
N ASN B 53 -12.26 -6.55 9.58
CA ASN B 53 -11.44 -6.88 8.45
C ASN B 53 -11.03 -8.34 8.60
N TYR B 54 -11.67 -9.23 7.83
CA TYR B 54 -11.43 -10.66 7.95
C TYR B 54 -10.02 -11.04 7.56
N THR B 55 -9.46 -12.01 8.29
CA THR B 55 -8.24 -12.66 7.87
C THR B 55 -8.28 -14.15 8.11
N TRP B 56 -7.69 -14.90 7.19
CA TRP B 56 -7.55 -16.33 7.38
C TRP B 56 -6.50 -16.64 8.43
N ARG B 57 -5.62 -15.67 8.69
CA ARG B 57 -4.48 -15.85 9.59
C ARG B 57 -4.89 -16.05 11.04
N THR B 58 -3.94 -16.58 11.78
CA THR B 58 -4.18 -17.14 13.11
C THR B 58 -2.92 -16.95 13.95
N GLY B 59 -3.11 -16.57 15.21
CA GLY B 59 -1.95 -16.38 16.10
C GLY B 59 -1.14 -15.13 15.78
N LEU B 60 -0.14 -15.29 14.92
CA LEU B 60 0.74 -14.21 14.54
C LEU B 60 0.62 -13.94 13.04
N ASP B 61 0.60 -12.66 12.66
CA ASP B 61 0.41 -12.24 11.25
C ASP B 61 1.72 -12.24 10.44
N GLU B 62 1.66 -11.78 9.19
CA GLU B 62 2.81 -11.90 8.29
C GLU B 62 4.05 -11.13 8.74
N ASN B 63 3.88 -10.21 9.69
CA ASN B 63 4.98 -9.44 10.24
C ASN B 63 5.41 -9.91 11.63
N GLY B 64 4.57 -10.77 12.22
CA GLY B 64 4.86 -11.34 13.50
C GLY B 64 4.13 -10.63 14.60
N GLU B 65 3.18 -9.78 14.25
CA GLU B 65 2.36 -9.13 15.26
C GLU B 65 1.21 -10.05 15.62
N PRO B 66 0.76 -10.01 16.87
CA PRO B 66 -0.44 -10.77 17.17
C PRO B 66 -1.51 -10.49 16.14
N VAL B 67 -2.23 -11.51 15.70
CA VAL B 67 -3.34 -11.34 14.77
C VAL B 67 -4.47 -10.66 15.48
N HIS B 68 -4.94 -9.57 14.92
CA HIS B 68 -5.94 -8.81 15.61
C HIS B 68 -7.40 -9.30 15.52
N SER B 69 -7.87 -9.64 14.32
CA SER B 69 -9.29 -9.97 14.15
C SER B 69 -9.67 -11.30 14.79
N SER B 70 -10.78 -11.29 15.50
CA SER B 70 -11.34 -12.51 16.08
C SER B 70 -12.46 -13.06 15.19
N MET B 71 -12.70 -12.39 14.07
CA MET B 71 -13.84 -12.72 13.24
C MET B 71 -13.60 -13.94 12.34
N TYR B 72 -14.68 -14.68 12.10
CA TYR B 72 -14.65 -15.95 11.36
C TYR B 72 -15.60 -15.92 10.16
N ARG B 73 -15.40 -16.88 9.26
CA ARG B 73 -16.31 -17.06 8.13
C ARG B 73 -17.75 -17.14 8.65
N TYR B 74 -18.69 -16.57 7.90
CA TYR B 74 -20.12 -16.74 8.17
C TYR B 74 -20.63 -15.89 9.35
N LEU B 75 -19.75 -15.04 9.89
CA LEU B 75 -20.17 -14.14 10.97
C LEU B 75 -21.18 -13.15 10.44
N TRP B 76 -22.20 -12.91 11.24
CA TRP B 76 -23.24 -11.94 10.95
C TRP B 76 -23.40 -11.08 12.18
N SER B 77 -23.77 -9.82 11.97
CA SER B 77 -24.10 -8.94 13.06
C SER B 77 -24.88 -9.74 14.07
N ASN B 78 -24.59 -9.59 15.35
CA ASN B 78 -25.32 -10.36 16.34
C ASN B 78 -26.28 -9.53 17.15
N GLY B 79 -26.44 -8.28 16.71
CA GLY B 79 -27.50 -7.42 17.21
C GLY B 79 -28.16 -6.64 16.09
N PRO B 80 -29.27 -5.97 16.41
CA PRO B 80 -29.91 -5.18 15.37
C PRO B 80 -29.00 -4.10 14.80
N LYS B 81 -28.67 -4.26 13.53
CA LYS B 81 -28.15 -3.20 12.68
C LYS B 81 -28.54 -1.80 13.14
N GLU B 82 -29.81 -1.61 13.48
CA GLU B 82 -30.29 -0.27 13.75
C GLU B 82 -29.84 0.23 15.13
N CYS B 83 -29.35 -0.70 15.95
CA CYS B 83 -28.72 -0.34 17.22
C CYS B 83 -27.29 0.18 17.05
N LEU B 84 -26.68 -0.08 15.90
CA LEU B 84 -25.33 0.40 15.68
C LEU B 84 -25.18 1.37 14.54
N GLU B 85 -26.28 1.97 14.10
CA GLU B 85 -26.26 2.88 12.95
C GLU B 85 -25.57 4.20 13.32
N PHE B 86 -24.76 4.73 12.41
CA PHE B 86 -24.21 6.06 12.56
C PHE B 86 -25.30 7.10 12.44
N ALA B 87 -25.36 8.05 13.39
CA ALA B 87 -26.29 9.17 13.31
C ALA B 87 -25.94 10.16 12.20
N ASP B 88 -24.76 10.02 11.58
CA ASP B 88 -24.32 11.01 10.59
C ASP B 88 -24.07 10.38 9.23
N TYR B 89 -24.47 9.13 9.09
CA TYR B 89 -24.24 8.38 7.86
C TYR B 89 -25.09 7.13 7.90
N THR B 90 -26.32 7.25 7.40
CA THR B 90 -27.35 6.24 7.59
C THR B 90 -27.14 5.01 6.72
N PHE B 91 -27.87 3.94 7.00
CA PHE B 91 -27.81 2.76 6.13
C PHE B 91 -28.35 3.04 4.73
N ASP B 92 -29.43 3.84 4.67
CA ASP B 92 -30.01 4.32 3.41
C ASP B 92 -28.98 5.07 2.56
N GLU B 93 -28.25 6.00 3.17
CA GLU B 93 -27.24 6.78 2.42
C GLU B 93 -26.20 5.89 1.76
N HIS B 94 -25.75 4.87 2.51
CA HIS B 94 -24.64 4.05 2.04
C HIS B 94 -25.12 3.04 1.01
N PHE B 95 -26.23 2.36 1.31
CA PHE B 95 -26.67 1.21 0.49
C PHE B 95 -27.64 1.53 -0.63
N GLY B 96 -28.25 2.72 -0.57
CA GLY B 96 -29.26 3.15 -1.54
C GLY B 96 -30.64 2.52 -1.37
N LYS B 97 -30.72 1.37 -0.69
CA LYS B 97 -31.97 0.63 -0.53
C LYS B 97 -32.09 0.18 0.91
N PRO B 98 -33.30 -0.21 1.35
CA PRO B 98 -33.38 -0.91 2.62
C PRO B 98 -32.72 -2.28 2.53
N ILE B 99 -32.25 -2.82 3.65
CA ILE B 99 -31.73 -4.20 3.77
C ILE B 99 -32.13 -4.77 5.11
N ALA B 100 -31.93 -6.07 5.29
CA ALA B 100 -32.33 -6.71 6.54
C ALA B 100 -31.51 -6.24 7.76
N SER B 101 -31.83 -6.78 8.94
CA SER B 101 -31.35 -6.23 10.21
C SER B 101 -30.09 -6.86 10.81
N TYR B 102 -29.58 -7.92 10.19
CA TYR B 102 -28.42 -8.60 10.73
C TYR B 102 -27.47 -8.90 9.62
N PRO B 103 -26.89 -7.86 9.00
CA PRO B 103 -26.02 -8.05 7.85
C PRO B 103 -24.80 -8.88 8.22
N PRO B 104 -24.28 -9.65 7.27
CA PRO B 104 -23.04 -10.38 7.53
C PRO B 104 -21.81 -9.43 7.61
N ARG B 105 -20.72 -9.96 8.14
CA ARG B 105 -19.44 -9.27 8.31
C ARG B 105 -19.12 -8.35 7.14
N GLU B 106 -18.99 -8.92 5.95
CA GLU B 106 -18.56 -8.15 4.79
C GLU B 106 -19.45 -6.93 4.53
N VAL B 107 -20.72 -7.06 4.87
CA VAL B 107 -21.69 -6.01 4.62
C VAL B 107 -21.47 -4.83 5.57
N LEU B 108 -21.44 -5.10 6.88
CA LEU B 108 -21.11 -4.04 7.85
C LEU B 108 -19.69 -3.46 7.69
N TRP B 109 -18.74 -4.30 7.27
CA TRP B 109 -17.42 -3.83 6.92
C TRP B 109 -17.56 -2.77 5.84
N ASP B 110 -18.34 -3.08 4.79
CA ASP B 110 -18.43 -2.15 3.65
C ASP B 110 -19.02 -0.83 4.15
N TYR B 111 -19.99 -0.97 5.05
CA TYR B 111 -20.69 0.16 5.64
C TYR B 111 -19.75 1.09 6.39
N ILE B 112 -19.01 0.58 7.37
CA ILE B 112 -18.10 1.46 8.13
C ILE B 112 -16.99 2.06 7.26
N LYS B 113 -16.46 1.28 6.32
CA LYS B 113 -15.51 1.82 5.36
C LYS B 113 -16.12 2.97 4.57
N GLY B 114 -17.40 2.83 4.22
CA GLY B 114 -18.16 3.83 3.45
C GLY B 114 -18.06 5.24 4.03
N ARG B 115 -18.39 5.35 5.32
CA ARG B 115 -18.35 6.66 5.99
C ARG B 115 -16.97 7.32 5.92
N VAL B 116 -15.92 6.54 6.13
CA VAL B 116 -14.57 7.10 6.14
C VAL B 116 -13.98 7.31 4.75
N GLU B 117 -14.50 6.56 3.76
CA GLU B 117 -14.20 6.81 2.35
C GLU B 117 -14.80 8.15 1.93
N LYS B 118 -16.10 8.32 2.08
CA LYS B 118 -16.73 9.62 1.88
C LYS B 118 -15.96 10.76 2.56
N ALA B 119 -15.56 10.57 3.82
CA ALA B 119 -14.86 11.62 4.58
C ALA B 119 -13.44 11.92 4.08
N GLY B 120 -12.88 11.01 3.29
CA GLY B 120 -11.50 11.08 2.79
C GLY B 120 -10.44 11.14 3.88
N VAL B 121 -10.63 10.39 4.96
CA VAL B 121 -9.67 10.44 6.07
C VAL B 121 -8.56 9.38 5.97
N ARG B 122 -8.67 8.48 5.00
CA ARG B 122 -7.64 7.47 4.79
C ARG B 122 -6.24 8.09 4.78
N LYS B 123 -6.13 9.31 4.27
CA LYS B 123 -4.83 9.92 4.08
C LYS B 123 -4.06 10.16 5.39
N TYR B 124 -4.77 10.09 6.51
CA TYR B 124 -4.14 10.30 7.81
C TYR B 124 -3.51 9.03 8.36
N ILE B 125 -3.77 7.90 7.71
CA ILE B 125 -3.41 6.60 8.29
C ILE B 125 -2.13 6.05 7.71
N ARG B 126 -1.27 5.57 8.59
CA ARG B 126 -0.06 4.86 8.21
C ARG B 126 -0.30 3.37 8.50
N PHE B 127 -0.63 2.63 7.45
CA PHE B 127 -0.95 1.22 7.60
C PHE B 127 0.29 0.38 7.76
N ASN B 128 0.07 -0.90 7.99
CA ASN B 128 1.16 -1.84 8.20
C ASN B 128 2.21 -1.33 9.17
N THR B 129 1.77 -0.62 10.21
CA THR B 129 2.67 0.02 11.18
C THR B 129 2.22 -0.32 12.61
N ALA B 130 3.07 -0.98 13.38
CA ALA B 130 2.68 -1.39 14.70
C ALA B 130 3.22 -0.43 15.72
N VAL B 131 2.37 -0.04 16.66
CA VAL B 131 2.76 0.84 17.74
C VAL B 131 3.52 0.00 18.74
N ARG B 132 4.72 0.46 19.10
CA ARG B 132 5.58 -0.25 20.05
C ARG B 132 5.54 0.31 21.44
N HIS B 133 5.55 1.63 21.52
CA HIS B 133 5.70 2.29 22.79
C HIS B 133 5.11 3.68 22.71
N VAL B 134 4.51 4.12 23.80
CA VAL B 134 4.08 5.50 23.97
C VAL B 134 4.65 5.99 25.28
N GLU B 135 5.47 7.02 25.24
CA GLU B 135 5.99 7.60 26.47
C GLU B 135 5.56 9.03 26.60
N PHE B 136 5.32 9.47 27.82
CA PHE B 136 5.04 10.86 28.06
C PHE B 136 6.26 11.54 28.65
N ASN B 137 6.67 12.64 28.02
CA ASN B 137 7.81 13.43 28.50
C ASN B 137 7.31 14.61 29.35
N GLU B 138 7.53 14.51 30.65
CA GLU B 138 7.14 15.54 31.64
C GLU B 138 7.66 16.94 31.30
N ASP B 139 8.93 17.01 30.94
CA ASP B 139 9.63 18.25 30.58
C ASP B 139 9.01 19.02 29.39
N SER B 140 8.66 18.32 28.30
CA SER B 140 8.10 19.01 27.11
C SER B 140 6.58 18.92 27.04
N GLN B 141 6.01 18.12 27.92
CA GLN B 141 4.55 17.92 28.01
C GLN B 141 4.01 17.30 26.69
N THR B 142 4.77 16.37 26.12
CA THR B 142 4.42 15.72 24.86
C THR B 142 4.60 14.19 24.94
N PHE B 143 4.08 13.47 23.93
CA PHE B 143 4.20 12.00 23.83
C PHE B 143 5.16 11.60 22.72
N THR B 144 6.05 10.65 23.01
CA THR B 144 6.86 10.05 21.96
C THR B 144 6.25 8.69 21.64
N VAL B 145 5.83 8.56 20.39
CA VAL B 145 5.22 7.34 19.94
C VAL B 145 6.21 6.65 19.02
N THR B 146 6.61 5.45 19.39
CA THR B 146 7.58 4.66 18.64
C THR B 146 6.82 3.55 17.92
N VAL B 147 7.01 3.46 16.61
CA VAL B 147 6.27 2.49 15.82
C VAL B 147 7.21 1.70 14.96
N GLN B 148 6.76 0.55 14.50
CA GLN B 148 7.56 -0.23 13.55
C GLN B 148 6.84 -0.31 12.23
N ASP B 149 7.44 0.28 11.19
CA ASP B 149 6.87 0.25 9.86
C ASP B 149 7.29 -1.05 9.15
N HIS B 150 6.33 -1.93 8.88
CA HIS B 150 6.67 -3.25 8.36
C HIS B 150 6.79 -3.28 6.85
N THR B 151 6.52 -2.15 6.23
CA THR B 151 6.71 -2.01 4.79
C THR B 151 8.15 -1.65 4.52
N THR B 152 8.73 -0.76 5.30
CA THR B 152 10.14 -0.40 5.16
C THR B 152 11.01 -1.17 6.13
N ASP B 153 10.40 -1.99 6.99
CA ASP B 153 11.09 -2.60 8.12
C ASP B 153 11.93 -1.61 8.96
N THR B 154 11.33 -0.49 9.34
CA THR B 154 12.02 0.55 10.08
C THR B 154 11.29 0.88 11.36
N ILE B 155 12.05 1.21 12.39
CA ILE B 155 11.46 1.63 13.65
C ILE B 155 11.81 3.09 13.85
N TYR B 156 10.78 3.92 13.96
CA TYR B 156 10.97 5.34 14.20
C TYR B 156 10.00 5.85 15.24
N SER B 157 10.21 7.08 15.69
CA SER B 157 9.32 7.65 16.67
C SER B 157 8.92 9.09 16.34
N ALA B 158 7.72 9.48 16.75
CA ALA B 158 7.26 10.85 16.53
C ALA B 158 6.68 11.48 17.78
N ALA B 159 6.72 12.81 17.84
CA ALA B 159 6.22 13.55 18.98
C ALA B 159 4.77 13.95 18.73
N PHE B 160 3.96 13.83 19.78
CA PHE B 160 2.55 14.20 19.75
C PHE B 160 2.11 14.90 21.02
N ASP B 161 1.14 15.81 20.88
CA ASP B 161 0.55 16.54 22.01
C ASP B 161 -0.57 15.78 22.73
N TYR B 162 -1.33 14.99 21.98
CA TYR B 162 -2.38 14.14 22.58
C TYR B 162 -2.33 12.80 21.90
N VAL B 163 -2.82 11.78 22.57
CA VAL B 163 -2.88 10.45 22.01
C VAL B 163 -4.24 9.84 22.33
N VAL B 164 -4.90 9.32 21.30
CA VAL B 164 -6.15 8.58 21.46
C VAL B 164 -5.92 7.09 21.15
N CYS B 165 -6.13 6.23 22.14
CA CYS B 165 -5.97 4.79 21.99
C CYS B 165 -7.25 4.10 21.55
N CYS B 166 -7.21 3.45 20.40
CA CYS B 166 -8.35 2.77 19.85
C CYS B 166 -7.98 1.36 19.43
N THR B 167 -7.26 0.64 20.28
CA THR B 167 -6.67 -0.63 19.87
C THR B 167 -7.52 -1.83 20.27
N GLY B 168 -8.68 -1.58 20.86
CA GLY B 168 -9.64 -2.63 21.15
C GLY B 168 -9.32 -3.44 22.38
N HIS B 169 -10.26 -4.30 22.76
CA HIS B 169 -10.07 -5.19 23.90
C HIS B 169 -10.68 -6.58 23.71
N PHE B 170 -10.89 -6.98 22.46
CA PHE B 170 -11.42 -8.31 22.15
C PHE B 170 -10.48 -9.00 21.20
N SER B 171 -9.17 -8.89 21.44
CA SER B 171 -8.16 -9.50 20.57
C SER B 171 -7.17 -10.36 21.29
N THR B 172 -6.83 -9.98 22.52
CA THR B 172 -5.91 -10.78 23.29
C THR B 172 -6.75 -11.74 24.12
N PRO B 173 -6.71 -13.02 23.77
CA PRO B 173 -7.60 -13.99 24.37
C PRO B 173 -7.31 -14.22 25.83
N TYR B 174 -8.34 -14.41 26.63
CA TYR B 174 -8.20 -15.01 27.95
C TYR B 174 -8.38 -16.49 27.76
N VAL B 175 -7.35 -17.25 28.06
CA VAL B 175 -7.30 -18.67 27.77
C VAL B 175 -6.96 -19.47 29.03
N PRO B 176 -7.96 -19.82 29.84
CA PRO B 176 -7.64 -20.55 31.07
C PRO B 176 -7.20 -21.95 30.75
N GLU B 177 -6.42 -22.55 31.66
CA GLU B 177 -5.95 -23.92 31.47
C GLU B 177 -6.87 -24.90 32.19
N PHE B 178 -7.00 -26.09 31.63
CA PHE B 178 -7.78 -27.15 32.25
C PHE B 178 -6.92 -28.39 32.30
N GLU B 179 -6.89 -29.04 33.46
CA GLU B 179 -6.10 -30.26 33.67
C GLU B 179 -6.23 -31.24 32.50
N GLY B 180 -5.11 -31.64 31.92
CA GLY B 180 -5.11 -32.66 30.87
C GLY B 180 -4.96 -32.18 29.44
N PHE B 181 -5.04 -30.86 29.25
CA PHE B 181 -4.88 -30.26 27.93
C PHE B 181 -3.59 -30.70 27.23
N GLU B 182 -2.56 -30.98 28.02
CA GLU B 182 -1.25 -31.43 27.53
C GLU B 182 -1.31 -32.90 27.00
N LYS B 183 -2.38 -33.62 27.36
CA LYS B 183 -2.60 -35.04 26.98
C LYS B 183 -3.63 -35.24 25.85
N PHE B 184 -4.60 -34.32 25.76
CA PHE B 184 -5.63 -34.35 24.72
C PHE B 184 -5.07 -34.45 23.30
N GLY B 185 -5.80 -35.11 22.41
CA GLY B 185 -5.26 -35.44 21.09
C GLY B 185 -5.95 -34.71 19.95
N GLY B 186 -7.01 -33.99 20.28
CA GLY B 186 -7.67 -33.12 19.29
C GLY B 186 -7.22 -31.67 19.42
N ARG B 187 -7.65 -30.83 18.47
CA ARG B 187 -7.29 -29.41 18.47
C ARG B 187 -7.85 -28.69 19.67
N ILE B 188 -7.01 -27.85 20.27
CA ILE B 188 -7.47 -26.89 21.28
C ILE B 188 -7.23 -25.46 20.78
N LEU B 189 -8.27 -24.64 20.86
CA LEU B 189 -8.18 -23.29 20.36
C LEU B 189 -9.09 -22.37 21.14
N HIS B 190 -8.76 -21.07 21.07
CA HIS B 190 -9.59 -20.06 21.63
C HIS B 190 -10.54 -19.61 20.53
N ALA B 191 -11.71 -19.11 20.94
CA ALA B 191 -12.66 -18.52 20.03
C ALA B 191 -12.00 -17.60 19.00
N HIS B 192 -10.98 -16.88 19.45
CA HIS B 192 -10.19 -15.93 18.66
C HIS B 192 -9.60 -16.59 17.41
N ASP B 193 -9.25 -17.86 17.51
CA ASP B 193 -8.59 -18.55 16.41
C ASP B 193 -9.57 -19.32 15.52
N PHE B 194 -10.86 -19.22 15.82
CA PHE B 194 -11.89 -19.91 15.06
C PHE B 194 -12.06 -19.24 13.72
N ARG B 195 -11.96 -20.02 12.64
CA ARG B 195 -12.08 -19.46 11.29
C ARG B 195 -13.22 -20.03 10.40
N ASP B 196 -13.00 -21.18 9.76
CA ASP B 196 -14.05 -21.83 8.93
C ASP B 196 -14.80 -22.95 9.66
N ALA B 197 -16.10 -22.78 9.89
CA ALA B 197 -16.87 -23.78 10.63
C ALA B 197 -16.83 -25.20 10.03
N LEU B 198 -16.65 -25.27 8.71
CA LEU B 198 -16.49 -26.54 8.02
C LEU B 198 -15.41 -27.49 8.56
N GLU B 199 -14.36 -26.96 9.21
CA GLU B 199 -13.28 -27.84 9.72
C GLU B 199 -13.83 -28.72 10.85
N PHE B 200 -15.00 -28.37 11.35
CA PHE B 200 -15.64 -29.17 12.40
C PHE B 200 -16.91 -29.92 11.94
N LYS B 201 -17.06 -30.07 10.63
CA LYS B 201 -18.16 -30.85 10.07
C LYS B 201 -18.01 -32.32 10.46
N ASP B 202 -19.12 -32.87 10.97
CA ASP B 202 -19.19 -34.27 11.42
C ASP B 202 -18.31 -34.51 12.65
N LYS B 203 -18.11 -33.47 13.46
CA LYS B 203 -17.26 -33.62 14.63
C LYS B 203 -18.02 -33.23 15.90
N THR B 204 -17.51 -33.70 17.04
CA THR B 204 -18.06 -33.30 18.33
C THR B 204 -17.18 -32.20 18.89
N VAL B 205 -17.83 -31.10 19.27
CA VAL B 205 -17.13 -29.88 19.60
C VAL B 205 -17.52 -29.45 21.00
N LEU B 206 -16.52 -29.41 21.90
CA LEU B 206 -16.72 -28.81 23.21
C LEU B 206 -16.50 -27.29 23.10
N LEU B 207 -17.40 -26.53 23.71
CA LEU B 207 -17.27 -25.09 23.74
C LEU B 207 -17.31 -24.63 25.18
N VAL B 208 -16.17 -24.17 25.70
CA VAL B 208 -16.12 -23.70 27.08
C VAL B 208 -16.54 -22.24 27.17
N GLY B 209 -17.52 -21.93 28.02
CA GLY B 209 -18.02 -20.55 28.19
C GLY B 209 -19.51 -20.35 27.92
N SER B 210 -20.07 -19.25 28.40
CA SER B 210 -21.52 -19.05 28.32
C SER B 210 -21.97 -17.65 27.83
N SER B 211 -21.23 -17.08 26.88
CA SER B 211 -21.57 -15.75 26.37
C SER B 211 -21.65 -15.73 24.84
N TYR B 212 -21.60 -14.52 24.24
CA TYR B 212 -21.78 -14.35 22.79
C TYR B 212 -20.96 -15.34 21.97
N SER B 213 -19.67 -15.49 22.25
CA SER B 213 -18.84 -16.37 21.44
C SER B 213 -19.31 -17.82 21.50
N ALA B 214 -19.67 -18.27 22.71
CA ALA B 214 -20.26 -19.59 22.90
C ALA B 214 -21.48 -19.76 22.00
N GLU B 215 -22.54 -18.99 22.29
CA GLU B 215 -23.73 -18.91 21.46
C GLU B 215 -23.44 -19.00 19.97
N ASP B 216 -22.62 -18.10 19.43
CA ASP B 216 -22.50 -17.99 17.99
C ASP B 216 -21.55 -18.98 17.34
N ILE B 217 -20.50 -19.39 18.04
CA ILE B 217 -19.59 -20.33 17.41
C ILE B 217 -20.29 -21.70 17.39
N GLY B 218 -21.03 -21.99 18.45
CA GLY B 218 -21.88 -23.17 18.48
C GLY B 218 -22.80 -23.13 17.28
N SER B 219 -23.65 -22.10 17.25
CA SER B 219 -24.58 -21.89 16.15
C SER B 219 -23.89 -22.12 14.82
N GLN B 220 -22.70 -21.57 14.67
CA GLN B 220 -22.07 -21.62 13.38
C GLN B 220 -21.63 -23.05 13.06
N CYS B 221 -21.11 -23.76 14.06
CA CYS B 221 -20.73 -25.16 13.91
C CYS B 221 -21.92 -26.03 13.52
N TYR B 222 -23.00 -25.86 14.29
CA TYR B 222 -24.27 -26.52 14.01
C TYR B 222 -24.68 -26.26 12.56
N LYS B 223 -24.95 -24.99 12.26
CA LYS B 223 -25.35 -24.62 10.92
C LYS B 223 -24.52 -25.28 9.81
N TYR B 224 -23.22 -25.52 10.00
CA TYR B 224 -22.40 -26.07 8.87
C TYR B 224 -22.05 -27.56 9.02
N GLY B 225 -22.81 -28.24 9.89
CA GLY B 225 -22.83 -29.71 9.92
C GLY B 225 -21.95 -30.41 10.93
N ALA B 226 -21.90 -29.91 12.15
CA ALA B 226 -21.14 -30.59 13.17
C ALA B 226 -21.98 -31.78 13.70
N LYS B 227 -21.33 -32.90 14.01
CA LYS B 227 -22.08 -34.02 14.59
C LYS B 227 -22.74 -33.66 15.94
N LYS B 228 -22.02 -33.02 16.85
CA LYS B 228 -22.53 -32.81 18.21
C LYS B 228 -21.84 -31.62 18.89
N LEU B 229 -22.60 -30.96 19.77
CA LEU B 229 -22.11 -29.76 20.43
C LEU B 229 -22.32 -29.83 21.93
N ILE B 230 -21.27 -29.48 22.67
CA ILE B 230 -21.40 -29.38 24.11
C ILE B 230 -20.87 -28.03 24.64
N SER B 231 -21.76 -27.23 25.22
CA SER B 231 -21.41 -26.04 25.98
C SER B 231 -21.25 -26.41 27.42
N CYS B 232 -20.30 -25.78 28.10
CA CYS B 232 -20.25 -25.85 29.55
C CYS B 232 -20.04 -24.48 30.16
N TYR B 233 -20.57 -24.25 31.35
CA TYR B 233 -20.64 -22.91 31.91
C TYR B 233 -19.95 -22.80 33.25
N ARG B 234 -19.28 -21.67 33.48
CA ARG B 234 -18.62 -21.42 34.77
C ARG B 234 -19.67 -21.16 35.86
N THR B 235 -20.49 -20.12 35.70
CA THR B 235 -21.44 -19.75 36.77
C THR B 235 -22.90 -20.15 36.53
N ALA B 236 -23.48 -19.72 35.39
CA ALA B 236 -24.88 -19.99 35.08
C ALA B 236 -25.01 -20.49 33.64
N PRO B 237 -26.04 -21.31 33.35
CA PRO B 237 -26.16 -21.82 31.97
C PRO B 237 -26.72 -20.76 31.04
N MET B 238 -26.31 -20.81 29.76
CA MET B 238 -26.77 -19.84 28.78
C MET B 238 -28.30 -19.68 28.81
N GLY B 239 -29.03 -20.80 28.75
CA GLY B 239 -30.49 -20.82 28.97
C GLY B 239 -31.38 -21.10 27.78
N TYR B 240 -30.84 -21.02 26.56
CA TYR B 240 -31.66 -21.16 25.36
C TYR B 240 -32.00 -22.62 25.04
N LYS B 241 -33.02 -22.82 24.20
CA LYS B 241 -33.37 -24.18 23.74
C LYS B 241 -32.49 -24.51 22.55
N TRP B 242 -31.45 -25.29 22.81
CA TRP B 242 -30.53 -25.72 21.76
C TRP B 242 -31.12 -26.89 20.99
N PRO B 243 -30.82 -26.97 19.67
CA PRO B 243 -31.18 -28.13 18.85
C PRO B 243 -30.88 -29.49 19.51
N GLU B 244 -31.48 -30.52 18.91
CA GLU B 244 -31.36 -31.92 19.32
C GLU B 244 -29.89 -32.36 19.63
N ASN B 245 -28.92 -31.96 18.80
CA ASN B 245 -27.51 -32.38 19.01
C ASN B 245 -26.57 -31.38 19.74
N TRP B 246 -27.07 -30.75 20.81
CA TRP B 246 -26.35 -29.72 21.55
C TRP B 246 -26.83 -29.71 23.02
N ASP B 247 -25.94 -30.06 23.97
CA ASP B 247 -26.26 -30.00 25.42
C ASP B 247 -25.53 -28.89 26.15
N GLU B 248 -26.13 -28.41 27.23
CA GLU B 248 -25.42 -27.58 28.18
C GLU B 248 -25.22 -28.39 29.45
N ARG B 249 -23.99 -28.43 29.94
CA ARG B 249 -23.74 -29.02 31.24
C ARG B 249 -22.80 -28.11 32.00
N PRO B 250 -22.70 -28.30 33.32
CA PRO B 250 -21.81 -27.45 34.12
C PRO B 250 -20.34 -27.64 33.77
N ASN B 251 -19.49 -26.78 34.35
CA ASN B 251 -18.12 -26.56 33.86
C ASN B 251 -17.25 -27.78 33.69
N LEU B 252 -16.46 -27.78 32.62
CA LEU B 252 -15.39 -28.75 32.39
C LEU B 252 -14.43 -28.82 33.61
N VAL B 253 -13.92 -30.00 33.92
CA VAL B 253 -13.01 -30.12 35.08
C VAL B 253 -11.68 -30.72 34.68
N ARG B 254 -11.70 -31.70 33.77
CA ARG B 254 -10.46 -32.27 33.28
C ARG B 254 -10.67 -32.90 31.92
N VAL B 255 -9.57 -33.38 31.35
CA VAL B 255 -9.59 -33.89 30.01
C VAL B 255 -8.63 -35.07 29.89
N ASP B 256 -8.90 -35.89 28.88
CA ASP B 256 -8.35 -37.22 28.73
C ASP B 256 -7.62 -37.22 27.40
N THR B 257 -7.12 -38.37 26.97
CA THR B 257 -6.64 -38.48 25.61
C THR B 257 -7.73 -38.15 24.58
N GLU B 258 -8.99 -38.35 24.95
CA GLU B 258 -10.11 -38.17 23.99
C GLU B 258 -11.45 -37.79 24.63
N ASN B 259 -11.47 -37.67 25.95
CA ASN B 259 -12.72 -37.39 26.65
C ASN B 259 -12.69 -36.17 27.56
N ALA B 260 -13.84 -35.59 27.79
CA ALA B 260 -13.96 -34.47 28.71
C ALA B 260 -14.78 -34.88 29.93
N TYR B 261 -14.48 -34.27 31.07
CA TYR B 261 -15.11 -34.63 32.34
C TYR B 261 -15.62 -33.38 33.01
N PHE B 262 -16.89 -33.38 33.41
CA PHE B 262 -17.56 -32.18 33.93
C PHE B 262 -18.00 -32.33 35.40
N ALA B 263 -18.35 -31.22 36.05
CA ALA B 263 -18.81 -31.23 37.46
C ALA B 263 -20.12 -32.03 37.64
N ASP B 264 -20.83 -32.24 36.52
CA ASP B 264 -21.85 -33.29 36.39
C ASP B 264 -21.41 -34.58 37.07
N GLY B 265 -20.19 -35.00 36.74
CA GLY B 265 -19.75 -36.38 36.90
C GLY B 265 -19.79 -37.04 35.51
N SER B 266 -20.36 -36.34 34.52
CA SER B 266 -20.55 -36.91 33.17
C SER B 266 -19.27 -36.99 32.31
N SER B 267 -19.41 -37.55 31.11
CA SER B 267 -18.29 -37.88 30.23
C SER B 267 -18.70 -37.91 28.77
N GLU B 268 -17.82 -37.49 27.89
CA GLU B 268 -18.11 -37.52 26.46
C GLU B 268 -16.84 -37.61 25.66
N LYS B 269 -16.90 -38.30 24.54
CA LYS B 269 -15.82 -38.29 23.57
C LYS B 269 -15.91 -36.95 22.85
N VAL B 270 -14.76 -36.29 22.66
CA VAL B 270 -14.70 -34.94 22.08
C VAL B 270 -13.60 -34.86 21.04
N ASP B 271 -13.87 -34.20 19.92
CA ASP B 271 -12.90 -34.08 18.82
C ASP B 271 -12.02 -32.80 18.87
N ALA B 272 -12.59 -31.74 19.46
CA ALA B 272 -12.00 -30.39 19.46
C ALA B 272 -12.58 -29.54 20.57
N ILE B 273 -11.72 -28.76 21.23
CA ILE B 273 -12.19 -27.87 22.27
C ILE B 273 -12.00 -26.43 21.86
N ILE B 274 -13.06 -25.63 21.96
CA ILE B 274 -12.98 -24.22 21.63
C ILE B 274 -13.21 -23.41 22.90
N LEU B 275 -12.20 -22.66 23.29
CA LEU B 275 -12.29 -21.82 24.47
C LEU B 275 -12.97 -20.48 24.15
N CYS B 276 -14.18 -20.31 24.68
CA CYS B 276 -14.95 -19.09 24.46
C CYS B 276 -15.00 -18.31 25.76
N THR B 277 -13.79 -18.03 26.27
CA THR B 277 -13.60 -17.53 27.62
C THR B 277 -13.25 -16.05 27.67
N GLY B 278 -13.37 -15.38 26.53
CA GLY B 278 -13.23 -13.95 26.50
C GLY B 278 -11.82 -13.45 26.27
N TYR B 279 -11.63 -12.16 26.58
CA TYR B 279 -10.40 -11.46 26.28
C TYR B 279 -9.90 -10.60 27.42
N ILE B 280 -8.64 -10.19 27.32
CA ILE B 280 -8.08 -9.33 28.33
C ILE B 280 -7.72 -8.01 27.67
N HIS B 281 -7.79 -6.93 28.45
CA HIS B 281 -7.31 -5.63 28.03
C HIS B 281 -5.81 -5.68 28.07
N HIS B 282 -5.18 -5.63 26.92
CA HIS B 282 -3.74 -5.79 26.87
C HIS B 282 -3.12 -4.68 26.05
N PHE B 283 -2.26 -3.88 26.66
CA PHE B 283 -1.64 -2.78 25.91
C PHE B 283 -0.16 -2.86 26.09
N PRO B 284 0.51 -3.70 25.28
CA PRO B 284 1.94 -3.90 25.49
C PRO B 284 2.82 -2.69 25.09
N PHE B 285 2.21 -1.66 24.52
CA PHE B 285 2.93 -0.46 24.12
C PHE B 285 2.87 0.68 25.14
N LEU B 286 2.28 0.41 26.32
CA LEU B 286 2.08 1.44 27.34
C LEU B 286 2.79 1.08 28.63
N ASN B 287 3.33 2.07 29.33
CA ASN B 287 3.84 1.83 30.67
C ASN B 287 2.77 2.05 31.69
N ASP B 288 3.02 1.72 32.96
CA ASP B 288 1.98 1.82 33.99
C ASP B 288 1.35 3.19 34.20
N ASP B 289 2.06 4.24 33.79
CA ASP B 289 1.56 5.60 33.92
C ASP B 289 0.35 5.89 33.00
N LEU B 290 0.22 5.12 31.92
CA LEU B 290 -0.81 5.30 30.88
C LEU B 290 -1.69 4.06 30.64
N ARG B 291 -1.26 2.92 31.16
CA ARG B 291 -1.90 1.65 30.87
C ARG B 291 -3.17 1.39 31.68
N LEU B 292 -4.30 1.33 30.98
CA LEU B 292 -5.57 0.94 31.59
C LEU B 292 -5.57 -0.52 32.00
N VAL B 293 -5.98 -0.76 33.24
CA VAL B 293 -6.06 -2.10 33.78
C VAL B 293 -7.49 -2.32 34.26
N THR B 294 -8.20 -3.23 33.61
CA THR B 294 -9.58 -3.53 33.96
C THR B 294 -10.03 -4.87 33.40
N ASN B 295 -11.04 -5.45 34.04
CA ASN B 295 -11.77 -6.59 33.53
C ASN B 295 -12.83 -6.00 32.59
N ASN B 296 -13.39 -6.84 31.73
CA ASN B 296 -14.42 -6.39 30.79
C ASN B 296 -15.74 -5.98 31.45
N ARG B 297 -16.17 -4.74 31.27
CA ARG B 297 -17.28 -4.24 32.06
C ARG B 297 -17.84 -2.96 31.51
N LEU B 298 -19.03 -2.56 31.98
CA LEU B 298 -19.70 -1.36 31.43
C LEU B 298 -19.04 -0.09 31.91
N TRP B 299 -18.41 -0.13 33.08
CA TRP B 299 -17.71 1.05 33.57
C TRP B 299 -16.31 0.82 34.15
N PRO B 300 -15.29 0.73 33.26
CA PRO B 300 -13.92 0.70 33.80
C PRO B 300 -13.59 1.98 34.53
N LEU B 301 -12.77 1.87 35.56
CA LEU B 301 -12.38 3.00 36.37
C LEU B 301 -11.17 3.73 35.75
N ASN B 302 -11.06 5.03 36.04
CA ASN B 302 -9.97 5.89 35.56
C ASN B 302 -10.18 6.61 34.29
N LEU B 303 -11.39 6.51 33.76
CA LEU B 303 -11.70 7.19 32.54
C LEU B 303 -12.78 8.18 32.86
N TYR B 304 -12.48 9.46 32.76
CA TYR B 304 -13.48 10.48 32.98
C TYR B 304 -14.35 10.48 31.76
N LYS B 305 -15.67 10.42 31.98
CA LYS B 305 -16.69 10.23 30.94
C LYS B 305 -16.38 8.98 30.14
N GLY B 306 -15.69 8.04 30.77
CA GLY B 306 -15.34 6.79 30.15
C GLY B 306 -14.31 6.90 29.03
N VAL B 307 -13.69 8.06 28.85
CA VAL B 307 -12.69 8.20 27.79
C VAL B 307 -11.37 8.88 28.14
N VAL B 308 -11.39 9.88 29.03
CA VAL B 308 -10.17 10.64 29.38
C VAL B 308 -9.39 9.94 30.48
N TRP B 309 -8.11 9.65 30.25
CA TRP B 309 -7.27 8.98 31.23
C TRP B 309 -6.99 9.91 32.41
N GLU B 310 -7.48 9.53 33.59
CA GLU B 310 -7.51 10.44 34.74
C GLU B 310 -6.14 10.87 35.30
N ASP B 311 -5.13 10.00 35.17
CA ASP B 311 -3.76 10.30 35.58
C ASP B 311 -2.97 11.11 34.58
N ASN B 312 -3.46 11.20 33.34
CA ASN B 312 -2.85 12.01 32.26
C ASN B 312 -3.86 12.39 31.18
N PRO B 313 -4.66 13.45 31.43
CA PRO B 313 -5.76 13.80 30.55
C PRO B 313 -5.42 14.22 29.13
N LYS B 314 -4.18 14.05 28.71
CA LYS B 314 -3.87 14.31 27.30
C LYS B 314 -3.90 12.98 26.53
N PHE B 315 -4.23 11.91 27.24
CA PHE B 315 -4.31 10.57 26.71
C PHE B 315 -5.76 10.06 26.85
N PHE B 316 -6.29 9.47 25.78
CA PHE B 316 -7.69 9.10 25.71
C PHE B 316 -7.86 7.66 25.29
N TYR B 317 -8.97 7.06 25.71
CA TYR B 317 -9.31 5.71 25.31
C TYR B 317 -10.68 5.66 24.66
N ILE B 318 -10.79 4.98 23.53
CA ILE B 318 -12.08 4.85 22.86
C ILE B 318 -12.54 3.38 22.83
N GLY B 319 -13.80 3.15 23.16
CA GLY B 319 -14.40 1.83 23.06
C GLY B 319 -13.88 0.77 24.01
N MET B 320 -13.45 1.17 25.20
CA MET B 320 -12.84 0.21 26.11
C MET B 320 -13.85 -0.44 27.04
N GLN B 321 -15.09 0.06 27.02
CA GLN B 321 -16.19 -0.52 27.79
C GLN B 321 -16.65 -1.82 27.15
N ASP B 322 -17.36 -2.64 27.92
CA ASP B 322 -18.08 -3.77 27.34
C ASP B 322 -19.20 -3.21 26.47
N GLN B 323 -19.61 -3.97 25.46
CA GLN B 323 -20.49 -3.44 24.41
C GLN B 323 -21.91 -4.05 24.28
N TRP B 324 -22.91 -3.18 24.40
CA TRP B 324 -24.25 -3.48 23.92
C TRP B 324 -24.42 -2.61 22.69
N TYR B 325 -24.46 -1.30 22.90
CA TYR B 325 -24.18 -0.34 21.84
C TYR B 325 -22.75 -0.54 21.34
N SER B 326 -22.43 -0.06 20.15
CA SER B 326 -21.05 -0.08 19.68
C SER B 326 -20.67 1.14 18.82
N PHE B 327 -20.83 1.05 17.50
CA PHE B 327 -20.37 2.10 16.58
C PHE B 327 -20.78 3.48 17.05
N ASN B 328 -22.07 3.60 17.23
CA ASN B 328 -22.78 4.63 17.94
C ASN B 328 -22.11 5.24 19.13
N MET B 329 -21.63 4.37 20.01
CA MET B 329 -21.02 4.75 21.27
C MET B 329 -19.65 5.34 20.99
N PHE B 330 -18.87 4.60 20.20
CA PHE B 330 -17.56 5.07 19.78
C PHE B 330 -17.65 6.46 19.22
N ASP B 331 -18.68 6.74 18.43
CA ASP B 331 -18.87 8.07 17.92
C ASP B 331 -19.05 9.06 19.06
N ALA B 332 -19.99 8.76 19.96
CA ALA B 332 -20.29 9.68 21.05
C ALA B 332 -19.00 9.98 21.82
N GLN B 333 -18.15 8.95 21.95
CA GLN B 333 -16.87 9.02 22.61
C GLN B 333 -15.83 9.84 21.86
N ALA B 334 -15.63 9.54 20.58
CA ALA B 334 -14.73 10.28 19.71
C ALA B 334 -15.08 11.76 19.62
N TRP B 335 -16.36 12.08 19.48
CA TRP B 335 -16.80 13.47 19.43
C TRP B 335 -16.48 14.15 20.72
N TYR B 336 -16.62 13.45 21.84
CA TYR B 336 -16.31 14.05 23.12
C TYR B 336 -14.80 14.28 23.23
N ALA B 337 -14.03 13.22 23.05
CA ALA B 337 -12.59 13.32 22.99
C ALA B 337 -12.13 14.47 22.12
N ARG B 338 -12.66 14.60 20.92
CA ARG B 338 -12.15 15.64 20.07
C ARG B 338 -12.47 17.00 20.64
N ASP B 339 -13.67 17.16 21.20
CA ASP B 339 -14.06 18.44 21.76
C ASP B 339 -13.21 18.86 22.96
N VAL B 340 -12.78 17.90 23.78
CA VAL B 340 -11.81 18.23 24.82
C VAL B 340 -10.44 18.55 24.25
N ILE B 341 -9.95 17.78 23.29
CA ILE B 341 -8.69 18.09 22.61
C ILE B 341 -8.72 19.48 21.99
N MET B 342 -9.85 19.86 21.39
CA MET B 342 -9.97 21.14 20.72
C MET B 342 -10.28 22.32 21.67
N GLY B 343 -10.35 22.05 22.97
CA GLY B 343 -10.60 23.12 23.94
C GLY B 343 -12.06 23.55 24.05
N ARG B 344 -12.96 22.84 23.39
CA ARG B 344 -14.37 23.18 23.44
C ARG B 344 -15.04 22.72 24.75
N LEU B 345 -14.45 21.73 25.41
CA LEU B 345 -14.97 21.22 26.69
C LEU B 345 -13.86 21.10 27.71
N PRO B 346 -13.58 22.19 28.46
CA PRO B 346 -12.50 22.12 29.46
C PRO B 346 -12.80 21.10 30.53
N LEU B 347 -11.76 20.42 30.99
CA LEU B 347 -11.90 19.38 31.99
C LEU B 347 -12.01 19.97 33.38
N PRO B 348 -12.76 19.32 34.28
CA PRO B 348 -12.68 19.79 35.64
C PRO B 348 -11.33 19.41 36.30
N SER B 349 -11.19 19.71 37.59
CA SER B 349 -9.99 19.33 38.33
C SER B 349 -10.01 17.82 38.46
N LYS B 350 -8.88 17.25 38.89
CA LYS B 350 -8.74 15.81 38.99
C LYS B 350 -9.72 15.22 40.01
N GLU B 351 -10.01 15.97 41.07
CA GLU B 351 -10.85 15.48 42.17
C GLU B 351 -12.28 15.31 41.70
N GLU B 352 -12.70 16.25 40.88
CA GLU B 352 -14.06 16.27 40.33
C GLU B 352 -14.21 15.12 39.36
N MET B 353 -13.22 14.91 38.50
CA MET B 353 -13.18 13.76 37.59
C MET B 353 -13.35 12.45 38.36
N LYS B 354 -12.56 12.29 39.41
CA LYS B 354 -12.54 11.09 40.21
C LYS B 354 -13.89 10.87 40.87
N ALA B 355 -14.49 11.94 41.38
CA ALA B 355 -15.82 11.93 42.02
C ALA B 355 -16.96 11.55 41.05
N ASP B 356 -16.93 12.14 39.85
CA ASP B 356 -17.85 11.77 38.79
C ASP B 356 -17.74 10.29 38.42
N SER B 357 -16.50 9.79 38.26
CA SER B 357 -16.32 8.41 37.83
C SER B 357 -16.79 7.45 38.91
N MET B 358 -16.65 7.86 40.16
CA MET B 358 -17.13 7.05 41.25
C MET B 358 -18.66 6.95 41.24
N ALA B 359 -19.34 8.07 40.98
CA ALA B 359 -20.81 8.04 40.83
C ALA B 359 -21.27 7.07 39.74
N TRP B 360 -20.61 7.09 38.59
CA TRP B 360 -20.89 6.10 37.52
C TRP B 360 -20.62 4.66 37.92
N ARG B 361 -19.57 4.43 38.69
CA ARG B 361 -19.25 3.08 39.12
C ARG B 361 -20.32 2.55 40.09
N GLU B 362 -20.70 3.37 41.07
CA GLU B 362 -21.74 3.03 42.05
C GLU B 362 -22.98 2.56 41.33
N LYS B 363 -23.46 3.38 40.41
CA LYS B 363 -24.60 3.02 39.60
C LYS B 363 -24.34 1.74 38.80
N GLU B 364 -23.17 1.58 38.19
CA GLU B 364 -22.88 0.34 37.46
C GLU B 364 -23.06 -0.89 38.32
N LEU B 365 -22.78 -0.79 39.62
CA LEU B 365 -22.82 -1.96 40.50
C LEU B 365 -24.23 -2.38 40.89
N THR B 366 -25.15 -1.44 40.70
CA THR B 366 -26.60 -1.60 40.86
C THR B 366 -27.25 -2.54 39.83
N LEU B 367 -26.61 -2.70 38.68
CA LEU B 367 -27.24 -3.37 37.54
C LEU B 367 -27.41 -4.86 37.70
N VAL B 368 -28.62 -5.37 37.42
CA VAL B 368 -28.88 -6.81 37.53
C VAL B 368 -29.28 -7.44 36.20
N THR B 369 -30.22 -6.81 35.50
CA THR B 369 -30.78 -7.39 34.29
C THR B 369 -30.16 -6.84 33.03
N ALA B 370 -30.02 -7.69 32.02
CA ALA B 370 -29.69 -7.24 30.69
C ALA B 370 -30.35 -5.86 30.43
N GLU B 371 -31.65 -5.74 30.63
CA GLU B 371 -32.31 -4.49 30.30
C GLU B 371 -31.72 -3.31 31.04
N GLU B 372 -31.39 -3.50 32.31
CA GLU B 372 -30.83 -2.40 33.10
C GLU B 372 -29.47 -2.01 32.55
N MET B 373 -28.75 -3.02 32.04
CA MET B 373 -27.37 -2.87 31.59
C MET B 373 -27.25 -2.01 30.34
N TYR B 374 -27.93 -2.40 29.26
CA TYR B 374 -27.89 -1.57 28.06
C TYR B 374 -28.58 -0.21 28.24
N THR B 375 -29.49 -0.10 29.19
CA THR B 375 -30.13 1.19 29.48
C THR B 375 -29.11 2.10 30.16
N TYR B 376 -28.21 1.49 30.94
CA TYR B 376 -27.10 2.21 31.56
C TYR B 376 -26.16 2.75 30.49
N GLN B 377 -25.70 1.88 29.59
CA GLN B 377 -24.89 2.31 28.46
C GLN B 377 -25.63 3.42 27.70
N GLY B 378 -26.94 3.25 27.55
CA GLY B 378 -27.77 4.26 26.91
C GLY B 378 -27.70 5.60 27.63
N ASP B 379 -27.74 5.59 28.95
CA ASP B 379 -27.68 6.84 29.69
C ASP B 379 -26.33 7.52 29.58
N TYR B 380 -25.31 6.68 29.49
CA TYR B 380 -23.94 7.11 29.33
C TYR B 380 -23.79 7.80 27.98
N ILE B 381 -24.23 7.11 26.92
CA ILE B 381 -24.19 7.69 25.59
C ILE B 381 -25.00 8.98 25.54
N GLN B 382 -26.18 8.98 26.16
CA GLN B 382 -27.02 10.17 26.26
C GLN B 382 -26.25 11.36 26.81
N ASN B 383 -25.57 11.13 27.94
CA ASN B 383 -24.72 12.14 28.54
C ASN B 383 -23.63 12.64 27.59
N LEU B 384 -23.07 11.74 26.79
CA LEU B 384 -22.00 12.12 25.86
C LEU B 384 -22.48 12.97 24.70
N ILE B 385 -23.59 12.57 24.07
CA ILE B 385 -24.05 13.23 22.86
C ILE B 385 -24.68 14.59 23.12
N ASP B 386 -25.13 14.81 24.35
CA ASP B 386 -25.68 16.11 24.75
C ASP B 386 -24.62 17.18 24.88
N MET B 387 -23.35 16.79 24.86
CA MET B 387 -22.26 17.73 25.07
C MET B 387 -21.60 18.21 23.77
N THR B 388 -22.17 17.75 22.66
CA THR B 388 -21.45 17.65 21.43
C THR B 388 -22.37 17.79 20.21
N ASP B 389 -21.94 18.65 19.30
CA ASP B 389 -22.10 18.53 17.85
C ASP B 389 -22.86 17.30 17.36
N TYR B 390 -22.53 16.11 17.87
CA TYR B 390 -23.08 14.83 17.41
C TYR B 390 -24.58 14.85 17.49
N PRO B 391 -25.24 14.43 16.40
CA PRO B 391 -26.70 14.50 16.28
C PRO B 391 -27.32 13.65 17.36
N SER B 392 -28.24 14.22 18.11
CA SER B 392 -28.91 13.41 19.11
C SER B 392 -29.89 12.52 18.39
N PHE B 393 -30.11 11.34 18.92
CA PHE B 393 -31.05 10.39 18.35
C PHE B 393 -31.79 9.73 19.48
N ASP B 394 -32.77 8.89 19.16
CA ASP B 394 -33.71 8.41 20.17
C ASP B 394 -33.10 7.24 20.92
N ILE B 395 -32.55 7.51 22.10
CA ILE B 395 -31.90 6.44 22.86
C ILE B 395 -32.91 5.50 23.49
N PRO B 396 -33.93 6.05 24.21
CA PRO B 396 -34.98 5.16 24.71
C PRO B 396 -35.52 4.24 23.60
N ALA B 397 -35.67 4.75 22.39
CA ALA B 397 -36.18 3.93 21.32
C ALA B 397 -35.19 2.84 20.95
N THR B 398 -33.89 3.13 21.05
CA THR B 398 -32.83 2.16 20.78
C THR B 398 -32.80 1.10 21.87
N ASN B 399 -32.93 1.53 23.12
CA ASN B 399 -33.12 0.60 24.23
C ASN B 399 -34.23 -0.45 23.99
N LYS B 400 -35.43 0.02 23.62
CA LYS B 400 -36.55 -0.83 23.21
C LYS B 400 -36.21 -1.83 22.10
N THR B 401 -35.49 -1.38 21.06
CA THR B 401 -35.01 -2.29 20.04
C THR B 401 -34.13 -3.42 20.64
N PHE B 402 -33.32 -3.09 21.63
CA PHE B 402 -32.50 -4.10 22.32
C PHE B 402 -33.41 -5.07 23.03
N LEU B 403 -34.47 -4.53 23.66
CA LEU B 403 -35.45 -5.34 24.36
C LEU B 403 -36.14 -6.35 23.45
N GLU B 404 -36.54 -5.91 22.25
CA GLU B 404 -37.12 -6.84 21.28
C GLU B 404 -36.13 -7.93 20.96
N TRP B 405 -34.95 -7.52 20.51
CA TRP B 405 -33.80 -8.41 20.25
C TRP B 405 -33.58 -9.46 21.34
N LYS B 406 -33.59 -9.03 22.60
CA LYS B 406 -33.51 -9.98 23.71
C LYS B 406 -34.61 -11.04 23.60
N HIS B 407 -35.86 -10.58 23.47
CA HIS B 407 -37.01 -11.48 23.33
C HIS B 407 -36.87 -12.45 22.17
N HIS B 408 -36.53 -11.95 20.99
CA HIS B 408 -36.35 -12.83 19.85
C HIS B 408 -35.33 -13.94 20.10
N LYS B 409 -34.30 -13.66 20.90
CA LYS B 409 -33.29 -14.64 21.22
C LYS B 409 -33.89 -15.69 22.15
N LYS B 410 -34.60 -15.24 23.18
CA LYS B 410 -35.29 -16.13 24.12
C LYS B 410 -36.34 -17.02 23.47
N GLU B 411 -37.09 -16.47 22.52
CA GLU B 411 -38.06 -17.25 21.74
C GLU B 411 -37.30 -18.37 21.00
N ASN B 412 -36.54 -18.00 19.98
CA ASN B 412 -35.72 -18.98 19.31
C ASN B 412 -34.32 -18.47 18.95
N ILE B 413 -33.32 -19.00 19.67
CA ILE B 413 -31.90 -18.63 19.56
C ILE B 413 -31.28 -18.92 18.18
N MET B 414 -32.01 -19.66 17.35
CA MET B 414 -31.53 -20.02 16.04
C MET B 414 -32.19 -19.19 14.96
N THR B 415 -33.22 -18.42 15.34
CA THR B 415 -33.96 -17.61 14.37
C THR B 415 -34.11 -16.17 14.76
N PHE B 416 -33.35 -15.72 15.75
CA PHE B 416 -33.42 -14.32 16.19
C PHE B 416 -32.94 -13.42 15.05
N ARG B 417 -32.07 -13.93 14.18
CA ARG B 417 -31.51 -13.14 13.08
C ARG B 417 -32.47 -12.94 11.92
N ASP B 418 -33.65 -13.55 12.02
CA ASP B 418 -34.60 -13.55 10.88
C ASP B 418 -35.62 -12.43 10.97
N HIS B 419 -35.70 -11.79 12.14
CA HIS B 419 -36.54 -10.62 12.39
C HIS B 419 -35.97 -9.32 11.82
N SER B 420 -36.75 -8.24 11.94
CA SER B 420 -36.37 -6.94 11.39
C SER B 420 -36.86 -5.82 12.30
N TYR B 421 -36.17 -4.67 12.29
CA TYR B 421 -36.45 -3.58 13.22
C TYR B 421 -36.43 -2.24 12.52
N ARG B 422 -36.93 -1.24 13.23
CA ARG B 422 -37.10 0.10 12.70
C ARG B 422 -35.79 0.91 12.87
N SER B 423 -35.22 1.43 11.78
CA SER B 423 -34.11 2.39 11.89
C SER B 423 -34.51 3.60 12.75
N LEU B 424 -33.58 4.09 13.56
CA LEU B 424 -33.88 5.19 14.50
C LEU B 424 -33.33 6.48 13.96
N MET B 425 -32.69 6.39 12.81
CA MET B 425 -32.15 7.54 12.17
C MET B 425 -33.13 8.01 11.10
N THR B 426 -33.63 7.06 10.31
CA THR B 426 -34.46 7.36 9.14
C THR B 426 -35.94 7.07 9.37
N GLY B 427 -36.25 6.11 10.23
CA GLY B 427 -37.64 5.73 10.49
C GLY B 427 -38.11 4.56 9.64
N THR B 428 -37.40 4.29 8.54
CA THR B 428 -37.77 3.20 7.62
C THR B 428 -37.58 1.81 8.26
N MET B 429 -38.67 1.03 8.36
CA MET B 429 -38.61 -0.36 8.88
C MET B 429 -37.84 -1.25 7.90
N ALA B 430 -37.08 -2.22 8.42
CA ALA B 430 -36.23 -3.00 7.57
C ALA B 430 -37.00 -4.18 6.99
N PRO B 431 -36.72 -4.54 5.72
CA PRO B 431 -37.32 -5.73 5.08
C PRO B 431 -36.89 -7.01 5.73
N LYS B 432 -37.68 -8.08 5.59
CA LYS B 432 -37.19 -9.43 5.88
C LYS B 432 -36.11 -9.83 4.85
N HIS B 433 -35.22 -10.73 5.22
CA HIS B 433 -34.16 -11.08 4.31
C HIS B 433 -34.58 -12.20 3.35
N HIS B 434 -34.16 -12.05 2.09
CA HIS B 434 -34.47 -13.06 1.08
C HIS B 434 -34.27 -14.56 1.44
N THR B 435 -33.36 -14.87 2.36
CA THR B 435 -33.14 -16.26 2.80
C THR B 435 -33.20 -16.33 4.34
N PRO B 436 -33.90 -17.34 4.91
CA PRO B 436 -33.79 -17.38 6.37
C PRO B 436 -32.34 -17.73 6.78
N TRP B 437 -32.03 -17.50 8.06
CA TRP B 437 -30.63 -17.54 8.51
C TRP B 437 -30.01 -18.92 8.29
N ILE B 438 -30.64 -19.94 8.89
CA ILE B 438 -30.14 -21.32 8.83
C ILE B 438 -29.75 -21.80 7.40
N ASP B 439 -30.36 -21.17 6.39
CA ASP B 439 -30.16 -21.61 5.02
C ASP B 439 -29.23 -20.72 4.21
N ALA B 440 -28.98 -19.50 4.68
CA ALA B 440 -28.04 -18.60 3.98
C ALA B 440 -26.61 -19.05 4.23
N LEU B 441 -26.15 -19.97 3.39
CA LEU B 441 -24.84 -20.59 3.58
C LEU B 441 -23.72 -19.73 3.04
N ASP B 442 -24.03 -18.98 1.97
CA ASP B 442 -23.10 -18.04 1.38
C ASP B 442 -23.09 -16.76 2.26
N ASP B 443 -21.90 -16.32 2.66
CA ASP B 443 -21.78 -15.19 3.60
C ASP B 443 -21.43 -13.87 2.94
N SER B 444 -21.39 -13.86 1.61
CA SER B 444 -20.84 -12.71 0.89
C SER B 444 -21.81 -11.52 0.71
N LEU B 445 -21.21 -10.32 0.76
CA LEU B 445 -21.81 -9.04 0.33
C LEU B 445 -22.66 -9.28 -0.91
N GLU B 446 -21.95 -9.60 -2.00
CA GLU B 446 -22.50 -10.15 -3.24
C GLU B 446 -23.84 -10.86 -3.08
N ALA B 447 -23.81 -11.99 -2.37
CA ALA B 447 -25.00 -12.83 -2.18
C ALA B 447 -26.06 -12.23 -1.27
N TYR B 448 -25.67 -11.32 -0.38
CA TYR B 448 -26.63 -10.78 0.61
C TYR B 448 -27.43 -9.61 0.02
N LEU B 449 -26.80 -8.88 -0.90
CA LEU B 449 -27.37 -7.65 -1.47
C LEU B 449 -28.18 -7.83 -2.78
N SER B 450 -28.00 -8.97 -3.49
CA SER B 450 -28.70 -9.19 -4.77
C SER B 450 -30.15 -9.70 -4.60
N THR C 8 28.66 -3.60 38.72
CA THR C 8 28.60 -3.93 37.24
C THR C 8 27.67 -5.11 36.87
N ARG C 9 26.72 -4.82 35.97
CA ARG C 9 25.46 -5.60 35.85
C ARG C 9 25.10 -6.06 34.42
N ILE C 10 24.65 -7.31 34.29
CA ILE C 10 24.38 -7.90 32.98
C ILE C 10 22.95 -8.33 32.85
N ALA C 11 22.31 -8.02 31.72
CA ALA C 11 20.96 -8.50 31.42
C ALA C 11 21.03 -9.60 30.37
N ILE C 12 20.38 -10.72 30.68
CA ILE C 12 20.31 -11.85 29.78
C ILE C 12 18.85 -12.04 29.39
N LEU C 13 18.57 -11.92 28.09
CA LEU C 13 17.19 -12.00 27.61
C LEU C 13 16.89 -13.41 27.10
N GLY C 14 16.09 -14.14 27.86
CA GLY C 14 15.76 -15.52 27.52
C GLY C 14 16.43 -16.59 28.37
N ALA C 15 15.67 -17.62 28.74
CA ALA C 15 16.16 -18.75 29.52
C ALA C 15 16.01 -20.08 28.76
N GLY C 16 16.16 -20.02 27.44
CA GLY C 16 16.29 -21.22 26.64
C GLY C 16 17.69 -21.79 26.80
N PRO C 17 18.05 -22.78 25.98
CA PRO C 17 19.42 -23.26 25.97
C PRO C 17 20.48 -22.18 25.95
N SER C 18 20.28 -21.10 25.21
CA SER C 18 21.32 -20.05 25.12
C SER C 18 21.37 -19.22 26.40
N GLY C 19 20.21 -18.79 26.89
CA GLY C 19 20.14 -18.13 28.20
C GLY C 19 20.80 -18.99 29.26
N MET C 20 20.37 -20.25 29.34
CA MET C 20 20.98 -21.21 30.26
C MET C 20 22.50 -21.25 30.10
N ALA C 21 22.97 -21.33 28.86
CA ALA C 21 24.38 -21.39 28.58
C ALA C 21 25.11 -20.17 29.10
N GLN C 22 24.51 -19.00 28.94
CA GLN C 22 25.17 -17.78 29.35
C GLN C 22 25.33 -17.72 30.86
N LEU C 23 24.26 -18.10 31.57
CA LEU C 23 24.30 -18.20 33.01
C LEU C 23 25.38 -19.21 33.40
N ARG C 24 25.31 -20.39 32.80
CA ARG C 24 26.31 -21.39 33.07
C ARG C 24 27.73 -20.86 32.85
N ALA C 25 27.98 -20.19 31.75
CA ALA C 25 29.34 -19.68 31.51
C ALA C 25 29.81 -18.84 32.69
N PHE C 26 29.04 -17.83 33.10
CA PHE C 26 29.44 -17.00 34.25
C PHE C 26 29.62 -17.83 35.50
N GLN C 27 28.70 -18.75 35.73
CA GLN C 27 28.77 -19.54 36.92
C GLN C 27 30.04 -20.39 36.94
N SER C 28 30.47 -20.86 35.78
CA SER C 28 31.70 -21.65 35.68
C SER C 28 32.94 -20.82 36.00
N ALA C 29 32.92 -19.55 35.63
CA ALA C 29 34.08 -18.70 35.85
C ALA C 29 34.17 -18.36 37.32
N GLN C 30 33.00 -18.24 37.94
CA GLN C 30 32.92 -18.01 39.37
C GLN C 30 33.37 -19.25 40.14
N GLU C 31 32.95 -20.42 39.68
CA GLU C 31 33.35 -21.65 40.34
C GLU C 31 34.86 -21.78 40.34
N LYS C 32 35.52 -21.34 39.27
CA LYS C 32 36.97 -21.38 39.18
C LYS C 32 37.61 -20.25 39.94
N GLY C 33 36.78 -19.41 40.56
CA GLY C 33 37.24 -18.40 41.51
C GLY C 33 37.40 -16.99 40.99
N ALA C 34 36.85 -16.68 39.81
CA ALA C 34 36.87 -15.32 39.31
C ALA C 34 35.74 -14.52 39.95
N GLU C 35 35.86 -13.20 39.94
CA GLU C 35 34.75 -12.35 40.38
C GLU C 35 33.90 -12.04 39.15
N ILE C 36 32.62 -12.39 39.21
CA ILE C 36 31.74 -12.17 38.06
C ILE C 36 30.86 -10.97 38.29
N PRO C 37 30.27 -10.43 37.21
CA PRO C 37 29.35 -9.33 37.33
C PRO C 37 28.04 -9.83 37.95
N GLU C 38 27.12 -8.91 38.19
CA GLU C 38 25.79 -9.28 38.66
C GLU C 38 24.99 -9.70 37.44
N LEU C 39 24.06 -10.61 37.65
CA LEU C 39 23.28 -11.16 36.55
C LEU C 39 21.79 -11.07 36.78
N VAL C 40 21.05 -10.65 35.76
CA VAL C 40 19.60 -10.78 35.76
C VAL C 40 19.20 -11.34 34.42
N CYS C 41 18.49 -12.46 34.44
CA CYS C 41 17.94 -13.08 33.25
C CYS C 41 16.42 -12.96 33.27
N PHE C 42 15.83 -12.48 32.17
CA PHE C 42 14.39 -12.34 32.03
C PHE C 42 13.82 -13.42 31.13
N GLU C 43 12.71 -14.02 31.54
CA GLU C 43 12.08 -15.07 30.74
C GLU C 43 10.57 -14.94 30.78
N LYS C 44 9.92 -14.94 29.62
CA LYS C 44 8.48 -14.76 29.55
C LYS C 44 7.67 -16.00 29.94
N GLN C 45 8.28 -17.18 29.86
CA GLN C 45 7.62 -18.39 30.28
C GLN C 45 7.73 -18.62 31.79
N ALA C 46 7.03 -19.65 32.27
CA ALA C 46 6.96 -19.93 33.68
C ALA C 46 8.11 -20.84 34.09
N ASP C 47 8.89 -21.30 33.12
CA ASP C 47 9.95 -22.26 33.38
C ASP C 47 10.99 -22.22 32.25
N TRP C 48 12.19 -22.70 32.51
CA TRP C 48 13.27 -22.61 31.54
C TRP C 48 13.31 -23.76 30.54
N GLY C 49 14.08 -23.59 29.47
CA GLY C 49 14.15 -24.62 28.41
C GLY C 49 13.84 -24.15 26.99
N GLY C 50 13.27 -22.97 26.86
CA GLY C 50 13.08 -22.38 25.55
C GLY C 50 12.12 -23.18 24.72
N GLN C 51 12.55 -23.53 23.51
CA GLN C 51 11.77 -24.41 22.63
C GLN C 51 11.38 -25.67 23.37
N TRP C 52 12.31 -26.20 24.16
CA TRP C 52 12.19 -27.51 24.79
C TRP C 52 11.14 -27.60 25.88
N ASN C 53 10.57 -26.47 26.28
CA ASN C 53 9.50 -26.46 27.24
C ASN C 53 8.15 -26.56 26.53
N TYR C 54 7.56 -27.74 26.54
CA TYR C 54 6.34 -27.99 25.76
C TYR C 54 5.17 -27.20 26.28
N THR C 55 4.34 -26.72 25.38
CA THR C 55 3.06 -26.17 25.77
C THR C 55 1.95 -26.56 24.80
N TRP C 56 0.76 -26.79 25.35
CA TRP C 56 -0.40 -27.07 24.52
C TRP C 56 -0.90 -25.79 23.89
N ARG C 57 -0.44 -24.65 24.41
CA ARG C 57 -0.91 -23.36 23.94
C ARG C 57 -0.42 -23.00 22.53
N THR C 58 -1.10 -22.01 21.95
CA THR C 58 -1.03 -21.77 20.52
C THR C 58 -1.32 -20.29 20.28
N GLY C 59 -0.53 -19.66 19.40
CA GLY C 59 -0.69 -18.24 19.11
C GLY C 59 -0.22 -17.34 20.23
N LEU C 60 -1.11 -17.05 21.17
CA LEU C 60 -0.82 -16.15 22.28
C LEU C 60 -1.01 -16.87 23.61
N ASP C 61 -0.11 -16.64 24.56
CA ASP C 61 -0.11 -17.39 25.84
C ASP C 61 -1.06 -16.78 26.86
N GLU C 62 -1.05 -17.29 28.09
CA GLU C 62 -1.99 -16.82 29.12
C GLU C 62 -1.86 -15.35 29.50
N ASN C 63 -0.75 -14.71 29.15
CA ASN C 63 -0.55 -13.32 29.45
C ASN C 63 -0.70 -12.46 28.22
N GLY C 64 -0.78 -13.12 27.06
CA GLY C 64 -1.00 -12.42 25.82
C GLY C 64 0.28 -12.22 25.05
N GLU C 65 1.35 -12.85 25.50
CA GLU C 65 2.58 -12.83 24.74
C GLU C 65 2.53 -13.86 23.63
N PRO C 66 3.18 -13.59 22.50
CA PRO C 66 3.32 -14.65 21.50
C PRO C 66 3.78 -15.95 22.15
N VAL C 67 3.18 -17.07 21.77
CA VAL C 67 3.62 -18.35 22.31
C VAL C 67 4.98 -18.65 21.73
N HIS C 68 5.93 -19.01 22.59
CA HIS C 68 7.27 -19.20 22.11
C HIS C 68 7.63 -20.54 21.47
N SER C 69 7.28 -21.64 22.14
CA SER C 69 7.67 -22.96 21.68
C SER C 69 6.99 -23.37 20.39
N SER C 70 7.79 -23.90 19.47
CA SER C 70 7.27 -24.50 18.24
C SER C 70 7.22 -26.03 18.34
N MET C 71 7.50 -26.56 19.52
CA MET C 71 7.55 -27.99 19.70
C MET C 71 6.18 -28.62 19.90
N TYR C 72 6.07 -29.86 19.41
CA TYR C 72 4.81 -30.60 19.38
C TYR C 72 4.96 -31.93 20.10
N ARG C 73 3.82 -32.57 20.40
CA ARG C 73 3.83 -33.94 20.93
C ARG C 73 4.69 -34.83 20.05
N TYR C 74 5.39 -35.79 20.67
CA TYR C 74 6.08 -36.84 19.93
C TYR C 74 7.35 -36.36 19.25
N LEU C 75 7.75 -35.12 19.51
CA LEU C 75 8.99 -34.61 18.93
C LEU C 75 10.17 -35.33 19.55
N TRP C 76 11.12 -35.70 18.70
CA TRP C 76 12.35 -36.35 19.10
C TRP C 76 13.50 -35.59 18.51
N SER C 77 14.63 -35.55 19.23
CA SER C 77 15.86 -35.00 18.68
C SER C 77 15.93 -35.36 17.21
N ASN C 78 16.31 -34.43 16.35
CA ASN C 78 16.34 -34.77 14.94
C ASN C 78 17.74 -34.92 14.41
N GLY C 79 18.69 -34.86 15.33
CA GLY C 79 20.10 -35.19 15.02
C GLY C 79 20.73 -35.98 16.15
N PRO C 80 21.94 -36.49 15.92
CA PRO C 80 22.60 -37.25 16.95
C PRO C 80 22.82 -36.45 18.23
N LYS C 81 22.13 -36.87 19.28
CA LYS C 81 22.44 -36.51 20.66
C LYS C 81 23.90 -36.12 20.84
N GLU C 82 24.80 -36.89 20.25
CA GLU C 82 26.22 -36.68 20.58
C GLU C 82 26.82 -35.48 19.86
N CYS C 83 26.09 -34.97 18.88
CA CYS C 83 26.46 -33.72 18.24
C CYS C 83 26.01 -32.51 19.04
N LEU C 84 25.14 -32.69 20.03
CA LEU C 84 24.73 -31.57 20.87
C LEU C 84 25.06 -31.71 22.35
N GLU C 85 26.00 -32.60 22.66
CA GLU C 85 26.38 -32.86 24.05
C GLU C 85 27.18 -31.69 24.60
N PHE C 86 26.94 -31.33 25.86
CA PHE C 86 27.75 -30.33 26.55
C PHE C 86 29.14 -30.89 26.84
N ALA C 87 30.18 -30.14 26.50
CA ALA C 87 31.53 -30.56 26.88
C ALA C 87 31.80 -30.53 28.37
N ASP C 88 30.91 -29.95 29.17
CA ASP C 88 31.20 -29.77 30.61
C ASP C 88 30.16 -30.45 31.48
N TYR C 89 29.32 -31.25 30.85
CA TYR C 89 28.22 -31.93 31.53
C TYR C 89 27.67 -33.01 30.58
N THR C 90 28.24 -34.20 30.70
CA THR C 90 28.03 -35.28 29.72
C THR C 90 26.69 -35.98 29.89
N PHE C 91 26.29 -36.76 28.90
CA PHE C 91 25.06 -37.55 29.03
C PHE C 91 25.15 -38.58 30.14
N ASP C 92 26.34 -39.16 30.30
CA ASP C 92 26.63 -40.11 31.37
C ASP C 92 26.42 -39.45 32.74
N GLU C 93 26.99 -38.27 32.95
CA GLU C 93 26.87 -37.59 34.24
C GLU C 93 25.41 -37.37 34.61
N HIS C 94 24.59 -37.01 33.63
CA HIS C 94 23.23 -36.62 33.94
C HIS C 94 22.32 -37.83 34.12
N PHE C 95 22.44 -38.80 33.21
CA PHE C 95 21.50 -39.92 33.20
C PHE C 95 21.94 -41.15 33.98
N GLY C 96 23.23 -41.23 34.33
CA GLY C 96 23.80 -42.39 35.04
C GLY C 96 24.10 -43.61 34.18
N LYS C 97 23.43 -43.71 33.02
CA LYS C 97 23.52 -44.86 32.14
C LYS C 97 23.65 -44.42 30.68
N PRO C 98 24.08 -45.31 29.79
CA PRO C 98 23.95 -44.96 28.39
C PRO C 98 22.47 -44.92 27.98
N ILE C 99 22.15 -44.15 26.94
CA ILE C 99 20.82 -44.15 26.32
C ILE C 99 20.98 -43.98 24.82
N ALA C 100 19.91 -44.17 24.07
CA ALA C 100 19.98 -44.09 22.63
C ALA C 100 20.32 -42.66 22.12
N SER C 101 20.38 -42.50 20.79
CA SER C 101 20.94 -41.30 20.15
C SER C 101 19.95 -40.21 19.73
N TYR C 102 18.66 -40.46 19.89
CA TYR C 102 17.66 -39.51 19.45
C TYR C 102 16.60 -39.37 20.48
N PRO C 103 16.95 -38.88 21.67
CA PRO C 103 16.00 -38.79 22.78
C PRO C 103 14.82 -37.93 22.42
N PRO C 104 13.64 -38.24 22.96
CA PRO C 104 12.49 -37.37 22.75
C PRO C 104 12.65 -36.05 23.50
N ARG C 105 11.79 -35.09 23.16
CA ARG C 105 11.76 -33.75 23.76
C ARG C 105 12.00 -33.75 25.28
N GLU C 106 11.09 -34.42 26.01
CA GLU C 106 11.12 -34.40 27.47
C GLU C 106 12.46 -34.86 27.98
N VAL C 107 13.11 -35.75 27.24
CA VAL C 107 14.38 -36.29 27.68
C VAL C 107 15.52 -35.27 27.59
N LEU C 108 15.67 -34.63 26.42
CA LEU C 108 16.65 -33.56 26.26
C LEU C 108 16.34 -32.32 27.10
N TRP C 109 15.03 -32.04 27.29
CA TRP C 109 14.59 -31.03 28.23
C TRP C 109 15.17 -31.33 29.60
N ASP C 110 15.00 -32.56 30.08
CA ASP C 110 15.49 -32.92 31.43
C ASP C 110 17.00 -32.73 31.50
N TYR C 111 17.66 -33.06 30.40
CA TYR C 111 19.11 -32.94 30.29
C TYR C 111 19.60 -31.51 30.42
N ILE C 112 19.06 -30.57 29.64
CA ILE C 112 19.56 -29.20 29.70
C ILE C 112 19.19 -28.53 31.03
N LYS C 113 17.99 -28.79 31.56
CA LYS C 113 17.68 -28.33 32.90
C LYS C 113 18.68 -28.83 33.92
N GLY C 114 19.06 -30.11 33.81
CA GLY C 114 20.03 -30.75 34.70
C GLY C 114 21.30 -29.93 34.92
N ARG C 115 21.93 -29.50 33.83
CA ARG C 115 23.17 -28.75 33.95
C ARG C 115 22.97 -27.49 34.75
N VAL C 116 21.86 -26.80 34.52
CA VAL C 116 21.66 -25.51 35.18
C VAL C 116 21.10 -25.68 36.59
N GLU C 117 20.47 -26.83 36.85
CA GLU C 117 20.07 -27.20 38.22
C GLU C 117 21.33 -27.40 39.06
N LYS C 118 22.19 -28.34 38.64
CA LYS C 118 23.50 -28.50 39.25
C LYS C 118 24.22 -27.16 39.48
N ALA C 119 24.25 -26.30 38.48
CA ALA C 119 24.95 -25.01 38.60
C ALA C 119 24.31 -24.00 39.59
N GLY C 120 23.06 -24.28 39.97
CA GLY C 120 22.23 -23.40 40.79
C GLY C 120 22.01 -21.99 40.26
N VAL C 121 21.85 -21.84 38.95
CA VAL C 121 21.72 -20.50 38.37
C VAL C 121 20.29 -20.01 38.26
N ARG C 122 19.33 -20.88 38.60
CA ARG C 122 17.93 -20.50 38.55
C ARG C 122 17.70 -19.19 39.28
N LYS C 123 18.43 -18.95 40.35
CA LYS C 123 18.22 -17.78 41.20
C LYS C 123 18.40 -16.46 40.49
N TYR C 124 19.07 -16.48 39.33
CA TYR C 124 19.27 -15.25 38.54
C TYR C 124 18.10 -14.90 37.65
N ILE C 125 17.14 -15.80 37.51
CA ILE C 125 16.09 -15.65 36.51
C ILE C 125 14.81 -15.09 37.09
N ARG C 126 14.22 -14.15 36.37
CA ARG C 126 12.94 -13.61 36.72
C ARG C 126 11.97 -14.13 35.70
N PHE C 127 11.23 -15.17 36.08
CA PHE C 127 10.29 -15.82 35.18
C PHE C 127 9.04 -15.01 34.96
N ASN C 128 8.18 -15.49 34.08
CA ASN C 128 6.92 -14.84 33.77
C ASN C 128 7.06 -13.33 33.57
N THR C 129 8.16 -12.94 32.93
CA THR C 129 8.52 -11.53 32.73
C THR C 129 8.91 -11.30 31.26
N ALA C 130 8.16 -10.47 30.55
CA ALA C 130 8.43 -10.24 29.14
C ALA C 130 9.24 -8.99 28.97
N VAL C 131 10.31 -9.07 28.19
CA VAL C 131 11.11 -7.90 27.85
C VAL C 131 10.33 -7.07 26.85
N ARG C 132 10.20 -5.77 27.12
CA ARG C 132 9.45 -4.87 26.25
C ARG C 132 10.32 -4.03 25.41
N HIS C 133 11.39 -3.53 26.01
CA HIS C 133 12.21 -2.56 25.33
C HIS C 133 13.60 -2.61 25.90
N VAL C 134 14.59 -2.39 25.04
CA VAL C 134 15.97 -2.20 25.47
C VAL C 134 16.46 -0.92 24.81
N GLU C 135 16.85 0.05 25.62
CA GLU C 135 17.41 1.27 25.07
C GLU C 135 18.81 1.47 25.57
N PHE C 136 19.65 2.05 24.73
CA PHE C 136 20.99 2.41 25.15
C PHE C 136 21.09 3.90 25.39
N ASN C 137 21.58 4.28 26.56
CA ASN C 137 21.78 5.68 26.91
C ASN C 137 23.21 6.11 26.65
N GLU C 138 23.40 6.91 25.59
CA GLU C 138 24.72 7.43 25.20
C GLU C 138 25.46 8.11 26.35
N ASP C 139 24.74 8.97 27.05
CA ASP C 139 25.26 9.77 28.17
C ASP C 139 25.85 8.94 29.31
N SER C 140 25.14 7.92 29.78
CA SER C 140 25.63 7.10 30.91
C SER C 140 26.31 5.83 30.45
N GLN C 141 26.22 5.53 29.16
CA GLN C 141 26.85 4.35 28.56
C GLN C 141 26.26 3.06 29.20
N THR C 142 24.95 3.08 29.42
CA THR C 142 24.24 1.95 30.00
C THR C 142 22.93 1.66 29.25
N PHE C 143 22.33 0.49 29.51
CA PHE C 143 21.08 0.05 28.87
C PHE C 143 19.93 0.10 29.87
N THR C 144 18.80 0.64 29.44
CA THR C 144 17.58 0.55 30.22
C THR C 144 16.73 -0.56 29.62
N VAL C 145 16.47 -1.57 30.44
CA VAL C 145 15.67 -2.69 30.02
C VAL C 145 14.32 -2.57 30.72
N THR C 146 13.26 -2.46 29.93
CA THR C 146 11.91 -2.36 30.43
C THR C 146 11.20 -3.70 30.26
N VAL C 147 10.64 -4.21 31.33
CA VAL C 147 10.00 -5.51 31.27
C VAL C 147 8.62 -5.47 31.85
N GLN C 148 7.81 -6.46 31.55
CA GLN C 148 6.47 -6.54 32.15
C GLN C 148 6.41 -7.81 32.94
N ASP C 149 6.26 -7.68 34.25
CA ASP C 149 6.14 -8.79 35.15
C ASP C 149 4.68 -9.21 35.19
N HIS C 150 4.36 -10.38 34.65
CA HIS C 150 2.97 -10.81 34.56
C HIS C 150 2.46 -11.47 35.81
N THR C 151 3.32 -11.62 36.80
CA THR C 151 2.90 -12.18 38.06
C THR C 151 2.32 -11.05 38.92
N THR C 152 2.99 -9.90 38.90
CA THR C 152 2.48 -8.73 39.61
C THR C 152 1.69 -7.78 38.70
N ASP C 153 1.62 -8.11 37.42
CA ASP C 153 1.09 -7.19 36.41
C ASP C 153 1.72 -5.78 36.46
N THR C 154 3.04 -5.71 36.51
CA THR C 154 3.71 -4.44 36.66
C THR C 154 4.75 -4.27 35.58
N ILE C 155 4.95 -3.03 35.14
CA ILE C 155 5.97 -2.75 34.15
C ILE C 155 7.00 -1.88 34.80
N TYR C 156 8.24 -2.37 34.85
CA TYR C 156 9.35 -1.64 35.43
C TYR C 156 10.57 -1.75 34.56
N SER C 157 11.55 -0.91 34.86
CA SER C 157 12.77 -0.93 34.08
C SER C 157 14.04 -0.91 34.95
N ALA C 158 15.12 -1.50 34.45
CA ALA C 158 16.37 -1.55 35.20
C ALA C 158 17.55 -1.17 34.31
N ALA C 159 18.62 -0.72 34.94
CA ALA C 159 19.83 -0.29 34.22
C ALA C 159 20.84 -1.42 34.19
N PHE C 160 21.46 -1.60 33.03
CA PHE C 160 22.47 -2.63 32.83
C PHE C 160 23.63 -2.11 31.99
N ASP C 161 24.81 -2.66 32.25
CA ASP C 161 26.04 -2.30 31.55
C ASP C 161 26.24 -3.08 30.26
N TYR C 162 25.78 -4.33 30.23
CA TYR C 162 25.84 -5.15 29.01
C TYR C 162 24.55 -5.94 28.90
N VAL C 163 24.17 -6.24 27.68
CA VAL C 163 22.99 -7.07 27.44
C VAL C 163 23.33 -8.21 26.48
N VAL C 164 22.90 -9.40 26.85
CA VAL C 164 23.01 -10.58 25.99
C VAL C 164 21.61 -11.06 25.59
N CYS C 165 21.35 -11.05 24.29
CA CYS C 165 20.06 -11.46 23.75
C CYS C 165 20.02 -12.94 23.34
N CYS C 166 19.14 -13.69 23.99
CA CYS C 166 19.04 -15.12 23.74
C CYS C 166 17.58 -15.50 23.50
N THR C 167 16.89 -14.70 22.71
CA THR C 167 15.47 -14.89 22.54
C THR C 167 15.12 -15.78 21.35
N GLY C 168 16.13 -16.31 20.67
CA GLY C 168 15.90 -17.27 19.60
C GLY C 168 15.38 -16.69 18.31
N HIS C 169 15.28 -17.53 17.28
CA HIS C 169 14.80 -17.13 15.96
C HIS C 169 14.02 -18.22 15.23
N PHE C 170 13.42 -19.13 15.99
CA PHE C 170 12.51 -20.10 15.42
C PHE C 170 11.14 -20.03 16.12
N SER C 171 10.65 -18.83 16.38
CA SER C 171 9.37 -18.67 17.06
C SER C 171 8.38 -17.80 16.35
N THR C 172 8.87 -16.84 15.59
CA THR C 172 7.98 -15.96 14.88
C THR C 172 7.88 -16.53 13.48
N PRO C 173 6.73 -17.10 13.15
CA PRO C 173 6.62 -17.85 11.91
C PRO C 173 6.71 -16.98 10.70
N TYR C 174 7.35 -17.47 9.64
CA TYR C 174 7.19 -16.87 8.33
C TYR C 174 6.03 -17.60 7.68
N VAL C 175 4.98 -16.86 7.38
CA VAL C 175 3.75 -17.45 6.92
C VAL C 175 3.31 -16.82 5.61
N PRO C 176 3.77 -17.32 4.46
CA PRO C 176 3.42 -16.69 3.18
C PRO C 176 1.98 -16.95 2.84
N GLU C 177 1.38 -16.08 2.03
CA GLU C 177 -0.02 -16.27 1.64
C GLU C 177 -0.12 -16.94 0.29
N PHE C 178 -1.14 -17.78 0.16
CA PHE C 178 -1.45 -18.42 -1.12
C PHE C 178 -2.89 -18.12 -1.52
N GLU C 179 -3.08 -17.77 -2.79
CA GLU C 179 -4.39 -17.44 -3.33
C GLU C 179 -5.45 -18.46 -2.92
N GLY C 180 -6.54 -17.99 -2.31
CA GLY C 180 -7.66 -18.86 -1.99
C GLY C 180 -7.77 -19.29 -0.54
N PHE C 181 -6.73 -18.99 0.25
CA PHE C 181 -6.72 -19.30 1.70
C PHE C 181 -7.95 -18.77 2.42
N GLU C 182 -8.48 -17.64 1.95
CA GLU C 182 -9.67 -17.00 2.52
C GLU C 182 -10.96 -17.79 2.21
N LYS C 183 -10.88 -18.71 1.23
CA LYS C 183 -12.02 -19.54 0.76
C LYS C 183 -11.99 -20.97 1.30
N PHE C 184 -10.78 -21.50 1.51
CA PHE C 184 -10.58 -22.86 2.02
C PHE C 184 -11.39 -23.17 3.28
N GLY C 185 -11.78 -24.43 3.44
CA GLY C 185 -12.72 -24.80 4.49
C GLY C 185 -12.11 -25.63 5.60
N GLY C 186 -10.88 -26.06 5.41
CA GLY C 186 -10.16 -26.78 6.46
C GLY C 186 -9.19 -25.89 7.22
N ARG C 187 -8.58 -26.44 8.27
CA ARG C 187 -7.61 -25.70 9.08
C ARG C 187 -6.37 -25.30 8.28
N ILE C 188 -5.94 -24.05 8.46
CA ILE C 188 -4.65 -23.59 7.98
C ILE C 188 -3.81 -23.19 9.19
N LEU C 189 -2.57 -23.66 9.18
CA LEU C 189 -1.71 -23.39 10.31
C LEU C 189 -0.27 -23.40 9.86
N HIS C 190 0.56 -22.77 10.67
CA HIS C 190 1.98 -22.83 10.47
C HIS C 190 2.51 -23.96 11.33
N ALA C 191 3.62 -24.55 10.90
CA ALA C 191 4.34 -25.56 11.67
C ALA C 191 4.42 -25.21 13.16
N HIS C 192 4.56 -23.91 13.46
CA HIS C 192 4.71 -23.38 14.81
C HIS C 192 3.51 -23.74 15.67
N ASP C 193 2.33 -23.82 15.07
CA ASP C 193 1.09 -24.12 15.81
C ASP C 193 0.72 -25.60 15.82
N PHE C 194 1.57 -26.43 15.23
CA PHE C 194 1.34 -27.87 15.23
C PHE C 194 1.58 -28.48 16.61
N ARG C 195 0.59 -29.21 17.12
CA ARG C 195 0.67 -29.79 18.46
C ARG C 195 0.52 -31.32 18.53
N ASP C 196 -0.70 -31.84 18.49
CA ASP C 196 -0.89 -33.31 18.57
C ASP C 196 -1.21 -33.89 17.21
N ALA C 197 -0.30 -34.72 16.67
CA ALA C 197 -0.50 -35.36 15.35
C ALA C 197 -1.83 -36.10 15.18
N LEU C 198 -2.37 -36.65 16.27
CA LEU C 198 -3.69 -37.27 16.26
C LEU C 198 -4.82 -36.44 15.64
N GLU C 199 -4.78 -35.11 15.75
CA GLU C 199 -5.89 -34.31 15.19
C GLU C 199 -6.00 -34.48 13.66
N PHE C 200 -4.95 -35.04 13.05
CA PHE C 200 -4.93 -35.29 11.61
C PHE C 200 -4.97 -36.78 11.24
N LYS C 201 -5.40 -37.62 12.20
CA LYS C 201 -5.65 -39.04 11.93
C LYS C 201 -6.79 -39.19 10.90
N ASP C 202 -6.51 -40.00 9.87
CA ASP C 202 -7.46 -40.31 8.77
C ASP C 202 -7.75 -39.09 7.89
N LYS C 203 -6.79 -38.17 7.81
CA LYS C 203 -6.99 -36.93 7.05
C LYS C 203 -5.92 -36.78 6.02
N THR C 204 -6.20 -35.96 5.02
CA THR C 204 -5.20 -35.65 4.00
C THR C 204 -4.60 -34.32 4.38
N VAL C 205 -3.27 -34.28 4.42
CA VAL C 205 -2.54 -33.15 4.96
C VAL C 205 -1.60 -32.60 3.90
N LEU C 206 -1.82 -31.36 3.49
CA LEU C 206 -0.83 -30.65 2.69
C LEU C 206 0.23 -30.05 3.61
N LEU C 207 1.50 -30.20 3.23
CA LEU C 207 2.60 -29.60 3.97
C LEU C 207 3.42 -28.73 3.02
N VAL C 208 3.34 -27.42 3.19
CA VAL C 208 4.11 -26.53 2.34
C VAL C 208 5.53 -26.35 2.88
N GLY C 209 6.54 -26.62 2.05
CA GLY C 209 7.94 -26.44 2.44
C GLY C 209 8.79 -27.70 2.27
N SER C 210 10.10 -27.53 2.27
CA SER C 210 11.02 -28.65 2.01
C SER C 210 12.22 -28.79 2.99
N SER C 211 12.00 -28.52 4.28
CA SER C 211 13.09 -28.59 5.24
C SER C 211 12.69 -29.41 6.46
N TYR C 212 13.46 -29.29 7.56
CA TYR C 212 13.25 -30.11 8.75
C TYR C 212 11.80 -30.19 9.21
N SER C 213 11.11 -29.06 9.29
CA SER C 213 9.72 -29.06 9.74
C SER C 213 8.83 -29.89 8.82
N ALA C 214 9.05 -29.76 7.52
CA ALA C 214 8.30 -30.53 6.53
C ALA C 214 8.51 -32.03 6.76
N GLU C 215 9.78 -32.44 6.63
CA GLU C 215 10.23 -33.78 6.98
C GLU C 215 9.55 -34.32 8.23
N ASP C 216 9.76 -33.66 9.36
CA ASP C 216 9.30 -34.24 10.62
C ASP C 216 7.79 -34.15 10.89
N ILE C 217 7.14 -33.08 10.43
CA ILE C 217 5.72 -32.97 10.75
C ILE C 217 4.98 -33.98 9.89
N GLY C 218 5.46 -34.17 8.67
CA GLY C 218 4.95 -35.24 7.81
C GLY C 218 5.07 -36.58 8.51
N SER C 219 6.33 -36.96 8.79
CA SER C 219 6.66 -38.16 9.52
C SER C 219 5.74 -38.35 10.70
N GLN C 220 5.52 -37.29 11.48
CA GLN C 220 4.74 -37.48 12.67
C GLN C 220 3.26 -37.77 12.35
N CYS C 221 2.72 -37.07 11.36
CA CYS C 221 1.35 -37.28 10.91
C CYS C 221 1.16 -38.71 10.40
N TYR C 222 2.10 -39.13 9.54
CA TYR C 222 2.17 -40.50 9.07
C TYR C 222 2.16 -41.47 10.26
N LYS C 223 3.23 -41.42 11.05
CA LYS C 223 3.34 -42.28 12.22
C LYS C 223 2.03 -42.40 13.05
N TYR C 224 1.22 -41.35 13.14
CA TYR C 224 0.02 -41.44 14.02
C TYR C 224 -1.32 -41.59 13.23
N GLY C 225 -1.19 -41.99 11.98
CA GLY C 225 -2.32 -42.48 11.22
C GLY C 225 -3.04 -41.50 10.32
N ALA C 226 -2.29 -40.68 9.59
CA ALA C 226 -2.94 -39.79 8.65
C ALA C 226 -3.30 -40.61 7.39
N LYS C 227 -4.44 -40.33 6.76
CA LYS C 227 -4.75 -40.97 5.47
C LYS C 227 -3.72 -40.71 4.35
N LYS C 228 -3.29 -39.46 4.17
CA LYS C 228 -2.47 -39.10 3.00
C LYS C 228 -1.69 -37.82 3.22
N LEU C 229 -0.48 -37.74 2.66
CA LEU C 229 0.40 -36.63 2.88
C LEU C 229 0.91 -36.09 1.59
N ILE C 230 0.87 -34.77 1.47
CA ILE C 230 1.44 -34.10 0.30
C ILE C 230 2.40 -32.98 0.70
N SER C 231 3.67 -33.14 0.34
CA SER C 231 4.67 -32.08 0.46
C SER C 231 4.71 -31.35 -0.87
N CYS C 232 4.93 -30.03 -0.84
CA CYS C 232 5.30 -29.30 -2.05
C CYS C 232 6.46 -28.35 -1.79
N TYR C 233 7.29 -28.11 -2.80
CA TYR C 233 8.56 -27.45 -2.57
C TYR C 233 8.70 -26.19 -3.40
N ARG C 234 9.33 -25.17 -2.82
CA ARG C 234 9.55 -23.92 -3.55
C ARG C 234 10.62 -24.16 -4.61
N THR C 235 11.83 -24.51 -4.21
CA THR C 235 12.94 -24.61 -5.17
C THR C 235 13.31 -26.05 -5.60
N ALA C 236 13.63 -26.90 -4.63
CA ALA C 236 14.05 -28.28 -4.91
C ALA C 236 13.28 -29.27 -4.05
N PRO C 237 13.08 -30.52 -4.55
CA PRO C 237 12.30 -31.47 -3.73
C PRO C 237 13.17 -32.04 -2.62
N MET C 238 12.55 -32.39 -1.50
CA MET C 238 13.28 -32.91 -0.35
C MET C 238 14.19 -34.05 -0.76
N GLY C 239 13.65 -35.04 -1.49
CA GLY C 239 14.47 -36.10 -2.13
C GLY C 239 14.40 -37.51 -1.56
N TYR C 240 13.84 -37.66 -0.37
CA TYR C 240 13.75 -38.98 0.31
C TYR C 240 12.64 -39.90 -0.26
N LYS C 241 12.75 -41.20 0.03
CA LYS C 241 11.73 -42.14 -0.40
C LYS C 241 10.65 -42.15 0.68
N TRP C 242 9.55 -41.45 0.38
CA TRP C 242 8.41 -41.37 1.30
C TRP C 242 7.55 -42.60 1.16
N PRO C 243 6.96 -43.08 2.29
CA PRO C 243 6.00 -44.17 2.27
C PRO C 243 4.92 -44.06 1.18
N GLU C 244 4.20 -45.16 1.01
CA GLU C 244 3.16 -45.31 -0.02
C GLU C 244 2.15 -44.12 -0.07
N ASN C 245 1.72 -43.61 1.08
CA ASN C 245 0.70 -42.55 1.09
C ASN C 245 1.24 -41.13 1.25
N TRP C 246 2.33 -40.81 0.56
CA TRP C 246 2.98 -39.50 0.68
C TRP C 246 3.68 -39.13 -0.64
N ASP C 247 3.24 -38.04 -1.29
CA ASP C 247 3.89 -37.57 -2.56
C ASP C 247 4.62 -36.26 -2.36
N GLU C 248 5.66 -36.05 -3.17
CA GLU C 248 6.21 -34.72 -3.31
C GLU C 248 5.80 -34.17 -4.66
N ARG C 249 5.22 -32.97 -4.67
CA ARG C 249 4.97 -32.25 -5.91
C ARG C 249 5.58 -30.86 -5.84
N PRO C 250 5.76 -30.20 -7.00
CA PRO C 250 6.23 -28.80 -6.95
C PRO C 250 5.17 -27.86 -6.36
N ASN C 251 5.56 -26.59 -6.17
CA ASN C 251 4.88 -25.67 -5.24
C ASN C 251 3.39 -25.50 -5.46
N LEU C 252 2.68 -25.35 -4.34
CA LEU C 252 1.28 -24.94 -4.32
C LEU C 252 1.11 -23.61 -5.06
N VAL C 253 -0.01 -23.44 -5.76
CA VAL C 253 -0.25 -22.16 -6.48
C VAL C 253 -1.55 -21.52 -6.08
N ARG C 254 -2.56 -22.33 -5.82
CA ARG C 254 -3.82 -21.76 -5.36
C ARG C 254 -4.66 -22.79 -4.65
N VAL C 255 -5.74 -22.31 -4.05
CA VAL C 255 -6.56 -23.16 -3.22
C VAL C 255 -8.08 -22.89 -3.41
N ASP C 256 -8.88 -23.89 -3.06
CA ASP C 256 -10.27 -23.97 -3.46
C ASP C 256 -11.04 -24.08 -2.16
N THR C 257 -12.35 -24.29 -2.26
CA THR C 257 -13.11 -24.62 -1.07
C THR C 257 -12.61 -25.90 -0.41
N GLU C 258 -11.95 -26.78 -1.18
CA GLU C 258 -11.53 -28.07 -0.63
C GLU C 258 -10.36 -28.72 -1.38
N ASN C 259 -9.82 -28.01 -2.37
CA ASN C 259 -8.75 -28.58 -3.18
C ASN C 259 -7.51 -27.69 -3.30
N ALA C 260 -6.35 -28.31 -3.54
CA ALA C 260 -5.11 -27.58 -3.75
C ALA C 260 -4.65 -27.77 -5.18
N TYR C 261 -3.99 -26.76 -5.73
CA TYR C 261 -3.57 -26.75 -7.11
C TYR C 261 -2.09 -26.40 -7.18
N PHE C 262 -1.32 -27.18 -7.94
CA PHE C 262 0.15 -27.06 -7.96
C PHE C 262 0.70 -26.70 -9.35
N ALA C 263 1.98 -26.31 -9.43
CA ALA C 263 2.60 -25.98 -10.73
C ALA C 263 2.70 -27.21 -11.65
N ASP C 264 2.57 -28.41 -11.06
CA ASP C 264 2.22 -29.63 -11.77
C ASP C 264 1.18 -29.37 -12.83
N GLY C 265 0.10 -28.71 -12.42
CA GLY C 265 -1.16 -28.74 -13.12
C GLY C 265 -2.09 -29.68 -12.37
N SER C 266 -1.54 -30.40 -11.37
CA SER C 266 -2.31 -31.40 -10.61
C SER C 266 -3.29 -30.84 -9.56
N SER C 267 -4.02 -31.75 -8.91
CA SER C 267 -5.14 -31.42 -8.01
C SER C 267 -5.36 -32.48 -6.95
N GLU C 268 -5.77 -32.06 -5.76
CA GLU C 268 -6.07 -33.01 -4.70
C GLU C 268 -7.04 -32.43 -3.71
N LYS C 269 -7.91 -33.27 -3.18
CA LYS C 269 -8.75 -32.90 -2.05
C LYS C 269 -7.84 -32.91 -0.82
N VAL C 270 -7.96 -31.87 0.02
CA VAL C 270 -7.08 -31.64 1.17
C VAL C 270 -7.89 -31.24 2.39
N ASP C 271 -7.57 -31.84 3.54
CA ASP C 271 -8.30 -31.55 4.78
C ASP C 271 -7.75 -30.39 5.63
N ALA C 272 -6.44 -30.13 5.48
CA ALA C 272 -5.69 -29.23 6.35
C ALA C 272 -4.37 -28.87 5.72
N ILE C 273 -3.96 -27.61 5.86
CA ILE C 273 -2.69 -27.19 5.30
C ILE C 273 -1.78 -26.77 6.44
N ILE C 274 -0.55 -27.28 6.42
CA ILE C 274 0.45 -26.90 7.41
C ILE C 274 1.60 -26.19 6.73
N LEU C 275 1.77 -24.92 7.05
CA LEU C 275 2.85 -24.15 6.47
C LEU C 275 4.18 -24.37 7.18
N CYS C 276 5.10 -25.04 6.50
CA CYS C 276 6.40 -25.36 7.05
C CYS C 276 7.43 -24.47 6.35
N THR C 277 7.16 -23.18 6.44
CA THR C 277 7.88 -22.18 5.67
C THR C 277 8.93 -21.39 6.46
N GLY C 278 9.20 -21.84 7.69
CA GLY C 278 10.25 -21.24 8.49
C GLY C 278 9.82 -20.06 9.37
N TYR C 279 10.83 -19.31 9.79
CA TYR C 279 10.66 -18.26 10.78
C TYR C 279 11.44 -17.03 10.44
N ILE C 280 11.11 -15.94 11.12
CA ILE C 280 11.79 -14.69 10.91
C ILE C 280 12.47 -14.30 12.19
N HIS C 281 13.62 -13.64 12.07
CA HIS C 281 14.26 -12.99 13.18
C HIS C 281 13.43 -11.76 13.57
N HIS C 282 12.83 -11.79 14.75
CA HIS C 282 11.93 -10.74 15.16
C HIS C 282 12.25 -10.31 16.57
N PHE C 283 12.63 -9.04 16.74
CA PHE C 283 12.96 -8.55 18.05
C PHE C 283 12.15 -7.31 18.33
N PRO C 284 10.90 -7.48 18.76
CA PRO C 284 10.05 -6.30 18.91
C PRO C 284 10.45 -5.40 20.09
N PHE C 285 11.46 -5.78 20.85
CA PHE C 285 11.89 -5.01 22.01
C PHE C 285 13.14 -4.19 21.72
N LEU C 286 13.58 -4.17 20.47
CA LEU C 286 14.82 -3.47 20.10
C LEU C 286 14.55 -2.36 19.09
N ASN C 287 15.27 -1.24 19.17
CA ASN C 287 15.17 -0.23 18.11
C ASN C 287 16.20 -0.53 17.08
N ASP C 288 16.19 0.18 15.96
CA ASP C 288 17.15 -0.11 14.85
C ASP C 288 18.63 -0.04 15.20
N ASP C 289 18.99 0.67 16.27
CA ASP C 289 20.38 0.79 16.70
C ASP C 289 20.98 -0.55 17.21
N LEU C 290 20.10 -1.44 17.66
CA LEU C 290 20.48 -2.72 18.30
C LEU C 290 19.89 -3.95 17.59
N ARG C 291 18.91 -3.72 16.71
CA ARG C 291 18.12 -4.78 16.13
C ARG C 291 18.81 -5.52 15.00
N LEU C 292 19.11 -6.79 15.20
CA LEU C 292 19.65 -7.65 14.17
C LEU C 292 18.62 -7.93 13.06
N VAL C 293 19.02 -7.71 11.82
CA VAL C 293 18.15 -7.97 10.69
C VAL C 293 18.85 -8.93 9.75
N THR C 294 18.32 -10.14 9.65
CA THR C 294 18.89 -11.12 8.77
C THR C 294 17.90 -12.19 8.37
N ASN C 295 18.17 -12.86 7.27
CA ASN C 295 17.46 -14.08 6.93
C ASN C 295 18.22 -15.21 7.63
N ASN C 296 17.59 -16.38 7.77
CA ASN C 296 18.19 -17.54 8.45
C ASN C 296 19.40 -18.13 7.72
N ARG C 297 20.56 -18.11 8.34
CA ARG C 297 21.77 -18.47 7.63
C ARG C 297 22.93 -18.76 8.56
N LEU C 298 23.99 -19.38 8.03
CA LEU C 298 25.14 -19.76 8.83
C LEU C 298 25.96 -18.57 9.30
N TRP C 299 25.91 -17.47 8.54
CA TRP C 299 26.67 -16.29 8.94
C TRP C 299 25.93 -14.94 8.79
N PRO C 300 25.06 -14.60 9.76
CA PRO C 300 24.49 -13.27 9.73
C PRO C 300 25.58 -12.21 9.86
N LEU C 301 25.35 -11.08 9.22
CA LEU C 301 26.30 -9.98 9.24
C LEU C 301 26.08 -9.07 10.46
N ASN C 302 27.13 -8.37 10.88
CA ASN C 302 27.09 -7.48 12.05
C ASN C 302 27.39 -8.06 13.38
N LEU C 303 27.74 -9.33 13.40
CA LEU C 303 28.11 -9.97 14.62
C LEU C 303 29.56 -10.33 14.54
N TYR C 304 30.40 -9.69 15.35
CA TYR C 304 31.81 -10.07 15.40
C TYR C 304 31.93 -11.38 16.14
N LYS C 305 32.62 -12.33 15.51
CA LYS C 305 32.71 -13.74 15.93
C LYS C 305 31.31 -14.29 16.04
N GLY C 306 30.38 -13.68 15.32
CA GLY C 306 28.99 -14.12 15.28
C GLY C 306 28.21 -13.85 16.55
N VAL C 307 28.76 -13.09 17.49
CA VAL C 307 28.03 -12.76 18.71
C VAL C 307 28.03 -11.31 19.19
N VAL C 308 29.10 -10.56 18.95
CA VAL C 308 29.17 -9.17 19.38
C VAL C 308 28.52 -8.23 18.36
N TRP C 309 27.58 -7.41 18.81
CA TRP C 309 26.88 -6.48 17.94
C TRP C 309 27.83 -5.36 17.54
N GLU C 310 28.14 -5.30 16.25
CA GLU C 310 29.21 -4.43 15.77
C GLU C 310 28.99 -2.92 15.96
N ASP C 311 27.73 -2.49 15.92
CA ASP C 311 27.38 -1.08 16.10
C ASP C 311 27.34 -0.68 17.57
N ASN C 312 27.27 -1.65 18.47
CA ASN C 312 27.30 -1.40 19.91
C ASN C 312 27.79 -2.64 20.67
N PRO C 313 29.13 -2.78 20.78
CA PRO C 313 29.74 -4.00 21.35
C PRO C 313 29.48 -4.27 22.83
N LYS C 314 28.57 -3.55 23.48
CA LYS C 314 28.17 -3.94 24.83
C LYS C 314 26.89 -4.79 24.76
N PHE C 315 26.41 -5.00 23.54
CA PHE C 315 25.24 -5.81 23.27
C PHE C 315 25.68 -7.08 22.50
N PHE C 316 25.17 -8.24 22.92
CA PHE C 316 25.54 -9.54 22.36
C PHE C 316 24.35 -10.38 21.92
N TYR C 317 24.59 -11.27 20.97
CA TYR C 317 23.55 -12.17 20.51
C TYR C 317 24.04 -13.59 20.59
N ILE C 318 23.22 -14.47 21.16
CA ILE C 318 23.57 -15.89 21.22
C ILE C 318 22.63 -16.76 20.37
N GLY C 319 23.21 -17.67 19.59
CA GLY C 319 22.46 -18.66 18.82
C GLY C 319 21.59 -18.12 17.71
N MET C 320 22.02 -17.03 17.09
CA MET C 320 21.21 -16.41 16.06
C MET C 320 21.51 -16.96 14.67
N GLN C 321 22.55 -17.77 14.57
CA GLN C 321 22.87 -18.50 13.34
C GLN C 321 21.87 -19.62 13.05
N ASP C 322 21.84 -20.09 11.81
CA ASP C 322 21.14 -21.33 11.48
C ASP C 322 21.90 -22.47 12.14
N GLN C 323 21.22 -23.55 12.44
CA GLN C 323 21.82 -24.60 13.29
C GLN C 323 22.04 -25.99 12.66
N TRP C 324 23.28 -26.44 12.71
CA TRP C 324 23.58 -27.86 12.54
C TRP C 324 23.98 -28.30 13.93
N TYR C 325 25.10 -27.77 14.41
CA TYR C 325 25.39 -27.76 15.83
C TYR C 325 24.33 -26.93 16.58
N SER C 326 24.20 -27.12 17.89
CA SER C 326 23.33 -26.26 18.66
C SER C 326 23.85 -26.02 20.06
N PHE C 327 23.49 -26.86 21.03
CA PHE C 327 23.82 -26.62 22.43
C PHE C 327 25.26 -26.22 22.62
N ASN C 328 26.11 -27.14 22.20
CA ASN C 328 27.52 -26.98 21.89
C ASN C 328 28.01 -25.63 21.43
N MET C 329 27.32 -25.09 20.44
CA MET C 329 27.67 -23.84 19.79
C MET C 329 27.34 -22.68 20.70
N PHE C 330 26.13 -22.69 21.23
CA PHE C 330 25.68 -21.69 22.17
C PHE C 330 26.68 -21.56 23.32
N ASP C 331 27.19 -22.69 23.80
CA ASP C 331 28.21 -22.69 24.86
C ASP C 331 29.44 -21.97 24.37
N ALA C 332 29.92 -22.33 23.19
CA ALA C 332 31.12 -21.72 22.68
C ALA C 332 30.92 -20.21 22.58
N GLN C 333 29.70 -19.83 22.24
CA GLN C 333 29.31 -18.44 22.09
C GLN C 333 29.25 -17.72 23.42
N ALA C 334 28.51 -18.29 24.38
CA ALA C 334 28.35 -17.74 25.72
C ALA C 334 29.66 -17.59 26.42
N TRP C 335 30.52 -18.60 26.34
CA TRP C 335 31.86 -18.50 26.92
C TRP C 335 32.61 -17.33 26.28
N TYR C 336 32.48 -17.15 24.98
CA TYR C 336 33.19 -16.06 24.33
C TYR C 336 32.62 -14.72 24.80
N ALA C 337 31.30 -14.56 24.68
CA ALA C 337 30.62 -13.38 25.20
C ALA C 337 31.09 -13.08 26.60
N ARG C 338 31.12 -14.08 27.47
CA ARG C 338 31.40 -13.75 28.85
C ARG C 338 32.82 -13.23 28.96
N ASP C 339 33.73 -13.84 28.23
CA ASP C 339 35.12 -13.46 28.32
C ASP C 339 35.35 -12.05 27.81
N VAL C 340 34.58 -11.62 26.82
CA VAL C 340 34.69 -10.22 26.41
C VAL C 340 34.07 -9.26 27.44
N ILE C 341 32.93 -9.64 28.00
CA ILE C 341 32.31 -8.87 29.08
C ILE C 341 33.28 -8.74 30.26
N MET C 342 33.96 -9.84 30.60
CA MET C 342 34.85 -9.86 31.75
C MET C 342 36.20 -9.20 31.47
N GLY C 343 36.42 -8.69 30.26
CA GLY C 343 37.67 -8.03 29.92
C GLY C 343 38.82 -8.98 29.62
N ARG C 344 38.54 -10.28 29.55
CA ARG C 344 39.56 -11.29 29.25
C ARG C 344 39.95 -11.31 27.78
N LEU C 345 39.04 -10.85 26.90
CA LEU C 345 39.31 -10.81 25.45
C LEU C 345 38.92 -9.45 24.89
N PRO C 346 39.86 -8.49 24.89
CA PRO C 346 39.56 -7.14 24.37
C PRO C 346 39.24 -7.18 22.89
N LEU C 347 38.29 -6.35 22.49
CA LEU C 347 37.81 -6.28 21.13
C LEU C 347 38.75 -5.50 20.25
N PRO C 348 38.88 -5.89 18.97
CA PRO C 348 39.67 -5.00 18.13
C PRO C 348 38.86 -3.73 17.81
N SER C 349 39.42 -2.86 16.97
CA SER C 349 38.72 -1.67 16.52
C SER C 349 37.51 -2.09 15.67
N LYS C 350 36.60 -1.17 15.39
CA LYS C 350 35.42 -1.48 14.60
C LYS C 350 35.76 -1.92 13.18
N GLU C 351 36.84 -1.40 12.61
CA GLU C 351 37.19 -1.71 11.22
C GLU C 351 37.68 -3.13 11.09
N GLU C 352 38.43 -3.57 12.10
CA GLU C 352 38.96 -4.91 12.15
C GLU C 352 37.80 -5.90 12.31
N MET C 353 36.86 -5.59 13.20
CA MET C 353 35.66 -6.39 13.39
C MET C 353 34.92 -6.61 12.06
N LYS C 354 34.71 -5.52 11.36
CA LYS C 354 33.97 -5.50 10.12
C LYS C 354 34.67 -6.31 9.05
N ALA C 355 36.00 -6.17 8.97
CA ALA C 355 36.88 -6.93 8.05
C ALA C 355 36.86 -8.44 8.32
N ASP C 356 36.95 -8.82 9.60
CA ASP C 356 36.85 -10.20 10.01
C ASP C 356 35.51 -10.77 9.59
N SER C 357 34.43 -10.04 9.85
CA SER C 357 33.09 -10.55 9.56
C SER C 357 32.85 -10.69 8.08
N MET C 358 33.51 -9.84 7.30
CA MET C 358 33.44 -9.98 5.86
C MET C 358 34.13 -11.26 5.40
N ALA C 359 35.33 -11.55 5.95
CA ALA C 359 36.05 -12.80 5.62
C ALA C 359 35.17 -14.03 5.84
N TRP C 360 34.50 -14.10 6.99
CA TRP C 360 33.56 -15.18 7.27
C TRP C 360 32.39 -15.23 6.28
N ARG C 361 31.92 -14.07 5.85
CA ARG C 361 30.77 -14.06 4.97
C ARG C 361 31.17 -14.57 3.60
N GLU C 362 32.34 -14.15 3.12
CA GLU C 362 32.89 -14.60 1.83
C GLU C 362 32.93 -16.12 1.77
N LYS C 363 33.56 -16.71 2.78
CA LYS C 363 33.62 -18.15 2.94
C LYS C 363 32.22 -18.75 3.01
N GLU C 364 31.30 -18.15 3.78
CA GLU C 364 29.94 -18.71 3.86
C GLU C 364 29.28 -18.85 2.48
N LEU C 365 29.60 -17.93 1.57
CA LEU C 365 28.97 -17.93 0.25
C LEU C 365 29.50 -19.02 -0.68
N THR C 366 30.69 -19.54 -0.33
CA THR C 366 31.37 -20.67 -0.98
C THR C 366 30.64 -22.00 -0.82
N LEU C 367 29.85 -22.13 0.24
CA LEU C 367 29.28 -23.42 0.66
C LEU C 367 28.23 -23.97 -0.29
N VAL C 368 28.36 -25.24 -0.66
CA VAL C 368 27.38 -25.86 -1.56
C VAL C 368 26.68 -27.04 -0.89
N THR C 369 27.46 -27.94 -0.30
CA THR C 369 26.93 -29.19 0.22
C THR C 369 26.68 -29.15 1.72
N ALA C 370 25.66 -29.86 2.15
CA ALA C 370 25.42 -30.09 3.56
C ALA C 370 26.76 -30.32 4.29
N GLU C 371 27.59 -31.22 3.80
CA GLU C 371 28.86 -31.46 4.49
C GLU C 371 29.73 -30.21 4.63
N GLU C 372 29.81 -29.38 3.59
CA GLU C 372 30.62 -28.17 3.66
C GLU C 372 30.04 -27.20 4.69
N MET C 373 28.71 -27.19 4.78
CA MET C 373 27.98 -26.31 5.68
C MET C 373 28.24 -26.56 7.16
N TYR C 374 27.91 -27.76 7.66
CA TYR C 374 28.23 -28.05 9.06
C TYR C 374 29.72 -28.08 9.38
N THR C 375 30.58 -28.27 8.39
CA THR C 375 32.01 -28.22 8.63
C THR C 375 32.40 -26.77 8.86
N TYR C 376 31.68 -25.87 8.19
CA TYR C 376 31.89 -24.43 8.35
C TYR C 376 31.51 -24.02 9.78
N GLN C 377 30.31 -24.39 10.21
CA GLN C 377 29.88 -24.16 11.58
C GLN C 377 30.91 -24.76 12.53
N GLY C 378 31.41 -25.95 12.21
CA GLY C 378 32.48 -26.58 12.98
C GLY C 378 33.71 -25.71 13.11
N ASP C 379 34.14 -25.10 12.01
CA ASP C 379 35.34 -24.27 12.03
C ASP C 379 35.12 -23.01 12.84
N TYR C 380 33.88 -22.53 12.80
CA TYR C 380 33.49 -21.38 13.56
C TYR C 380 33.58 -21.71 15.03
N ILE C 381 32.91 -22.80 15.43
CA ILE C 381 32.95 -23.25 16.81
C ILE C 381 34.38 -23.47 17.27
N GLN C 382 35.19 -24.11 16.43
CA GLN C 382 36.62 -24.33 16.70
C GLN C 382 37.35 -23.04 17.04
N ASN C 383 37.14 -22.02 16.21
CA ASN C 383 37.70 -20.71 16.47
C ASN C 383 37.23 -20.12 17.82
N LEU C 384 35.97 -20.37 18.18
CA LEU C 384 35.44 -19.87 19.44
C LEU C 384 36.02 -20.57 20.66
N ILE C 385 36.07 -21.90 20.65
CA ILE C 385 36.50 -22.65 21.84
C ILE C 385 38.00 -22.56 22.13
N ASP C 386 38.78 -22.22 21.11
CA ASP C 386 40.23 -22.06 21.27
C ASP C 386 40.58 -20.80 22.02
N MET C 387 39.58 -19.93 22.23
CA MET C 387 39.82 -18.61 22.84
C MET C 387 39.45 -18.57 24.32
N THR C 388 39.07 -19.72 24.83
CA THR C 388 38.25 -19.82 25.99
C THR C 388 38.48 -21.12 26.78
N ASP C 389 38.65 -20.94 28.09
CA ASP C 389 38.19 -21.82 29.14
C ASP C 389 37.46 -23.08 28.67
N TYR C 390 36.51 -22.95 27.75
CA TYR C 390 35.65 -24.05 27.34
C TYR C 390 36.46 -25.21 26.87
N PRO C 391 36.12 -26.43 27.35
CA PRO C 391 36.91 -27.63 27.04
C PRO C 391 36.88 -27.87 25.55
N SER C 392 38.03 -27.96 24.92
CA SER C 392 38.05 -28.34 23.52
C SER C 392 37.63 -29.79 23.38
N PHE C 393 36.95 -30.11 22.29
CA PHE C 393 36.50 -31.46 22.01
C PHE C 393 36.69 -31.70 20.52
N ASP C 394 36.50 -32.94 20.08
CA ASP C 394 36.88 -33.32 18.73
C ASP C 394 35.82 -32.85 17.73
N ILE C 395 36.11 -31.74 17.06
CA ILE C 395 35.15 -31.21 16.09
C ILE C 395 35.12 -32.02 14.78
N PRO C 396 36.30 -32.32 14.20
CA PRO C 396 36.32 -33.21 13.05
C PRO C 396 35.54 -34.49 13.30
N ALA C 397 35.69 -35.04 14.51
CA ALA C 397 34.95 -36.24 14.84
C ALA C 397 33.43 -35.99 14.89
N THR C 398 33.04 -34.79 15.32
CA THR C 398 31.62 -34.42 15.36
C THR C 398 31.09 -34.22 13.95
N ASN C 399 31.90 -33.58 13.10
CA ASN C 399 31.57 -33.46 11.68
C ASN C 399 31.22 -34.81 11.06
N LYS C 400 32.09 -35.79 11.26
CA LYS C 400 31.88 -37.17 10.81
C LYS C 400 30.57 -37.78 11.28
N THR C 401 30.23 -37.55 12.55
CA THR C 401 28.93 -37.98 13.08
C THR C 401 27.74 -37.37 12.33
N PHE C 402 27.86 -36.11 11.93
CA PHE C 402 26.84 -35.48 11.10
C PHE C 402 26.76 -36.20 9.76
N LEU C 403 27.93 -36.53 9.21
CA LEU C 403 28.03 -37.23 7.92
C LEU C 403 27.31 -38.56 7.95
N GLU C 404 27.53 -39.35 9.00
CA GLU C 404 26.81 -40.60 9.16
C GLU C 404 25.32 -40.31 9.16
N TRP C 405 24.90 -39.42 10.07
CA TRP C 405 23.52 -38.96 10.19
C TRP C 405 22.91 -38.61 8.85
N LYS C 406 23.66 -37.86 8.03
CA LYS C 406 23.17 -37.53 6.71
C LYS C 406 22.83 -38.81 5.95
N HIS C 407 23.79 -39.73 5.90
CA HIS C 407 23.62 -41.01 5.19
C HIS C 407 22.43 -41.79 5.68
N HIS C 408 22.31 -41.96 7.01
CA HIS C 408 21.16 -42.67 7.55
C HIS C 408 19.81 -42.10 7.09
N LYS C 409 19.74 -40.78 6.93
CA LYS C 409 18.52 -40.14 6.44
C LYS C 409 18.28 -40.48 4.97
N LYS C 410 19.35 -40.44 4.18
CA LYS C 410 19.28 -40.81 2.76
C LYS C 410 18.89 -42.27 2.54
N GLU C 411 19.44 -43.16 3.36
CA GLU C 411 19.08 -44.58 3.30
C GLU C 411 17.58 -44.75 3.55
N ASN C 412 17.15 -44.47 4.77
CA ASN C 412 15.73 -44.47 5.05
C ASN C 412 15.34 -43.38 6.04
N ILE C 413 14.59 -42.42 5.50
CA ILE C 413 14.13 -41.22 6.21
C ILE C 413 13.18 -41.52 7.37
N MET C 414 12.71 -42.76 7.45
CA MET C 414 11.76 -43.14 8.47
C MET C 414 12.43 -43.90 9.58
N THR C 415 13.68 -44.29 9.36
CA THR C 415 14.42 -45.12 10.32
C THR C 415 15.79 -44.56 10.68
N PHE C 416 16.04 -43.29 10.35
CA PHE C 416 17.32 -42.66 10.66
C PHE C 416 17.47 -42.53 12.18
N ARG C 417 16.35 -42.46 12.88
CA ARG C 417 16.36 -42.30 14.34
C ARG C 417 16.69 -43.60 15.09
N ASP C 418 16.80 -44.70 14.35
CA ASP C 418 16.97 -46.02 14.97
C ASP C 418 18.43 -46.43 15.16
N HIS C 419 19.33 -45.65 14.53
CA HIS C 419 20.77 -45.83 14.67
C HIS C 419 21.36 -45.23 15.96
N SER C 420 22.65 -45.42 16.15
CA SER C 420 23.34 -44.97 17.36
C SER C 420 24.75 -44.52 17.02
N TYR C 421 25.29 -43.59 17.82
CA TYR C 421 26.61 -43.01 17.53
C TYR C 421 27.45 -42.91 18.78
N ARG C 422 28.74 -42.68 18.57
CA ARG C 422 29.73 -42.60 19.64
C ARG C 422 29.76 -41.19 20.26
N SER C 423 29.54 -41.09 21.57
CA SER C 423 29.76 -39.82 22.30
C SER C 423 31.18 -39.31 22.08
N LEU C 424 31.35 -38.00 21.96
CA LEU C 424 32.66 -37.44 21.65
C LEU C 424 33.27 -36.86 22.89
N MET C 425 32.51 -36.95 23.97
CA MET C 425 32.94 -36.41 25.24
C MET C 425 33.48 -37.56 26.07
N THR C 426 32.77 -38.68 26.05
CA THR C 426 33.09 -39.82 26.92
C THR C 426 33.71 -40.99 26.14
N GLY C 427 33.38 -41.11 24.86
CA GLY C 427 33.88 -42.21 24.06
C GLY C 427 32.92 -43.40 24.05
N THR C 428 31.98 -43.45 24.99
CA THR C 428 31.05 -44.57 25.09
C THR C 428 30.04 -44.57 23.93
N MET C 429 30.01 -45.64 23.13
CA MET C 429 29.00 -45.84 22.05
C MET C 429 27.59 -45.98 22.63
N ALA C 430 26.60 -45.44 21.97
CA ALA C 430 25.25 -45.47 22.52
C ALA C 430 24.53 -46.77 22.14
N PRO C 431 23.71 -47.28 23.05
CA PRO C 431 22.87 -48.47 22.80
C PRO C 431 21.81 -48.22 21.76
N LYS C 432 21.33 -49.28 21.12
CA LYS C 432 20.10 -49.21 20.34
C LYS C 432 18.94 -48.99 21.32
N HIS C 433 17.85 -48.40 20.82
CA HIS C 433 16.73 -48.11 21.69
C HIS C 433 15.78 -49.31 21.78
N HIS C 434 15.26 -49.53 22.99
CA HIS C 434 14.32 -50.63 23.24
C HIS C 434 13.09 -50.74 22.28
N THR C 435 12.71 -49.66 21.61
CA THR C 435 11.60 -49.72 20.64
C THR C 435 12.02 -49.03 19.33
N PRO C 436 11.76 -49.66 18.16
CA PRO C 436 12.12 -48.87 16.97
C PRO C 436 11.19 -47.65 16.85
N TRP C 437 11.64 -46.66 16.08
CA TRP C 437 10.99 -45.34 16.13
C TRP C 437 9.51 -45.45 15.81
N ILE C 438 9.19 -45.96 14.63
CA ILE C 438 7.81 -46.05 14.12
C ILE C 438 6.82 -46.61 15.15
N ASP C 439 7.34 -47.38 16.12
CA ASP C 439 6.47 -48.07 17.07
C ASP C 439 6.48 -47.44 18.46
N ALA C 440 7.45 -46.58 18.74
CA ALA C 440 7.47 -45.89 20.03
C ALA C 440 6.42 -44.77 20.04
N LEU C 441 5.19 -45.13 20.37
CA LEU C 441 4.08 -44.20 20.31
C LEU C 441 4.05 -43.28 21.55
N ASP C 442 4.49 -43.81 22.69
CA ASP C 442 4.57 -43.06 23.92
C ASP C 442 5.86 -42.21 23.84
N ASP C 443 5.72 -40.91 24.06
CA ASP C 443 6.84 -39.95 23.93
C ASP C 443 7.48 -39.53 25.27
N SER C 444 7.07 -40.16 26.36
CA SER C 444 7.47 -39.69 27.68
C SER C 444 8.86 -40.17 28.11
N LEU C 445 9.54 -39.28 28.85
CA LEU C 445 10.75 -39.56 29.61
C LEU C 445 10.64 -40.94 30.27
N GLU C 446 9.66 -41.02 31.18
CA GLU C 446 9.16 -42.25 31.78
C GLU C 446 9.34 -43.48 30.89
N ALA C 447 8.65 -43.47 29.75
CA ALA C 447 8.64 -44.59 28.83
C ALA C 447 9.93 -44.76 28.03
N TYR C 448 10.75 -43.72 27.93
CA TYR C 448 11.97 -43.82 27.12
C TYR C 448 13.14 -44.37 27.94
N LEU C 449 13.11 -44.09 29.24
CA LEU C 449 14.19 -44.43 30.13
C LEU C 449 14.08 -45.78 30.84
N SER C 450 12.89 -46.40 30.86
CA SER C 450 12.68 -47.66 31.61
C SER C 450 13.08 -48.92 30.83
N THR D 8 8.23 47.27 -6.33
CA THR D 8 7.21 46.29 -5.79
C THR D 8 6.46 45.50 -6.88
N ARG D 9 6.49 44.17 -6.77
CA ARG D 9 6.31 43.24 -7.91
C ARG D 9 5.32 42.07 -7.67
N ILE D 10 4.45 41.81 -8.64
CA ILE D 10 3.41 40.80 -8.51
C ILE D 10 3.54 39.68 -9.53
N ALA D 11 3.39 38.44 -9.08
CA ALA D 11 3.33 37.31 -10.02
C ALA D 11 1.91 36.79 -10.15
N ILE D 12 1.47 36.62 -11.39
CA ILE D 12 0.16 36.11 -11.68
C ILE D 12 0.38 34.81 -12.43
N LEU D 13 -0.14 33.72 -11.87
CA LEU D 13 0.06 32.40 -12.47
C LEU D 13 -1.16 32.03 -13.28
N GLY D 14 -1.02 32.05 -14.59
CA GLY D 14 -2.08 31.67 -15.51
C GLY D 14 -2.73 32.82 -16.27
N ALA D 15 -2.94 32.65 -17.57
CA ALA D 15 -3.60 33.65 -18.41
C ALA D 15 -4.95 33.18 -18.96
N GLY D 16 -5.71 32.46 -18.14
CA GLY D 16 -7.11 32.16 -18.43
C GLY D 16 -7.96 33.38 -18.10
N PRO D 17 -9.28 33.22 -18.12
CA PRO D 17 -10.15 34.32 -17.69
C PRO D 17 -9.72 34.96 -16.38
N SER D 18 -9.27 34.19 -15.39
CA SER D 18 -8.87 34.78 -14.10
C SER D 18 -7.56 35.56 -14.19
N GLY D 19 -6.59 34.99 -14.88
CA GLY D 19 -5.33 35.68 -15.14
C GLY D 19 -5.62 36.96 -15.86
N MET D 20 -6.36 36.85 -16.95
CA MET D 20 -6.81 38.02 -17.68
C MET D 20 -7.48 39.06 -16.76
N ALA D 21 -8.42 38.62 -15.94
CA ALA D 21 -9.14 39.50 -15.02
C ALA D 21 -8.19 40.25 -14.12
N GLN D 22 -7.20 39.55 -13.59
CA GLN D 22 -6.29 40.15 -12.63
C GLN D 22 -5.47 41.26 -13.28
N LEU D 23 -4.96 40.99 -14.48
CA LEU D 23 -4.26 41.99 -15.26
C LEU D 23 -5.18 43.15 -15.50
N ARG D 24 -6.39 42.86 -15.95
CA ARG D 24 -7.38 43.89 -16.24
C ARG D 24 -7.63 44.75 -15.00
N ALA D 25 -7.81 44.13 -13.86
CA ALA D 25 -8.05 44.90 -12.65
C ALA D 25 -6.96 45.95 -12.43
N PHE D 26 -5.69 45.53 -12.46
CA PHE D 26 -4.58 46.46 -12.26
C PHE D 26 -4.56 47.51 -13.33
N GLN D 27 -4.78 47.07 -14.57
CA GLN D 27 -4.76 48.01 -15.67
C GLN D 27 -5.84 49.08 -15.49
N SER D 28 -7.02 48.69 -15.03
CA SER D 28 -8.11 49.64 -14.80
C SER D 28 -7.75 50.64 -13.71
N ALA D 29 -6.99 50.22 -12.71
CA ALA D 29 -6.66 51.09 -11.60
C ALA D 29 -5.66 52.14 -12.09
N GLN D 30 -4.77 51.69 -12.96
CA GLN D 30 -3.78 52.55 -13.59
C GLN D 30 -4.47 53.51 -14.55
N GLU D 31 -5.46 53.04 -15.29
CA GLU D 31 -6.18 53.90 -16.21
C GLU D 31 -6.82 55.06 -15.44
N LYS D 32 -7.31 54.79 -14.24
CA LYS D 32 -7.92 55.83 -13.42
C LYS D 32 -6.86 56.65 -12.69
N GLY D 33 -5.60 56.36 -12.97
CA GLY D 33 -4.50 57.21 -12.52
C GLY D 33 -3.76 56.79 -11.24
N ALA D 34 -3.99 55.58 -10.77
CA ALA D 34 -3.23 55.12 -9.61
C ALA D 34 -1.90 54.58 -10.09
N GLU D 35 -0.93 54.53 -9.18
CA GLU D 35 0.35 53.90 -9.44
C GLU D 35 0.23 52.43 -9.09
N ILE D 36 0.47 51.55 -10.06
CA ILE D 36 0.32 50.13 -9.82
C ILE D 36 1.68 49.46 -9.61
N PRO D 37 1.68 48.25 -9.03
CA PRO D 37 2.91 47.50 -8.93
C PRO D 37 3.34 46.98 -10.29
N GLU D 38 4.50 46.35 -10.34
CA GLU D 38 4.98 45.72 -11.55
C GLU D 38 4.31 44.35 -11.63
N LEU D 39 4.07 43.90 -12.85
CA LEU D 39 3.32 42.69 -13.07
C LEU D 39 4.08 41.75 -13.97
N VAL D 40 4.08 40.48 -13.62
CA VAL D 40 4.50 39.41 -14.53
C VAL D 40 3.49 38.28 -14.39
N CYS D 41 2.92 37.89 -15.52
CA CYS D 41 2.01 36.77 -15.61
C CYS D 41 2.67 35.65 -16.40
N PHE D 42 2.65 34.43 -15.87
CA PHE D 42 3.23 33.26 -16.50
C PHE D 42 2.14 32.34 -17.06
N GLU D 43 2.30 31.89 -18.30
CA GLU D 43 1.33 31.03 -18.92
C GLU D 43 2.02 29.89 -19.69
N LYS D 44 1.61 28.66 -19.45
CA LYS D 44 2.23 27.52 -20.10
C LYS D 44 1.81 27.34 -21.55
N GLN D 45 0.64 27.87 -21.93
CA GLN D 45 0.21 27.76 -23.32
C GLN D 45 0.83 28.85 -24.20
N ALA D 46 0.59 28.77 -25.49
CA ALA D 46 1.20 29.72 -26.41
C ALA D 46 0.33 30.95 -26.60
N ASP D 47 -0.84 30.98 -25.95
CA ASP D 47 -1.83 32.04 -26.12
C ASP D 47 -2.80 32.06 -24.94
N TRP D 48 -3.51 33.15 -24.75
CA TRP D 48 -4.32 33.28 -23.56
C TRP D 48 -5.74 32.78 -23.77
N GLY D 49 -6.50 32.64 -22.68
CA GLY D 49 -7.87 32.11 -22.77
C GLY D 49 -8.19 30.89 -21.91
N GLY D 50 -7.16 30.26 -21.35
CA GLY D 50 -7.37 29.16 -20.41
C GLY D 50 -8.07 28.01 -21.07
N GLN D 51 -9.18 27.58 -20.45
CA GLN D 51 -10.02 26.52 -21.00
C GLN D 51 -10.43 26.85 -22.41
N TRP D 52 -10.71 28.13 -22.64
CA TRP D 52 -11.32 28.58 -23.89
C TRP D 52 -10.40 28.56 -25.08
N ASN D 53 -9.14 28.25 -24.86
CA ASN D 53 -8.21 28.14 -25.95
C ASN D 53 -8.18 26.68 -26.40
N TYR D 54 -8.84 26.38 -27.51
CA TYR D 54 -9.00 25.00 -27.95
C TYR D 54 -7.70 24.37 -28.37
N THR D 55 -7.52 23.11 -28.02
CA THR D 55 -6.41 22.34 -28.57
C THR D 55 -6.84 20.93 -28.96
N TRP D 56 -6.21 20.40 -30.01
CA TRP D 56 -6.52 19.05 -30.46
C TRP D 56 -5.72 18.14 -29.58
N ARG D 57 -4.75 18.71 -28.85
CA ARG D 57 -3.86 17.89 -28.03
C ARG D 57 -4.55 17.26 -26.80
N THR D 58 -3.90 16.24 -26.26
CA THR D 58 -4.50 15.31 -25.33
C THR D 58 -3.41 14.80 -24.41
N GLY D 59 -3.73 14.72 -23.11
CA GLY D 59 -2.76 14.21 -22.15
C GLY D 59 -1.63 15.20 -21.87
N LEU D 60 -0.55 15.11 -22.64
CA LEU D 60 0.61 15.97 -22.47
C LEU D 60 0.86 16.78 -23.72
N ASP D 61 1.22 18.06 -23.57
CA ASP D 61 1.37 18.98 -24.71
C ASP D 61 2.75 18.91 -25.34
N GLU D 62 3.03 19.75 -26.33
CA GLU D 62 4.28 19.68 -27.09
C GLU D 62 5.56 19.83 -26.26
N ASN D 63 5.43 20.39 -25.06
CA ASN D 63 6.58 20.56 -24.15
C ASN D 63 6.60 19.53 -23.05
N GLY D 64 5.52 18.77 -22.94
CA GLY D 64 5.42 17.73 -21.94
C GLY D 64 4.71 18.17 -20.69
N GLU D 65 4.07 19.34 -20.73
CA GLU D 65 3.21 19.76 -19.65
C GLU D 65 1.85 19.12 -19.80
N PRO D 66 1.18 18.82 -18.68
CA PRO D 66 -0.19 18.37 -18.79
C PRO D 66 -1.02 19.30 -19.68
N VAL D 67 -1.82 18.74 -20.56
CA VAL D 67 -2.66 19.57 -21.43
C VAL D 67 -3.71 20.22 -20.58
N HIS D 68 -3.83 21.52 -20.68
CA HIS D 68 -4.73 22.22 -19.79
C HIS D 68 -6.21 22.23 -20.18
N SER D 69 -6.52 22.52 -21.44
CA SER D 69 -7.92 22.70 -21.84
C SER D 69 -8.70 21.40 -21.81
N SER D 70 -9.92 21.47 -21.29
CA SER D 70 -10.83 20.32 -21.30
C SER D 70 -11.88 20.47 -22.40
N MET D 71 -11.76 21.54 -23.17
CA MET D 71 -12.79 21.88 -24.14
C MET D 71 -12.68 21.07 -25.42
N TYR D 72 -13.83 20.83 -26.04
CA TYR D 72 -13.93 19.98 -27.22
C TYR D 72 -14.62 20.71 -28.36
N ARG D 73 -14.49 20.16 -29.57
CA ARG D 73 -15.19 20.69 -30.75
C ARG D 73 -16.66 20.79 -30.41
N TYR D 74 -17.30 21.82 -30.97
CA TYR D 74 -18.77 21.99 -30.87
C TYR D 74 -19.25 22.45 -29.49
N LEU D 75 -18.33 22.74 -28.57
CA LEU D 75 -18.72 23.26 -27.26
C LEU D 75 -19.36 24.61 -27.44
N TRP D 76 -20.42 24.83 -26.66
CA TRP D 76 -21.14 26.08 -26.61
C TRP D 76 -21.32 26.46 -25.16
N SER D 77 -21.35 27.76 -24.87
CA SER D 77 -21.65 28.23 -23.54
C SER D 77 -22.75 27.37 -22.99
N ASN D 78 -22.63 26.94 -21.73
CA ASN D 78 -23.69 26.10 -21.21
C ASN D 78 -24.62 26.83 -20.26
N GLY D 79 -24.43 28.13 -20.15
CA GLY D 79 -25.34 28.99 -19.39
C GLY D 79 -25.56 30.31 -20.13
N PRO D 80 -26.52 31.09 -19.66
CA PRO D 80 -26.78 32.35 -20.33
C PRO D 80 -25.55 33.24 -20.35
N LYS D 81 -25.02 33.47 -21.56
CA LYS D 81 -24.11 34.57 -21.85
C LYS D 81 -24.25 35.75 -20.87
N GLU D 82 -25.48 36.16 -20.61
CA GLU D 82 -25.69 37.38 -19.84
C GLU D 82 -25.37 37.21 -18.36
N CYS D 83 -25.28 35.95 -17.94
CA CYS D 83 -24.84 35.64 -16.59
C CYS D 83 -23.31 35.74 -16.44
N LEU D 84 -22.58 35.76 -17.55
CA LEU D 84 -21.15 35.87 -17.47
C LEU D 84 -20.56 37.10 -18.14
N GLU D 85 -21.40 38.12 -18.35
CA GLU D 85 -20.97 39.34 -19.02
C GLU D 85 -20.08 40.17 -18.11
N PHE D 86 -19.02 40.78 -18.66
CA PHE D 86 -18.18 41.71 -17.91
C PHE D 86 -18.95 43.00 -17.66
N ALA D 87 -18.96 43.47 -16.43
CA ALA D 87 -19.59 44.75 -16.14
C ALA D 87 -18.84 45.93 -16.72
N ASP D 88 -17.62 45.72 -17.19
CA ASP D 88 -16.79 46.84 -17.68
C ASP D 88 -16.48 46.75 -19.19
N TYR D 89 -17.11 45.79 -19.85
CA TYR D 89 -16.83 45.50 -21.26
C TYR D 89 -17.97 44.60 -21.79
N THR D 90 -19.03 45.26 -22.26
CA THR D 90 -20.29 44.59 -22.60
C THR D 90 -20.21 43.79 -23.90
N PHE D 91 -21.20 42.92 -24.11
CA PHE D 91 -21.27 42.17 -25.37
C PHE D 91 -21.50 43.08 -26.58
N ASP D 92 -22.23 44.17 -26.33
CA ASP D 92 -22.47 45.19 -27.35
C ASP D 92 -21.16 45.84 -27.75
N GLU D 93 -20.36 46.25 -26.76
CA GLU D 93 -19.10 46.94 -27.05
C GLU D 93 -18.24 46.08 -27.93
N HIS D 94 -18.20 44.79 -27.65
CA HIS D 94 -17.25 43.93 -28.33
C HIS D 94 -17.73 43.56 -29.72
N PHE D 95 -19.00 43.18 -29.81
CA PHE D 95 -19.51 42.59 -31.05
C PHE D 95 -20.17 43.57 -32.03
N GLY D 96 -20.50 44.76 -31.53
CA GLY D 96 -21.17 45.78 -32.33
C GLY D 96 -22.66 45.58 -32.52
N LYS D 97 -23.12 44.35 -32.40
CA LYS D 97 -24.52 43.98 -32.64
C LYS D 97 -25.00 43.06 -31.52
N PRO D 98 -26.33 42.90 -31.38
CA PRO D 98 -26.81 41.82 -30.50
C PRO D 98 -26.46 40.45 -31.07
N ILE D 99 -26.27 39.46 -30.19
CA ILE D 99 -26.14 38.06 -30.60
C ILE D 99 -26.92 37.15 -29.63
N ALA D 100 -27.07 35.88 -29.98
CA ALA D 100 -27.82 34.95 -29.14
C ALA D 100 -27.13 34.68 -27.80
N SER D 101 -27.75 33.84 -26.99
CA SER D 101 -27.40 33.74 -25.57
C SER D 101 -26.47 32.59 -25.18
N TYR D 102 -26.11 31.75 -26.15
CA TYR D 102 -25.27 30.60 -25.87
C TYR D 102 -24.24 30.48 -26.94
N PRO D 103 -23.34 31.46 -27.03
CA PRO D 103 -22.32 31.48 -28.08
C PRO D 103 -21.40 30.28 -27.96
N PRO D 104 -20.90 29.79 -29.09
CA PRO D 104 -19.94 28.70 -29.08
C PRO D 104 -18.60 29.15 -28.54
N ARG D 105 -17.76 28.18 -28.20
CA ARG D 105 -16.42 28.38 -27.67
C ARG D 105 -15.70 29.56 -28.31
N GLU D 106 -15.40 29.43 -29.60
CA GLU D 106 -14.65 30.44 -30.34
C GLU D 106 -15.20 31.83 -30.16
N VAL D 107 -16.50 31.94 -29.99
CA VAL D 107 -17.15 33.24 -29.85
C VAL D 107 -16.85 33.87 -28.49
N LEU D 108 -17.04 33.13 -27.40
CA LEU D 108 -16.69 33.63 -26.06
C LEU D 108 -15.17 33.80 -25.86
N TRP D 109 -14.37 32.95 -26.51
CA TRP D 109 -12.93 33.16 -26.57
C TRP D 109 -12.63 34.53 -27.14
N ASP D 110 -13.27 34.87 -28.25
CA ASP D 110 -12.96 36.14 -28.92
C ASP D 110 -13.33 37.28 -27.99
N TYR D 111 -14.41 37.08 -27.26
CA TYR D 111 -14.93 38.07 -26.35
C TYR D 111 -13.95 38.35 -25.23
N ILE D 112 -13.51 37.32 -24.52
CA ILE D 112 -12.63 37.57 -23.38
C ILE D 112 -11.27 38.11 -23.82
N LYS D 113 -10.75 37.61 -24.93
CA LYS D 113 -9.53 38.17 -25.51
C LYS D 113 -9.71 39.66 -25.83
N GLY D 114 -10.90 40.00 -26.36
CA GLY D 114 -11.25 41.39 -26.69
C GLY D 114 -10.96 42.39 -25.58
N ARG D 115 -11.45 42.10 -24.38
CA ARG D 115 -11.26 43.00 -23.25
C ARG D 115 -9.77 43.22 -22.96
N VAL D 116 -8.99 42.15 -22.98
CA VAL D 116 -7.57 42.28 -22.65
C VAL D 116 -6.72 42.78 -23.81
N GLU D 117 -7.22 42.62 -25.03
CA GLU D 117 -6.64 43.29 -26.18
C GLU D 117 -6.80 44.82 -26.02
N LYS D 118 -8.03 45.27 -25.89
CA LYS D 118 -8.30 46.68 -25.61
C LYS D 118 -7.43 47.21 -24.48
N ALA D 119 -7.29 46.47 -23.39
CA ALA D 119 -6.54 46.95 -22.22
C ALA D 119 -5.01 46.99 -22.41
N GLY D 120 -4.54 46.35 -23.49
CA GLY D 120 -3.13 46.19 -23.79
C GLY D 120 -2.28 45.53 -22.72
N VAL D 121 -2.82 44.52 -22.04
CA VAL D 121 -2.09 43.86 -20.96
C VAL D 121 -1.26 42.66 -21.40
N ARG D 122 -1.37 42.28 -22.67
CA ARG D 122 -0.61 41.14 -23.18
C ARG D 122 0.86 41.27 -22.85
N LYS D 123 1.35 42.51 -22.83
CA LYS D 123 2.76 42.77 -22.64
C LYS D 123 3.30 42.28 -21.28
N TYR D 124 2.41 41.98 -20.35
CA TYR D 124 2.84 41.53 -19.04
C TYR D 124 3.05 40.02 -19.02
N ILE D 125 2.65 39.34 -20.10
CA ILE D 125 2.60 37.89 -20.08
C ILE D 125 3.81 37.24 -20.71
N ARG D 126 4.33 36.24 -20.03
CA ARG D 126 5.40 35.42 -20.57
C ARG D 126 4.79 34.07 -20.91
N PHE D 127 4.47 33.89 -22.19
CA PHE D 127 3.83 32.67 -22.67
C PHE D 127 4.79 31.51 -22.74
N ASN D 128 4.25 30.35 -23.10
CA ASN D 128 5.02 29.14 -23.21
C ASN D 128 6.00 28.95 -22.04
N THR D 129 5.56 29.31 -20.83
CA THR D 129 6.38 29.26 -19.61
C THR D 129 5.61 28.55 -18.48
N ALA D 130 6.14 27.43 -17.99
CA ALA D 130 5.42 26.67 -17.00
C ALA D 130 5.94 26.98 -15.62
N VAL D 131 5.06 27.27 -14.68
CA VAL D 131 5.46 27.52 -13.30
C VAL D 131 5.81 26.20 -12.65
N ARG D 132 7.01 26.11 -12.08
CA ARG D 132 7.47 24.88 -11.43
C ARG D 132 7.29 24.90 -9.96
N HIS D 133 7.60 26.02 -9.34
CA HIS D 133 7.68 26.09 -7.90
C HIS D 133 7.47 27.51 -7.42
N VAL D 134 6.78 27.65 -6.29
CA VAL D 134 6.67 28.93 -5.64
C VAL D 134 7.08 28.70 -4.21
N GLU D 135 8.10 29.41 -3.77
CA GLU D 135 8.51 29.31 -2.37
C GLU D 135 8.44 30.66 -1.72
N PHE D 136 8.07 30.66 -0.44
CA PHE D 136 8.09 31.89 0.31
C PHE D 136 9.32 31.93 1.22
N ASN D 137 10.08 33.02 1.13
CA ASN D 137 11.25 33.25 1.98
C ASN D 137 10.88 34.10 3.20
N GLU D 138 10.86 33.46 4.38
CA GLU D 138 10.52 34.12 5.64
C GLU D 138 11.40 35.32 5.92
N ASP D 139 12.70 35.14 5.71
CA ASP D 139 13.72 36.16 5.94
C ASP D 139 13.52 37.47 5.13
N SER D 140 13.24 37.38 3.83
CA SER D 140 13.10 38.58 3.02
C SER D 140 11.63 38.95 2.80
N GLN D 141 10.73 38.07 3.26
CA GLN D 141 9.29 38.27 3.13
C GLN D 141 8.87 38.39 1.64
N THR D 142 9.47 37.57 0.78
CA THR D 142 9.20 37.56 -0.65
C THR D 142 9.02 36.12 -1.17
N PHE D 143 8.53 35.98 -2.40
CA PHE D 143 8.33 34.69 -3.07
C PHE D 143 9.36 34.49 -4.17
N THR D 144 9.93 33.29 -4.25
CA THR D 144 10.75 32.94 -5.41
C THR D 144 9.90 32.07 -6.29
N VAL D 145 9.70 32.51 -7.52
CA VAL D 145 8.90 31.75 -8.49
C VAL D 145 9.86 31.21 -9.51
N THR D 146 9.88 29.89 -9.64
CA THR D 146 10.75 29.19 -10.58
C THR D 146 9.91 28.69 -11.76
N VAL D 147 10.31 29.07 -12.96
CA VAL D 147 9.54 28.70 -14.14
C VAL D 147 10.43 28.03 -15.15
N GLN D 148 9.83 27.36 -16.12
CA GLN D 148 10.59 26.78 -17.21
C GLN D 148 10.10 27.40 -18.48
N ASP D 149 10.98 28.13 -19.15
CA ASP D 149 10.67 28.75 -20.41
C ASP D 149 10.91 27.76 -21.53
N HIS D 150 9.84 27.31 -22.18
CA HIS D 150 9.96 26.25 -23.18
C HIS D 150 10.38 26.77 -24.55
N THR D 151 10.47 28.09 -24.68
CA THR D 151 10.93 28.68 -25.93
C THR D 151 12.44 28.64 -25.93
N THR D 152 13.05 28.97 -24.80
CA THR D 152 14.50 28.95 -24.71
C THR D 152 14.98 27.67 -24.04
N ASP D 153 14.04 26.81 -23.67
CA ASP D 153 14.35 25.65 -22.84
C ASP D 153 15.21 25.98 -21.62
N THR D 154 14.82 26.99 -20.85
CA THR D 154 15.62 27.43 -19.71
C THR D 154 14.77 27.46 -18.46
N ILE D 155 15.39 27.20 -17.32
CA ILE D 155 14.69 27.26 -16.06
C ILE D 155 15.31 28.38 -15.25
N TYR D 156 14.50 29.38 -14.91
CA TYR D 156 14.97 30.48 -14.10
C TYR D 156 13.98 30.84 -13.02
N SER D 157 14.41 31.70 -12.11
CA SER D 157 13.52 32.09 -11.05
C SER D 157 13.55 33.58 -10.76
N ALA D 158 12.44 34.11 -10.27
CA ALA D 158 12.38 35.54 -9.97
C ALA D 158 11.72 35.80 -8.62
N ALA D 159 12.07 36.94 -8.03
CA ALA D 159 11.49 37.33 -6.73
C ALA D 159 10.24 38.17 -6.91
N PHE D 160 9.23 37.88 -6.10
CA PHE D 160 7.97 38.65 -6.10
C PHE D 160 7.47 38.91 -4.70
N ASP D 161 6.81 40.05 -4.53
CA ASP D 161 6.21 40.46 -3.25
C ASP D 161 4.83 39.86 -2.97
N TYR D 162 4.04 39.65 -4.02
CA TYR D 162 2.77 38.97 -3.91
C TYR D 162 2.61 38.00 -5.06
N VAL D 163 1.78 36.97 -4.86
CA VAL D 163 1.49 36.02 -5.92
C VAL D 163 0.01 35.75 -5.99
N VAL D 164 -0.55 35.83 -7.18
CA VAL D 164 -1.95 35.49 -7.43
C VAL D 164 -2.04 34.24 -8.32
N CYS D 165 -2.61 33.18 -7.77
CA CYS D 165 -2.72 31.92 -8.48
C CYS D 165 -4.04 31.81 -9.25
N CYS D 166 -3.96 31.66 -10.57
CA CYS D 166 -5.13 31.60 -11.44
C CYS D 166 -5.03 30.40 -12.34
N THR D 167 -4.65 29.24 -11.80
CA THR D 167 -4.32 28.10 -12.66
C THR D 167 -5.49 27.15 -12.84
N GLY D 168 -6.62 27.47 -12.24
CA GLY D 168 -7.85 26.73 -12.48
C GLY D 168 -7.95 25.45 -11.68
N HIS D 169 -9.09 24.79 -11.75
CA HIS D 169 -9.31 23.51 -11.09
C HIS D 169 -10.24 22.57 -11.86
N PHE D 170 -10.26 22.69 -13.19
CA PHE D 170 -11.02 21.80 -14.07
C PHE D 170 -10.11 21.24 -15.15
N SER D 171 -8.86 20.93 -14.80
CA SER D 171 -7.89 20.41 -15.76
C SER D 171 -7.28 19.09 -15.37
N THR D 172 -7.08 18.90 -14.07
CA THR D 172 -6.54 17.64 -13.62
C THR D 172 -7.72 16.73 -13.32
N PRO D 173 -7.89 15.69 -14.14
CA PRO D 173 -9.09 14.87 -14.06
C PRO D 173 -9.11 14.02 -12.78
N TYR D 174 -10.28 13.89 -12.18
CA TYR D 174 -10.51 12.82 -11.23
C TYR D 174 -11.01 11.64 -12.04
N VAL D 175 -10.24 10.56 -12.00
CA VAL D 175 -10.50 9.41 -12.86
C VAL D 175 -10.58 8.14 -12.02
N PRO D 176 -11.76 7.79 -11.48
CA PRO D 176 -11.84 6.62 -10.60
C PRO D 176 -11.69 5.36 -11.41
N GLU D 177 -11.22 4.27 -10.78
CA GLU D 177 -11.07 3.00 -11.47
C GLU D 177 -12.32 2.12 -11.28
N PHE D 178 -12.63 1.33 -12.31
CA PHE D 178 -13.72 0.38 -12.25
C PHE D 178 -13.18 -0.98 -12.65
N GLU D 179 -13.54 -2.00 -11.86
CA GLU D 179 -13.09 -3.37 -12.10
C GLU D 179 -13.23 -3.79 -13.56
N GLY D 180 -12.14 -4.26 -14.15
CA GLY D 180 -12.21 -4.76 -15.52
C GLY D 180 -11.72 -3.82 -16.61
N PHE D 181 -11.44 -2.57 -16.25
CA PHE D 181 -10.90 -1.60 -17.21
C PHE D 181 -9.66 -2.13 -17.93
N GLU D 182 -8.86 -2.92 -17.22
CA GLU D 182 -7.64 -3.53 -17.76
C GLU D 182 -7.92 -4.60 -18.84
N LYS D 183 -9.19 -5.04 -18.93
CA LYS D 183 -9.63 -6.10 -19.86
C LYS D 183 -10.46 -5.58 -21.05
N PHE D 184 -11.15 -4.46 -20.83
CA PHE D 184 -11.97 -3.81 -21.85
C PHE D 184 -11.21 -3.55 -23.13
N GLY D 185 -11.90 -3.61 -24.27
CA GLY D 185 -11.26 -3.56 -25.57
C GLY D 185 -11.50 -2.28 -26.36
N GLY D 186 -12.44 -1.47 -25.88
CA GLY D 186 -12.65 -0.13 -26.47
C GLY D 186 -11.90 0.98 -25.71
N ARG D 187 -11.97 2.19 -26.26
CA ARG D 187 -11.28 3.34 -25.65
C ARG D 187 -11.87 3.67 -24.30
N ILE D 188 -11.00 3.91 -23.32
CA ILE D 188 -11.40 4.55 -22.07
C ILE D 188 -10.78 5.93 -21.95
N LEU D 189 -11.60 6.93 -21.62
CA LEU D 189 -11.10 8.28 -21.50
C LEU D 189 -11.85 9.08 -20.47
N HIS D 190 -11.21 10.14 -20.02
CA HIS D 190 -11.88 11.12 -19.18
C HIS D 190 -12.49 12.20 -20.08
N ALA D 191 -13.59 12.79 -19.60
CA ALA D 191 -14.19 13.94 -20.25
C ALA D 191 -13.14 14.93 -20.72
N HIS D 192 -12.05 15.05 -19.95
CA HIS D 192 -10.95 15.98 -20.22
C HIS D 192 -10.30 15.73 -21.56
N ASP D 193 -10.27 14.48 -22.00
CA ASP D 193 -9.60 14.11 -23.25
C ASP D 193 -10.58 14.04 -24.43
N PHE D 194 -11.84 14.40 -24.19
CA PHE D 194 -12.85 14.32 -25.23
C PHE D 194 -12.63 15.46 -26.22
N ARG D 195 -12.55 15.13 -27.51
CA ARG D 195 -12.27 16.14 -28.54
C ARG D 195 -13.31 16.30 -29.67
N ASP D 196 -13.27 15.45 -30.69
CA ASP D 196 -14.26 15.50 -31.77
C ASP D 196 -15.37 14.44 -31.59
N ALA D 197 -16.62 14.87 -31.37
CA ALA D 197 -17.73 13.93 -31.19
C ALA D 197 -17.88 12.90 -32.35
N LEU D 198 -17.43 13.27 -33.55
CA LEU D 198 -17.48 12.38 -34.69
C LEU D 198 -16.78 11.03 -34.51
N GLU D 199 -15.74 10.96 -33.66
CA GLU D 199 -15.05 9.68 -33.45
C GLU D 199 -15.99 8.64 -32.84
N PHE D 200 -17.13 9.09 -32.31
CA PHE D 200 -18.11 8.19 -31.71
C PHE D 200 -19.41 8.06 -32.52
N LYS D 201 -19.35 8.43 -33.80
CA LYS D 201 -20.49 8.27 -34.70
C LYS D 201 -20.74 6.77 -34.91
N ASP D 202 -22.02 6.40 -34.78
CA ASP D 202 -22.50 5.01 -34.93
C ASP D 202 -21.94 4.08 -33.86
N LYS D 203 -21.64 4.62 -32.68
CA LYS D 203 -21.09 3.81 -31.61
C LYS D 203 -21.93 3.91 -30.36
N THR D 204 -21.77 2.93 -29.48
CA THR D 204 -22.43 2.98 -28.18
C THR D 204 -21.44 3.54 -27.18
N VAL D 205 -21.89 4.55 -26.45
CA VAL D 205 -21.01 5.30 -25.56
C VAL D 205 -21.54 5.27 -24.12
N LEU D 206 -20.76 4.69 -23.23
CA LEU D 206 -21.04 4.80 -21.81
C LEU D 206 -20.44 6.10 -21.27
N LEU D 207 -21.22 6.84 -20.50
CA LEU D 207 -20.77 8.04 -19.86
C LEU D 207 -20.94 7.91 -18.35
N VAL D 208 -19.84 7.81 -17.62
CA VAL D 208 -19.94 7.71 -16.17
C VAL D 208 -20.03 9.10 -15.54
N GLY D 209 -21.08 9.36 -14.75
CA GLY D 209 -21.24 10.67 -14.07
C GLY D 209 -22.58 11.33 -14.32
N SER D 210 -22.93 12.33 -13.52
CA SER D 210 -24.27 12.92 -13.58
C SER D 210 -24.28 14.46 -13.48
N SER D 211 -23.25 15.11 -14.03
CA SER D 211 -23.18 16.57 -13.98
C SER D 211 -23.00 17.19 -15.37
N TYR D 212 -22.56 18.44 -15.44
CA TYR D 212 -22.47 19.17 -16.71
C TYR D 212 -21.76 18.38 -17.80
N SER D 213 -20.60 17.81 -17.49
CA SER D 213 -19.84 17.06 -18.50
C SER D 213 -20.63 15.88 -19.06
N ALA D 214 -21.31 15.14 -18.20
CA ALA D 214 -22.17 14.06 -18.63
C ALA D 214 -23.24 14.60 -19.57
N GLU D 215 -24.07 15.53 -19.07
CA GLU D 215 -25.07 16.20 -19.88
C GLU D 215 -24.54 16.56 -21.27
N ASP D 216 -23.48 17.37 -21.33
CA ASP D 216 -23.07 17.96 -22.60
C ASP D 216 -22.29 17.02 -23.51
N ILE D 217 -21.47 16.13 -22.96
CA ILE D 217 -20.73 15.26 -23.86
C ILE D 217 -21.69 14.28 -24.48
N GLY D 218 -22.67 13.84 -23.68
CA GLY D 218 -23.74 13.00 -24.19
C GLY D 218 -24.45 13.70 -25.32
N SER D 219 -25.00 14.89 -25.01
CA SER D 219 -25.65 15.75 -26.01
C SER D 219 -24.80 15.85 -27.26
N GLN D 220 -23.52 16.10 -27.10
CA GLN D 220 -22.71 16.31 -28.26
C GLN D 220 -22.60 15.01 -29.10
N CYS D 221 -22.42 13.88 -28.43
CA CYS D 221 -22.32 12.59 -29.12
C CYS D 221 -23.59 12.29 -29.91
N TYR D 222 -24.71 12.50 -29.22
CA TYR D 222 -26.04 12.39 -29.82
C TYR D 222 -26.14 13.26 -31.06
N LYS D 223 -26.03 14.57 -30.86
CA LYS D 223 -26.05 15.52 -31.96
C LYS D 223 -25.23 15.12 -33.20
N TYR D 224 -24.10 14.45 -33.04
CA TYR D 224 -23.22 14.14 -34.20
C TYR D 224 -23.29 12.66 -34.65
N GLY D 225 -24.33 11.97 -34.17
CA GLY D 225 -24.72 10.66 -34.73
C GLY D 225 -24.22 9.41 -34.04
N ALA D 226 -24.20 9.42 -32.71
CA ALA D 226 -23.84 8.19 -32.01
C ALA D 226 -25.03 7.22 -32.09
N LYS D 227 -24.75 5.91 -32.19
CA LYS D 227 -25.83 4.92 -32.15
C LYS D 227 -26.62 4.91 -30.83
N LYS D 228 -25.93 4.95 -29.69
CA LYS D 228 -26.60 4.76 -28.38
C LYS D 228 -25.80 5.34 -27.21
N LEU D 229 -26.52 5.85 -26.22
CA LEU D 229 -25.89 6.53 -25.10
C LEU D 229 -26.39 5.99 -23.78
N ILE D 230 -25.44 5.74 -22.87
CA ILE D 230 -25.80 5.30 -21.55
C ILE D 230 -25.10 6.14 -20.50
N SER D 231 -25.88 6.88 -19.72
CA SER D 231 -25.39 7.55 -18.51
C SER D 231 -25.57 6.62 -17.31
N CYS D 232 -24.64 6.67 -16.37
CA CYS D 232 -24.85 6.05 -15.07
C CYS D 232 -24.43 6.98 -13.94
N TYR D 233 -25.12 6.91 -12.81
CA TYR D 233 -24.96 7.92 -11.76
C TYR D 233 -24.50 7.33 -10.43
N ARG D 234 -23.65 8.06 -9.72
CA ARG D 234 -23.21 7.59 -8.41
C ARG D 234 -24.35 7.73 -7.39
N THR D 235 -24.86 8.94 -7.17
CA THR D 235 -25.88 9.15 -6.12
C THR D 235 -27.33 9.31 -6.64
N ALA D 236 -27.56 10.31 -7.51
CA ALA D 236 -28.91 10.57 -8.02
C ALA D 236 -28.91 10.68 -9.54
N PRO D 237 -30.02 10.32 -10.21
CA PRO D 237 -30.00 10.42 -11.67
C PRO D 237 -30.12 11.89 -12.13
N MET D 238 -29.52 12.19 -13.27
CA MET D 238 -29.57 13.54 -13.81
C MET D 238 -30.99 14.10 -13.84
N GLY D 239 -31.93 13.32 -14.39
CA GLY D 239 -33.37 13.64 -14.29
C GLY D 239 -34.11 14.09 -15.54
N TYR D 240 -33.38 14.43 -16.61
CA TYR D 240 -33.96 15.01 -17.82
C TYR D 240 -34.56 13.93 -18.74
N LYS D 241 -35.41 14.36 -19.69
CA LYS D 241 -35.97 13.43 -20.66
C LYS D 241 -34.98 13.32 -21.82
N TRP D 242 -34.21 12.24 -21.80
CA TRP D 242 -33.25 11.99 -22.87
C TRP D 242 -33.93 11.41 -24.10
N PRO D 243 -33.46 11.76 -25.31
CA PRO D 243 -33.93 11.16 -26.56
C PRO D 243 -34.04 9.63 -26.54
N GLU D 244 -34.72 9.12 -27.57
CA GLU D 244 -35.01 7.69 -27.70
C GLU D 244 -33.77 6.79 -27.46
N ASN D 245 -32.59 7.16 -27.95
CA ASN D 245 -31.41 6.27 -27.85
C ASN D 245 -30.42 6.58 -26.71
N TRP D 246 -30.96 6.87 -25.52
CA TRP D 246 -30.16 7.31 -24.39
C TRP D 246 -30.86 6.89 -23.08
N ASP D 247 -30.25 6.00 -22.30
CA ASP D 247 -30.79 5.60 -20.97
C ASP D 247 -29.98 6.13 -19.80
N GLU D 248 -30.64 6.34 -18.68
CA GLU D 248 -29.94 6.54 -17.42
C GLU D 248 -30.16 5.30 -16.59
N ARG D 249 -29.07 4.76 -16.05
CA ARG D 249 -29.17 3.64 -15.10
C ARG D 249 -28.23 3.89 -13.95
N PRO D 250 -28.43 3.20 -12.82
CA PRO D 250 -27.53 3.41 -11.68
C PRO D 250 -26.10 2.94 -11.97
N ASN D 251 -25.20 3.24 -11.02
CA ASN D 251 -23.76 3.22 -11.29
C ASN D 251 -23.20 1.97 -11.90
N LEU D 252 -22.20 2.15 -12.77
CA LEU D 252 -21.39 1.08 -13.31
C LEU D 252 -20.73 0.29 -12.17
N VAL D 253 -20.58 -1.02 -12.31
CA VAL D 253 -19.92 -1.80 -11.27
C VAL D 253 -18.72 -2.57 -11.80
N ARG D 254 -18.82 -3.11 -13.01
CA ARG D 254 -17.67 -3.79 -13.56
C ARG D 254 -17.76 -3.81 -15.07
N VAL D 255 -16.71 -4.28 -15.71
CA VAL D 255 -16.61 -4.23 -17.14
C VAL D 255 -15.93 -5.51 -17.68
N ASP D 256 -16.23 -5.79 -18.94
CA ASP D 256 -15.97 -7.07 -19.55
C ASP D 256 -15.02 -6.78 -20.71
N THR D 257 -14.74 -7.76 -21.55
CA THR D 257 -14.06 -7.52 -22.81
C THR D 257 -14.84 -6.53 -23.70
N GLU D 258 -16.15 -6.48 -23.55
CA GLU D 258 -16.99 -5.63 -24.43
C GLU D 258 -18.31 -5.19 -23.78
N ASN D 259 -18.52 -5.54 -22.52
CA ASN D 259 -19.79 -5.21 -21.85
C ASN D 259 -19.65 -4.44 -20.55
N ALA D 260 -20.68 -3.67 -20.22
CA ALA D 260 -20.73 -3.01 -18.92
C ALA D 260 -21.82 -3.61 -18.03
N TYR D 261 -21.58 -3.59 -16.73
CA TYR D 261 -22.50 -4.18 -15.77
C TYR D 261 -22.78 -3.16 -14.67
N PHE D 262 -24.07 -2.95 -14.38
CA PHE D 262 -24.53 -1.90 -13.45
C PHE D 262 -25.24 -2.45 -12.20
N ALA D 263 -25.46 -1.61 -11.19
CA ALA D 263 -26.16 -2.02 -9.96
C ALA D 263 -27.62 -2.43 -10.21
N ASP D 264 -28.16 -2.01 -11.36
CA ASP D 264 -29.35 -2.59 -11.98
C ASP D 264 -29.35 -4.11 -11.85
N GLY D 265 -28.23 -4.72 -12.25
CA GLY D 265 -28.20 -6.12 -12.62
C GLY D 265 -28.11 -6.18 -14.15
N SER D 266 -28.31 -5.04 -14.81
CA SER D 266 -28.36 -4.97 -16.29
C SER D 266 -26.99 -5.05 -17.00
N SER D 267 -27.05 -5.10 -18.34
CA SER D 267 -25.90 -5.40 -19.19
C SER D 267 -26.06 -4.74 -20.56
N GLU D 268 -24.94 -4.27 -21.12
CA GLU D 268 -24.93 -3.69 -22.47
C GLU D 268 -23.58 -3.86 -23.14
N LYS D 269 -23.60 -4.12 -24.44
CA LYS D 269 -22.39 -4.01 -25.26
C LYS D 269 -22.05 -2.52 -25.36
N VAL D 270 -20.78 -2.18 -25.15
CA VAL D 270 -20.30 -0.78 -25.16
C VAL D 270 -19.03 -0.64 -25.99
N ASP D 271 -18.93 0.45 -26.75
CA ASP D 271 -17.78 0.70 -27.65
C ASP D 271 -16.67 1.54 -27.04
N ALA D 272 -17.05 2.42 -26.10
CA ALA D 272 -16.15 3.43 -25.51
C ALA D 272 -16.73 3.94 -24.20
N ILE D 273 -15.86 4.13 -23.21
CA ILE D 273 -16.32 4.70 -21.94
C ILE D 273 -15.72 6.09 -21.76
N ILE D 274 -16.56 7.06 -21.40
CA ILE D 274 -16.07 8.38 -21.11
C ILE D 274 -16.35 8.70 -19.66
N LEU D 275 -15.28 8.88 -18.89
CA LEU D 275 -15.42 9.23 -17.49
C LEU D 275 -15.68 10.74 -17.30
N CYS D 276 -16.88 11.06 -16.82
CA CYS D 276 -17.27 12.43 -16.60
C CYS D 276 -17.36 12.68 -15.10
N THR D 277 -16.27 12.32 -14.43
CA THR D 277 -16.23 12.22 -12.97
C THR D 277 -15.58 13.42 -12.29
N GLY D 278 -15.33 14.49 -13.06
CA GLY D 278 -14.85 15.75 -12.51
C GLY D 278 -13.35 15.87 -12.43
N TYR D 279 -12.92 16.82 -11.62
CA TYR D 279 -11.51 17.19 -11.52
C TYR D 279 -11.06 17.36 -10.07
N ILE D 280 -9.74 17.43 -9.90
CA ILE D 280 -9.16 17.67 -8.59
C ILE D 280 -8.40 18.97 -8.62
N HIS D 281 -8.35 19.65 -7.49
CA HIS D 281 -7.54 20.83 -7.33
C HIS D 281 -6.11 20.34 -7.19
N HIS D 282 -5.27 20.67 -8.15
CA HIS D 282 -3.93 20.12 -8.17
C HIS D 282 -2.95 21.22 -8.42
N PHE D 283 -2.04 21.45 -7.48
CA PHE D 283 -1.07 22.52 -7.63
C PHE D 283 0.33 21.97 -7.42
N PRO D 284 0.89 21.33 -8.44
CA PRO D 284 2.15 20.66 -8.21
C PRO D 284 3.33 21.63 -7.99
N PHE D 285 3.10 22.94 -8.15
CA PHE D 285 4.17 23.93 -8.00
C PHE D 285 4.17 24.59 -6.61
N LEU D 286 3.32 24.11 -5.71
CA LEU D 286 3.21 24.67 -4.35
C LEU D 286 3.54 23.67 -3.26
N ASN D 287 4.24 24.11 -2.21
CA ASN D 287 4.41 23.27 -1.02
C ASN D 287 3.22 23.39 -0.08
N ASP D 288 3.14 22.55 0.95
CA ASP D 288 1.96 22.55 1.83
C ASP D 288 1.67 23.87 2.53
N ASP D 289 2.67 24.75 2.62
CA ASP D 289 2.47 26.05 3.27
C ASP D 289 1.54 26.96 2.45
N LEU D 290 1.45 26.70 1.15
CA LEU D 290 0.72 27.56 0.21
C LEU D 290 -0.39 26.83 -0.55
N ARG D 291 -0.37 25.51 -0.47
CA ARG D 291 -1.20 24.66 -1.33
C ARG D 291 -2.63 24.51 -0.83
N LEU D 292 -3.59 24.98 -1.62
CA LEU D 292 -4.99 24.84 -1.28
C LEU D 292 -5.44 23.40 -1.49
N VAL D 293 -6.07 22.84 -0.48
CA VAL D 293 -6.56 21.48 -0.58
C VAL D 293 -8.06 21.52 -0.34
N THR D 294 -8.84 21.19 -1.36
CA THR D 294 -10.29 21.16 -1.22
C THR D 294 -10.94 20.28 -2.28
N ASN D 295 -12.16 19.81 -2.00
CA ASN D 295 -13.01 19.22 -3.02
C ASN D 295 -13.73 20.38 -3.69
N ASN D 296 -14.32 20.14 -4.85
CA ASN D 296 -15.01 21.17 -5.61
C ASN D 296 -16.30 21.65 -4.97
N ARG D 297 -16.36 22.93 -4.61
CA ARG D 297 -17.48 23.37 -3.81
C ARG D 297 -17.63 24.88 -3.83
N LEU D 298 -18.77 25.39 -3.36
CA LEU D 298 -19.02 26.83 -3.36
C LEU D 298 -18.19 27.59 -2.37
N TRP D 299 -17.76 26.93 -1.29
CA TRP D 299 -16.93 27.64 -0.32
C TRP D 299 -15.72 26.85 0.22
N PRO D 300 -14.64 26.79 -0.56
CA PRO D 300 -13.42 26.22 0.01
C PRO D 300 -12.95 26.98 1.24
N LEU D 301 -12.37 26.27 2.19
CA LEU D 301 -11.90 26.87 3.42
C LEU D 301 -10.48 27.37 3.25
N ASN D 302 -10.11 28.36 4.06
CA ASN D 302 -8.77 28.98 4.06
C ASN D 302 -8.60 30.17 3.19
N LEU D 303 -9.67 30.57 2.54
CA LEU D 303 -9.62 31.72 1.68
C LEU D 303 -10.48 32.79 2.29
N TYR D 304 -9.85 33.87 2.76
CA TYR D 304 -10.60 35.01 3.27
C TYR D 304 -11.21 35.73 2.10
N LYS D 305 -12.53 35.95 2.20
CA LYS D 305 -13.36 36.46 1.10
C LYS D 305 -13.25 35.58 -0.12
N GLY D 306 -12.91 34.31 0.13
CA GLY D 306 -12.74 33.34 -0.93
C GLY D 306 -11.54 33.55 -1.83
N VAL D 307 -10.62 34.47 -1.48
CA VAL D 307 -9.44 34.69 -2.33
C VAL D 307 -8.09 34.79 -1.63
N VAL D 308 -8.04 35.31 -0.40
CA VAL D 308 -6.76 35.52 0.31
C VAL D 308 -6.38 34.27 1.09
N TRP D 309 -5.16 33.78 0.88
CA TRP D 309 -4.69 32.57 1.55
C TRP D 309 -4.42 32.87 3.01
N GLU D 310 -5.18 32.23 3.89
CA GLU D 310 -5.21 32.61 5.30
C GLU D 310 -3.90 32.40 6.06
N ASP D 311 -3.12 31.39 5.66
CA ASP D 311 -1.83 31.10 6.30
C ASP D 311 -0.71 31.97 5.76
N ASN D 312 -0.93 32.65 4.62
CA ASN D 312 0.05 33.59 4.05
C ASN D 312 -0.63 34.59 3.14
N PRO D 313 -1.18 35.67 3.72
CA PRO D 313 -2.02 36.61 2.98
C PRO D 313 -1.31 37.44 1.91
N LYS D 314 -0.09 37.10 1.54
CA LYS D 314 0.51 37.76 0.36
C LYS D 314 0.33 36.86 -0.86
N PHE D 315 -0.36 35.73 -0.65
CA PHE D 315 -0.69 34.79 -1.68
C PHE D 315 -2.20 34.73 -1.87
N PHE D 316 -2.65 34.79 -3.13
CA PHE D 316 -4.08 34.83 -3.48
C PHE D 316 -4.51 33.76 -4.48
N TYR D 317 -5.78 33.40 -4.44
CA TYR D 317 -6.34 32.43 -5.35
C TYR D 317 -7.54 33.04 -6.03
N ILE D 318 -7.61 32.93 -7.36
CA ILE D 318 -8.76 33.42 -8.12
C ILE D 318 -9.53 32.26 -8.77
N GLY D 319 -10.86 32.29 -8.69
CA GLY D 319 -11.72 31.31 -9.36
C GLY D 319 -11.61 29.86 -8.92
N MET D 320 -11.29 29.62 -7.64
CA MET D 320 -11.10 28.26 -7.13
C MET D 320 -12.40 27.63 -6.63
N GLN D 321 -13.47 28.43 -6.57
CA GLN D 321 -14.81 27.99 -6.19
C GLN D 321 -15.44 27.20 -7.31
N ASP D 322 -16.41 26.37 -6.99
CA ASP D 322 -17.27 25.78 -8.01
C ASP D 322 -18.07 26.91 -8.65
N GLN D 323 -18.44 26.75 -9.92
CA GLN D 323 -18.96 27.86 -10.71
C GLN D 323 -20.43 27.79 -11.17
N TRP D 324 -21.20 28.80 -10.78
CA TRP D 324 -22.49 29.10 -11.44
C TRP D 324 -22.24 30.38 -12.25
N TYR D 325 -22.04 31.48 -11.54
CA TYR D 325 -21.31 32.63 -12.08
C TYR D 325 -19.90 32.20 -12.49
N SER D 326 -19.26 32.99 -13.35
CA SER D 326 -17.87 32.73 -13.67
C SER D 326 -17.07 34.01 -13.92
N PHE D 327 -17.04 34.48 -15.18
CA PHE D 327 -16.20 35.59 -15.58
C PHE D 327 -16.35 36.77 -14.61
N ASN D 328 -17.58 37.20 -14.51
CA ASN D 328 -18.17 38.03 -13.47
C ASN D 328 -17.58 37.94 -12.09
N MET D 329 -17.41 36.72 -11.62
CA MET D 329 -17.00 36.43 -10.27
C MET D 329 -15.52 36.62 -10.17
N PHE D 330 -14.80 36.09 -11.16
CA PHE D 330 -13.35 36.25 -11.23
C PHE D 330 -12.99 37.73 -11.19
N ASP D 331 -13.76 38.55 -11.89
CA ASP D 331 -13.54 39.99 -11.84
C ASP D 331 -13.71 40.49 -10.42
N ALA D 332 -14.81 40.11 -9.78
CA ALA D 332 -15.10 40.64 -8.45
C ALA D 332 -13.97 40.27 -7.52
N GLN D 333 -13.42 39.06 -7.75
CA GLN D 333 -12.29 38.54 -6.97
C GLN D 333 -10.97 39.27 -7.29
N ALA D 334 -10.64 39.38 -8.57
CA ALA D 334 -9.44 40.10 -9.01
C ALA D 334 -9.43 41.54 -8.53
N TRP D 335 -10.57 42.22 -8.61
CA TRP D 335 -10.62 43.60 -8.12
C TRP D 335 -10.36 43.63 -6.63
N TYR D 336 -10.86 42.61 -5.91
CA TYR D 336 -10.70 42.58 -4.47
C TYR D 336 -9.23 42.35 -4.16
N ALA D 337 -8.68 41.29 -4.75
CA ALA D 337 -7.26 40.95 -4.62
C ALA D 337 -6.41 42.15 -4.90
N ARG D 338 -6.70 42.88 -5.97
CA ARG D 338 -5.81 43.98 -6.29
C ARG D 338 -5.90 45.05 -5.21
N ASP D 339 -7.10 45.31 -4.71
CA ASP D 339 -7.27 46.37 -3.72
C ASP D 339 -6.59 46.06 -2.42
N VAL D 340 -6.54 44.78 -2.03
CA VAL D 340 -5.74 44.41 -0.87
C VAL D 340 -4.23 44.51 -1.15
N ILE D 341 -3.79 44.08 -2.34
CA ILE D 341 -2.40 44.23 -2.72
C ILE D 341 -1.99 45.70 -2.69
N MET D 342 -2.86 46.56 -3.22
CA MET D 342 -2.58 48.00 -3.32
C MET D 342 -2.73 48.78 -2.01
N GLY D 343 -3.08 48.08 -0.92
CA GLY D 343 -3.25 48.72 0.39
C GLY D 343 -4.56 49.49 0.54
N ARG D 344 -5.50 49.33 -0.40
CA ARG D 344 -6.77 50.01 -0.30
C ARG D 344 -7.73 49.30 0.66
N LEU D 345 -7.53 48.01 0.88
CA LEU D 345 -8.38 47.26 1.79
C LEU D 345 -7.54 46.44 2.77
N PRO D 346 -7.15 47.05 3.92
CA PRO D 346 -6.33 46.32 4.88
C PRO D 346 -7.06 45.12 5.45
N LEU D 347 -6.32 44.05 5.68
CA LEU D 347 -6.85 42.78 6.12
C LEU D 347 -7.08 42.82 7.62
N PRO D 348 -8.09 42.12 8.11
CA PRO D 348 -8.17 42.01 9.55
C PRO D 348 -7.11 41.06 10.09
N SER D 349 -7.12 40.82 11.39
CA SER D 349 -6.21 39.86 11.99
C SER D 349 -6.57 38.47 11.46
N LYS D 350 -5.71 37.50 11.73
CA LYS D 350 -5.92 36.14 11.28
C LYS D 350 -7.15 35.50 11.91
N GLU D 351 -7.44 35.84 13.16
CA GLU D 351 -8.59 35.23 13.86
C GLU D 351 -9.90 35.71 13.27
N GLU D 352 -9.94 36.98 12.89
CA GLU D 352 -11.13 37.56 12.28
C GLU D 352 -11.39 36.94 10.91
N MET D 353 -10.34 36.80 10.10
CA MET D 353 -10.40 36.10 8.82
C MET D 353 -11.00 34.71 8.97
N LYS D 354 -10.48 33.98 9.94
CA LYS D 354 -10.87 32.59 10.18
C LYS D 354 -12.33 32.49 10.60
N ALA D 355 -12.74 33.42 11.47
CA ALA D 355 -14.13 33.54 11.93
C ALA D 355 -15.09 33.87 10.79
N ASP D 356 -14.70 34.81 9.94
CA ASP D 356 -15.51 35.20 8.79
C ASP D 356 -15.70 34.02 7.86
N SER D 357 -14.62 33.27 7.62
CA SER D 357 -14.67 32.17 6.67
C SER D 357 -15.53 31.07 7.22
N MET D 358 -15.52 30.93 8.52
CA MET D 358 -16.37 29.94 9.15
C MET D 358 -17.84 30.27 8.94
N ALA D 359 -18.20 31.55 9.11
CA ALA D 359 -19.59 32.03 8.87
C ALA D 359 -20.08 31.69 7.46
N TRP D 360 -19.25 31.95 6.45
CA TRP D 360 -19.55 31.56 5.10
C TRP D 360 -19.69 30.07 4.95
N ARG D 361 -18.89 29.29 5.66
CA ARG D 361 -18.95 27.84 5.50
C ARG D 361 -20.23 27.28 6.08
N GLU D 362 -20.60 27.76 7.27
CA GLU D 362 -21.83 27.38 7.92
C GLU D 362 -23.01 27.56 6.95
N LYS D 363 -23.13 28.76 6.41
CA LYS D 363 -24.18 29.08 5.44
C LYS D 363 -24.08 28.18 4.20
N GLU D 364 -22.88 27.92 3.70
CA GLU D 364 -22.74 27.03 2.54
C GLU D 364 -23.39 25.67 2.79
N LEU D 365 -23.31 25.19 4.04
CA LEU D 365 -23.78 23.84 4.37
C LEU D 365 -25.30 23.74 4.45
N THR D 366 -25.93 24.89 4.61
CA THR D 366 -27.37 25.12 4.56
C THR D 366 -28.00 24.83 3.20
N LEU D 367 -27.23 24.96 2.13
CA LEU D 367 -27.78 24.98 0.78
C LEU D 367 -28.31 23.64 0.32
N VAL D 368 -29.53 23.62 -0.23
CA VAL D 368 -30.12 22.39 -0.74
C VAL D 368 -30.42 22.44 -2.24
N THR D 369 -31.05 23.51 -2.69
CA THR D 369 -31.50 23.61 -4.08
C THR D 369 -30.57 24.41 -4.97
N ALA D 370 -30.47 24.00 -6.23
CA ALA D 370 -29.80 24.81 -7.22
C ALA D 370 -30.05 26.30 -6.96
N GLU D 371 -31.31 26.70 -6.81
CA GLU D 371 -31.57 28.13 -6.64
C GLU D 371 -30.86 28.73 -5.45
N GLU D 372 -30.83 28.01 -4.34
CA GLU D 372 -30.18 28.52 -3.13
C GLU D 372 -28.68 28.68 -3.38
N MET D 373 -28.15 27.76 -4.19
CA MET D 373 -26.72 27.67 -4.46
C MET D 373 -26.17 28.86 -5.25
N TYR D 374 -26.66 29.10 -6.46
CA TYR D 374 -26.23 30.30 -7.19
C TYR D 374 -26.63 31.62 -6.53
N THR D 375 -27.64 31.61 -5.66
CA THR D 375 -28.02 32.82 -4.92
C THR D 375 -26.96 33.10 -3.87
N TYR D 376 -26.40 32.02 -3.34
CA TYR D 376 -25.28 32.10 -2.41
C TYR D 376 -24.04 32.70 -3.10
N GLN D 377 -23.63 32.13 -4.23
CA GLN D 377 -22.57 32.70 -5.02
C GLN D 377 -22.86 34.18 -5.34
N GLY D 378 -24.12 34.47 -5.69
CA GLY D 378 -24.55 35.84 -5.89
C GLY D 378 -24.32 36.72 -4.68
N ASP D 379 -24.61 36.24 -3.48
CA ASP D 379 -24.42 37.06 -2.29
C ASP D 379 -22.96 37.29 -2.01
N TYR D 380 -22.15 36.28 -2.32
CA TYR D 380 -20.72 36.34 -2.20
C TYR D 380 -20.17 37.40 -3.13
N ILE D 381 -20.54 37.32 -4.41
CA ILE D 381 -20.14 38.33 -5.39
C ILE D 381 -20.60 39.73 -4.98
N GLN D 382 -21.84 39.83 -4.50
CA GLN D 382 -22.39 41.08 -4.00
C GLN D 382 -21.48 41.66 -2.92
N ASN D 383 -21.05 40.82 -1.99
CA ASN D 383 -20.15 41.28 -0.92
C ASN D 383 -18.84 41.78 -1.50
N LEU D 384 -18.35 41.12 -2.54
CA LEU D 384 -17.08 41.51 -3.17
C LEU D 384 -17.12 42.81 -3.94
N ILE D 385 -18.16 43.01 -4.75
CA ILE D 385 -18.23 44.19 -5.60
C ILE D 385 -18.56 45.48 -4.84
N ASP D 386 -19.16 45.36 -3.66
CA ASP D 386 -19.47 46.53 -2.84
C ASP D 386 -18.23 47.13 -2.20
N MET D 387 -17.11 46.42 -2.29
CA MET D 387 -15.86 46.86 -1.64
C MET D 387 -14.88 47.55 -2.59
N THR D 388 -15.35 47.78 -3.81
CA THR D 388 -14.49 47.91 -4.93
C THR D 388 -15.10 48.72 -6.06
N ASP D 389 -14.31 49.68 -6.52
CA ASP D 389 -14.21 50.15 -7.88
C ASP D 389 -15.12 49.45 -8.89
N TYR D 390 -15.19 48.12 -8.83
CA TYR D 390 -15.96 47.33 -9.80
C TYR D 390 -17.41 47.80 -9.85
N PRO D 391 -17.91 48.03 -11.07
CA PRO D 391 -19.26 48.55 -11.27
C PRO D 391 -20.23 47.56 -10.68
N SER D 392 -21.12 48.02 -9.80
CA SER D 392 -22.16 47.13 -9.30
C SER D 392 -23.17 46.88 -10.40
N PHE D 393 -23.75 45.69 -10.41
CA PHE D 393 -24.76 45.35 -11.39
C PHE D 393 -25.83 44.55 -10.65
N ASP D 394 -26.92 44.27 -11.35
CA ASP D 394 -28.08 43.67 -10.72
C ASP D 394 -27.86 42.18 -10.52
N ILE D 395 -27.51 41.81 -9.30
CA ILE D 395 -27.30 40.40 -8.97
C ILE D 395 -28.63 39.62 -8.84
N PRO D 396 -29.60 40.15 -8.06
CA PRO D 396 -30.92 39.51 -8.03
C PRO D 396 -31.44 39.26 -9.45
N ALA D 397 -31.24 40.21 -10.34
CA ALA D 397 -31.71 40.01 -11.70
C ALA D 397 -30.93 38.91 -12.41
N THR D 398 -29.65 38.74 -12.08
CA THR D 398 -28.83 37.68 -12.67
C THR D 398 -29.26 36.34 -12.10
N ASN D 399 -29.50 36.29 -10.79
CA ASN D 399 -30.11 35.11 -10.16
C ASN D 399 -31.34 34.62 -10.92
N LYS D 400 -32.31 35.52 -11.13
CA LYS D 400 -33.49 35.23 -11.94
C LYS D 400 -33.20 34.63 -13.31
N THR D 401 -32.22 35.18 -14.00
CA THR D 401 -31.80 34.60 -15.27
C THR D 401 -31.32 33.15 -15.12
N PHE D 402 -30.61 32.84 -14.04
CA PHE D 402 -30.21 31.46 -13.79
C PHE D 402 -31.46 30.60 -13.64
N LEU D 403 -32.46 31.15 -12.92
CA LEU D 403 -33.71 30.44 -12.65
C LEU D 403 -34.43 30.10 -13.94
N GLU D 404 -34.47 31.03 -14.90
CA GLU D 404 -35.09 30.75 -16.18
C GLU D 404 -34.33 29.62 -16.84
N TRP D 405 -33.03 29.80 -16.96
CA TRP D 405 -32.11 28.82 -17.50
C TRP D 405 -32.36 27.43 -16.92
N LYS D 406 -32.51 27.35 -15.59
CA LYS D 406 -32.80 26.07 -14.97
C LYS D 406 -34.07 25.48 -15.56
N HIS D 407 -35.13 26.29 -15.62
CA HIS D 407 -36.41 25.85 -16.16
C HIS D 407 -36.29 25.37 -17.60
N HIS D 408 -35.63 26.15 -18.44
CA HIS D 408 -35.46 25.74 -19.84
C HIS D 408 -34.80 24.36 -19.96
N LYS D 409 -33.89 24.03 -19.04
CA LYS D 409 -33.20 22.74 -19.08
C LYS D 409 -34.18 21.63 -18.71
N LYS D 410 -34.98 21.88 -17.67
CA LYS D 410 -36.01 20.96 -17.22
C LYS D 410 -37.09 20.71 -18.27
N GLU D 411 -37.52 21.77 -18.96
CA GLU D 411 -38.49 21.62 -20.04
C GLU D 411 -37.92 20.69 -21.10
N ASN D 412 -36.85 21.12 -21.76
CA ASN D 412 -36.21 20.26 -22.72
C ASN D 412 -34.69 20.48 -22.74
N ILE D 413 -33.97 19.45 -22.28
CA ILE D 413 -32.51 19.45 -22.14
C ILE D 413 -31.74 19.54 -23.46
N MET D 414 -32.45 19.37 -24.56
CA MET D 414 -31.85 19.41 -25.87
C MET D 414 -32.09 20.74 -26.57
N THR D 415 -32.96 21.57 -26.01
CA THR D 415 -33.32 22.85 -26.63
C THR D 415 -33.20 24.03 -25.67
N PHE D 416 -32.52 23.85 -24.53
CA PHE D 416 -32.36 24.95 -23.57
C PHE D 416 -31.50 26.05 -24.18
N ARG D 417 -30.61 25.67 -25.11
CA ARG D 417 -29.70 26.61 -25.75
C ARG D 417 -30.38 27.48 -26.81
N ASP D 418 -31.67 27.22 -27.07
CA ASP D 418 -32.38 27.91 -28.16
C ASP D 418 -33.14 29.15 -27.70
N HIS D 419 -33.22 29.35 -26.38
CA HIS D 419 -33.82 30.53 -25.78
C HIS D 419 -32.86 31.71 -25.70
N SER D 420 -33.36 32.83 -25.17
CA SER D 420 -32.61 34.08 -25.14
C SER D 420 -33.01 34.88 -23.90
N TYR D 421 -32.09 35.72 -23.42
CA TYR D 421 -32.28 36.42 -22.14
C TYR D 421 -31.81 37.86 -22.25
N ARG D 422 -32.19 38.64 -21.25
CA ARG D 422 -31.92 40.06 -21.21
C ARG D 422 -30.53 40.34 -20.59
N SER D 423 -29.66 41.05 -21.34
CA SER D 423 -28.39 41.50 -20.76
C SER D 423 -28.66 42.36 -19.53
N LEU D 424 -27.78 42.26 -18.53
CA LEU D 424 -28.01 42.96 -17.26
C LEU D 424 -27.10 44.15 -17.17
N MET D 425 -26.29 44.30 -18.20
CA MET D 425 -25.36 45.40 -18.28
C MET D 425 -25.98 46.50 -19.13
N THR D 426 -26.54 46.09 -20.28
CA THR D 426 -27.07 47.02 -21.28
C THR D 426 -28.60 47.10 -21.26
N GLY D 427 -29.26 46.00 -20.90
CA GLY D 427 -30.72 45.97 -20.91
C GLY D 427 -31.28 45.42 -22.21
N THR D 428 -30.46 45.36 -23.25
CA THR D 428 -30.92 44.86 -24.57
C THR D 428 -31.19 43.35 -24.56
N MET D 429 -32.42 42.95 -24.88
CA MET D 429 -32.80 41.51 -24.96
C MET D 429 -32.05 40.86 -26.13
N ALA D 430 -31.64 39.62 -25.98
CA ALA D 430 -30.87 38.96 -27.05
C ALA D 430 -31.79 38.35 -28.11
N PRO D 431 -31.40 38.43 -29.39
CA PRO D 431 -32.12 37.77 -30.48
C PRO D 431 -32.13 36.25 -30.34
N LYS D 432 -33.08 35.58 -30.99
CA LYS D 432 -32.98 34.15 -31.21
C LYS D 432 -31.86 33.89 -32.24
N HIS D 433 -31.29 32.70 -32.22
CA HIS D 433 -30.18 32.42 -33.11
C HIS D 433 -30.66 31.90 -34.48
N HIS D 434 -30.00 32.36 -35.54
CA HIS D 434 -30.36 31.95 -36.90
C HIS D 434 -30.54 30.44 -37.15
N THR D 435 -29.96 29.57 -36.34
CA THR D 435 -30.12 28.11 -36.50
C THR D 435 -30.47 27.47 -35.14
N PRO D 436 -31.47 26.57 -35.08
CA PRO D 436 -31.66 25.94 -33.76
C PRO D 436 -30.47 25.02 -33.44
N TRP D 437 -30.30 24.72 -32.14
CA TRP D 437 -29.04 24.13 -31.67
C TRP D 437 -28.75 22.81 -32.38
N ILE D 438 -29.68 21.86 -32.26
CA ILE D 438 -29.51 20.54 -32.86
C ILE D 438 -29.00 20.58 -34.30
N ASP D 439 -29.26 21.68 -35.00
CA ASP D 439 -28.94 21.72 -36.43
C ASP D 439 -27.68 22.51 -36.73
N ALA D 440 -27.24 23.36 -35.79
CA ALA D 440 -26.01 24.15 -35.99
C ALA D 440 -24.77 23.27 -35.87
N LEU D 441 -24.40 22.63 -36.98
CA LEU D 441 -23.34 21.64 -36.97
C LEU D 441 -21.97 22.28 -37.02
N ASP D 442 -21.91 23.45 -37.66
CA ASP D 442 -20.69 24.24 -37.77
C ASP D 442 -20.55 25.03 -36.47
N ASP D 443 -19.38 24.92 -35.82
CA ASP D 443 -19.17 25.57 -34.50
C ASP D 443 -18.39 26.89 -34.54
N SER D 444 -18.11 27.38 -35.74
CA SER D 444 -17.17 28.48 -35.90
C SER D 444 -17.79 29.86 -35.67
N LEU D 445 -16.98 30.74 -35.10
CA LEU D 445 -17.20 32.19 -35.01
C LEU D 445 -17.85 32.69 -36.30
N GLU D 446 -17.04 32.64 -37.37
CA GLU D 446 -17.46 32.79 -38.75
C GLU D 446 -18.95 32.45 -38.97
N ALA D 447 -19.30 31.18 -38.82
CA ALA D 447 -20.67 30.70 -39.06
C ALA D 447 -21.71 31.18 -38.05
N TYR D 448 -21.29 31.53 -36.85
CA TYR D 448 -22.25 31.94 -35.81
C TYR D 448 -22.63 33.42 -35.91
N LEU D 449 -21.70 34.24 -36.40
CA LEU D 449 -21.88 35.68 -36.46
C LEU D 449 -22.46 36.22 -37.79
N SER D 450 -22.44 35.42 -38.87
CA SER D 450 -22.89 35.86 -40.19
C SER D 450 -24.41 35.75 -40.36
#